data_3FIJ
#
_entry.id   3FIJ
#
_cell.length_a   91.056
_cell.length_b   131.205
_cell.length_c   93.290
_cell.angle_alpha   90.00
_cell.angle_beta   108.79
_cell.angle_gamma   90.00
#
_symmetry.space_group_name_H-M   'P 1 21 1'
#
loop_
_entity.id
_entity.type
_entity.pdbx_description
1 polymer 'Lin1909 protein'
2 non-polymer 'MANGANESE (II) ION'
3 water water
#
_entity_poly.entity_id   1
_entity_poly.type   'polypeptide(L)'
_entity_poly.pdbx_seq_one_letter_code
;(MSE)SLKPVIGITGNRLVKGVDVFYGHRVTYTQQRYVDAIQKVGGFPIALPIDDPSTAVQAISLVDGLLLTGGQDITPQ
LYLEEPSQEIGAYFPPRDSYEIALVRAALDAGKPIFAICRG(MSE)QLVNVALGGTLYQDISQVETKALQHLQRVDEQLG
SHTIDIEPTSELAKHHPNKKLVNSLHHQFIKKLAPSFKVTARTADG(MSE)IEAVEGDNLPSWYLGVQWHPEL(MSE)FQ
TDPESEQLFQALVDESKKT(MSE)VKEGHHHHHH
;
_entity_poly.pdbx_strand_id   A,B,C,D,E,F,G,H
#
loop_
_chem_comp.id
_chem_comp.type
_chem_comp.name
_chem_comp.formula
MN non-polymer 'MANGANESE (II) ION' 'Mn 2'
#
# COMPACT_ATOMS: atom_id res chain seq x y z
N LEU A 3 -4.62 28.97 -39.83
CA LEU A 3 -3.99 28.04 -38.84
C LEU A 3 -5.06 27.19 -38.14
N LYS A 4 -4.81 26.75 -36.91
CA LYS A 4 -5.80 25.89 -36.23
C LYS A 4 -6.73 26.57 -35.24
N PRO A 5 -7.95 26.04 -35.11
CA PRO A 5 -8.94 26.59 -34.17
C PRO A 5 -8.43 26.30 -32.75
N VAL A 6 -8.53 27.28 -31.86
CA VAL A 6 -8.10 27.10 -30.49
C VAL A 6 -9.25 26.54 -29.66
N ILE A 7 -9.00 25.49 -28.90
CA ILE A 7 -10.04 24.89 -28.07
C ILE A 7 -9.66 24.98 -26.59
N GLY A 8 -10.46 25.73 -25.82
CA GLY A 8 -10.21 25.86 -24.41
C GLY A 8 -10.77 24.63 -23.72
N ILE A 9 -9.89 23.86 -23.07
CA ILE A 9 -10.30 22.66 -22.37
C ILE A 9 -10.33 22.95 -20.88
N THR A 10 -11.46 22.63 -20.28
CA THR A 10 -11.66 22.85 -18.86
C THR A 10 -11.01 21.71 -18.08
N GLY A 11 -10.50 21.96 -16.88
CA GLY A 11 -9.86 20.91 -16.12
C GLY A 11 -10.07 20.96 -14.63
N GLN A 30 -7.97 16.65 -18.59
CA GLN A 30 -6.86 15.70 -18.62
C GLN A 30 -6.34 15.41 -20.02
N GLN A 31 -5.24 14.67 -20.05
CA GLN A 31 -4.53 14.33 -21.27
C GLN A 31 -5.33 13.79 -22.43
N ARG A 32 -6.18 12.81 -22.20
CA ARG A 32 -6.93 12.24 -23.30
C ARG A 32 -7.87 13.23 -23.99
N TYR A 33 -8.26 14.29 -23.29
CA TYR A 33 -9.10 15.29 -23.93
C TYR A 33 -8.23 16.07 -24.91
N VAL A 34 -6.99 16.39 -24.51
CA VAL A 34 -6.10 17.13 -25.41
C VAL A 34 -5.68 16.23 -26.57
N ASP A 35 -5.55 14.92 -26.31
CA ASP A 35 -5.18 13.99 -27.37
C ASP A 35 -6.29 14.06 -28.43
N ALA A 36 -7.52 13.97 -27.95
CA ALA A 36 -8.68 14.03 -28.83
C ALA A 36 -8.68 15.29 -29.68
N ILE A 37 -8.50 16.44 -29.05
CA ILE A 37 -8.50 17.70 -29.79
C ILE A 37 -7.36 17.73 -30.80
N GLN A 38 -6.17 17.35 -30.37
CA GLN A 38 -5.01 17.36 -31.26
C GLN A 38 -5.16 16.41 -32.44
N LYS A 39 -5.73 15.24 -32.21
CA LYS A 39 -5.93 14.28 -33.28
C LYS A 39 -6.88 14.85 -34.33
N VAL A 40 -7.82 15.67 -33.88
CA VAL A 40 -8.82 16.23 -34.76
C VAL A 40 -8.50 17.56 -35.47
N GLY A 41 -7.35 18.16 -35.15
CA GLY A 41 -6.98 19.39 -35.82
C GLY A 41 -7.13 20.69 -35.08
N GLY A 42 -7.43 20.63 -33.80
CA GLY A 42 -7.58 21.85 -33.03
C GLY A 42 -6.37 22.07 -32.15
N PHE A 43 -6.13 23.30 -31.72
CA PHE A 43 -5.00 23.57 -30.85
C PHE A 43 -5.59 23.74 -29.47
N PRO A 44 -5.35 22.77 -28.59
CA PRO A 44 -5.94 22.93 -27.26
C PRO A 44 -5.07 23.70 -26.27
N ILE A 45 -5.73 24.31 -25.29
CA ILE A 45 -5.06 25.00 -24.19
C ILE A 45 -5.92 24.66 -22.99
N ALA A 46 -5.28 24.36 -21.88
CA ALA A 46 -6.01 24.02 -20.67
C ALA A 46 -6.30 25.32 -19.91
N LEU A 47 -7.56 25.52 -19.55
CA LEU A 47 -7.96 26.70 -18.79
C LEU A 47 -8.00 26.32 -17.32
N PRO A 48 -7.02 26.80 -16.54
CA PRO A 48 -7.08 26.43 -15.13
C PRO A 48 -8.28 27.10 -14.47
N ILE A 49 -8.60 26.68 -13.25
CA ILE A 49 -9.71 27.29 -12.57
C ILE A 49 -9.31 28.71 -12.21
N ASP A 50 -10.18 29.67 -12.47
CA ASP A 50 -9.87 31.07 -12.17
C ASP A 50 -11.14 31.78 -11.72
N ASP A 51 -10.99 33.04 -11.36
CA ASP A 51 -12.12 33.86 -10.91
C ASP A 51 -13.14 34.09 -12.03
N PRO A 52 -14.44 33.87 -11.76
CA PRO A 52 -15.53 34.05 -12.74
C PRO A 52 -15.36 35.28 -13.63
N SER A 53 -14.97 36.39 -13.02
CA SER A 53 -14.75 37.64 -13.75
C SER A 53 -13.75 37.53 -14.90
N THR A 54 -12.93 36.49 -14.91
CA THR A 54 -11.96 36.32 -15.99
C THR A 54 -12.49 35.42 -17.09
N ALA A 55 -13.74 34.99 -16.95
CA ALA A 55 -14.33 34.11 -17.94
C ALA A 55 -14.42 34.69 -19.35
N VAL A 56 -14.84 35.94 -19.49
CA VAL A 56 -14.93 36.48 -20.83
C VAL A 56 -13.54 36.61 -21.47
N GLN A 57 -12.52 36.88 -20.67
CA GLN A 57 -11.18 36.98 -21.23
C GLN A 57 -10.71 35.59 -21.66
N ALA A 58 -11.17 34.58 -20.93
CA ALA A 58 -10.80 33.21 -21.24
C ALA A 58 -11.37 32.80 -22.61
N ILE A 59 -12.68 33.02 -22.80
CA ILE A 59 -13.34 32.67 -24.06
C ILE A 59 -12.83 33.53 -25.22
N SER A 60 -12.37 34.73 -24.92
CA SER A 60 -11.88 35.58 -26.00
C SER A 60 -10.71 34.95 -26.76
N LEU A 61 -9.84 34.19 -26.10
CA LEU A 61 -8.75 33.62 -26.85
C LEU A 61 -8.93 32.22 -27.41
N VAL A 62 -10.13 31.66 -27.28
CA VAL A 62 -10.39 30.32 -27.83
C VAL A 62 -11.51 30.43 -28.86
N ASP A 63 -11.62 29.42 -29.72
CA ASP A 63 -12.67 29.41 -30.74
C ASP A 63 -13.76 28.42 -30.38
N GLY A 64 -13.49 27.57 -29.39
CA GLY A 64 -14.45 26.58 -28.95
C GLY A 64 -14.18 26.19 -27.51
N LEU A 65 -15.23 25.76 -26.80
CA LEU A 65 -15.12 25.37 -25.39
C LEU A 65 -15.46 23.89 -25.12
N LEU A 66 -14.51 23.17 -24.53
CA LEU A 66 -14.70 21.76 -24.20
C LEU A 66 -14.74 21.56 -22.67
N LEU A 67 -15.90 21.18 -22.15
CA LEU A 67 -16.04 20.95 -20.70
C LEU A 67 -15.79 19.48 -20.40
N THR A 68 -14.87 19.23 -19.47
CA THR A 68 -14.48 17.89 -19.10
C THR A 68 -15.16 17.29 -17.88
N GLY A 69 -14.85 16.03 -17.63
CA GLY A 69 -15.41 15.31 -16.50
C GLY A 69 -14.80 15.83 -15.22
N GLY A 70 -15.14 15.20 -14.12
CA GLY A 70 -14.62 15.61 -12.84
C GLY A 70 -15.61 15.31 -11.72
N GLN A 71 -15.53 16.11 -10.67
CA GLN A 71 -16.39 15.92 -9.51
C GLN A 71 -17.83 16.37 -9.69
N ASP A 72 -18.68 15.96 -8.76
CA ASP A 72 -20.08 16.34 -8.76
C ASP A 72 -20.15 17.86 -8.61
N ILE A 73 -21.21 18.45 -9.13
CA ILE A 73 -21.40 19.89 -9.06
C ILE A 73 -21.95 20.22 -7.67
N THR A 74 -21.49 21.33 -7.08
CA THR A 74 -21.96 21.68 -5.74
C THR A 74 -23.47 21.79 -5.81
N PRO A 75 -24.15 21.08 -4.90
CA PRO A 75 -25.61 21.07 -4.83
C PRO A 75 -26.26 22.44 -4.66
N GLN A 76 -25.61 23.29 -3.88
CA GLN A 76 -26.10 24.64 -3.62
C GLN A 76 -26.41 25.35 -4.94
N LEU A 77 -25.65 25.04 -5.98
CA LEU A 77 -25.85 25.63 -7.29
C LEU A 77 -27.23 25.35 -7.89
N TYR A 78 -27.87 24.27 -7.46
CA TYR A 78 -29.22 24.01 -7.96
C TYR A 78 -30.25 23.94 -6.83
N LEU A 79 -29.99 24.75 -5.81
CA LEU A 79 -30.87 24.91 -4.65
C LEU A 79 -31.16 23.69 -3.81
N GLU A 80 -30.14 22.89 -3.54
CA GLU A 80 -30.30 21.68 -2.74
C GLU A 80 -29.14 21.60 -1.77
N GLU A 81 -29.39 21.09 -0.57
CA GLU A 81 -28.29 20.93 0.39
C GLU A 81 -27.72 19.53 0.08
N PRO A 82 -26.48 19.25 0.49
CA PRO A 82 -25.86 17.95 0.23
C PRO A 82 -26.42 16.70 0.92
N SER A 83 -26.83 15.74 0.10
CA SER A 83 -27.35 14.45 0.56
C SER A 83 -26.20 13.61 1.09
N GLN A 84 -26.51 12.61 1.90
CA GLN A 84 -25.47 11.75 2.44
C GLN A 84 -24.72 11.01 1.33
N GLU A 85 -25.38 10.72 0.21
CA GLU A 85 -24.69 10.01 -0.85
C GLU A 85 -24.11 10.85 -1.99
N ILE A 86 -23.97 12.15 -1.77
CA ILE A 86 -23.38 13.02 -2.78
C ILE A 86 -21.87 12.79 -2.65
N GLY A 87 -21.12 13.04 -3.72
CA GLY A 87 -19.68 12.85 -3.66
C GLY A 87 -19.00 14.16 -3.35
N ALA A 88 -17.72 14.25 -3.70
CA ALA A 88 -16.96 15.48 -3.49
C ALA A 88 -17.27 16.50 -4.59
N TYR A 89 -17.27 17.77 -4.22
CA TYR A 89 -17.52 18.85 -5.16
C TYR A 89 -16.56 19.99 -4.83
N PHE A 90 -16.36 20.90 -5.76
CA PHE A 90 -15.44 22.02 -5.56
C PHE A 90 -16.05 23.29 -6.18
N PRO A 91 -16.80 24.07 -5.37
CA PRO A 91 -17.47 25.30 -5.79
C PRO A 91 -16.76 26.22 -6.79
N PRO A 92 -15.47 26.52 -6.57
CA PRO A 92 -14.74 27.39 -7.49
C PRO A 92 -14.71 26.92 -8.95
N ARG A 93 -14.63 25.61 -9.19
CA ARG A 93 -14.61 25.14 -10.56
C ARG A 93 -15.97 25.38 -11.19
N ASP A 94 -17.02 24.98 -10.47
CA ASP A 94 -18.38 25.12 -10.94
C ASP A 94 -18.72 26.56 -11.28
N SER A 95 -18.34 27.48 -10.41
CA SER A 95 -18.59 28.91 -10.64
C SER A 95 -17.89 29.39 -11.89
N TYR A 96 -16.60 29.05 -12.00
CA TYR A 96 -15.80 29.45 -13.15
C TYR A 96 -16.37 28.89 -14.45
N GLU A 97 -16.67 27.60 -14.46
CA GLU A 97 -17.22 26.98 -15.66
C GLU A 97 -18.59 27.59 -15.99
N ILE A 98 -19.41 27.85 -14.97
CA ILE A 98 -20.70 28.46 -15.21
C ILE A 98 -20.41 29.75 -15.99
N ALA A 99 -19.49 30.55 -15.45
CA ALA A 99 -19.10 31.82 -16.08
C ALA A 99 -18.57 31.58 -17.50
N LEU A 100 -17.90 30.46 -17.71
CA LEU A 100 -17.37 30.13 -19.03
C LEU A 100 -18.47 29.86 -20.06
N VAL A 101 -19.44 29.01 -19.73
CA VAL A 101 -20.50 28.72 -20.70
C VAL A 101 -21.30 29.97 -21.04
N ARG A 102 -21.57 30.81 -20.05
CA ARG A 102 -22.30 32.05 -20.29
C ARG A 102 -21.52 32.96 -21.23
N ALA A 103 -20.22 33.11 -20.97
CA ALA A 103 -19.38 33.94 -21.83
C ALA A 103 -19.28 33.32 -23.23
N ALA A 104 -19.25 31.99 -23.28
CA ALA A 104 -19.15 31.25 -24.56
C ALA A 104 -20.46 31.40 -25.33
N LEU A 105 -21.57 31.35 -24.63
CA LEU A 105 -22.87 31.51 -25.25
C LEU A 105 -22.96 32.93 -25.80
N ASP A 106 -22.55 33.90 -24.99
CA ASP A 106 -22.60 35.29 -25.40
C ASP A 106 -21.78 35.54 -26.67
N ALA A 107 -20.77 34.72 -26.90
CA ALA A 107 -19.91 34.87 -28.07
C ALA A 107 -20.35 33.97 -29.22
N GLY A 108 -21.36 33.13 -28.97
CA GLY A 108 -21.86 32.24 -29.99
C GLY A 108 -20.89 31.14 -30.41
N LYS A 109 -19.85 30.93 -29.63
CA LYS A 109 -18.86 29.92 -29.94
C LYS A 109 -19.37 28.56 -29.51
N PRO A 110 -19.04 27.50 -30.27
CA PRO A 110 -19.47 26.13 -29.98
C PRO A 110 -19.00 25.57 -28.64
N ILE A 111 -19.85 24.77 -28.02
CA ILE A 111 -19.59 24.16 -26.71
C ILE A 111 -19.83 22.66 -26.77
N PHE A 112 -18.85 21.88 -26.31
CA PHE A 112 -18.97 20.42 -26.26
C PHE A 112 -18.71 20.07 -24.79
N ALA A 113 -19.70 19.44 -24.15
CA ALA A 113 -19.59 19.06 -22.75
C ALA A 113 -19.60 17.54 -22.56
N ILE A 114 -18.71 17.06 -21.69
CA ILE A 114 -18.60 15.64 -21.42
C ILE A 114 -18.81 15.28 -19.94
N CYS A 115 -19.60 14.24 -19.69
CA CYS A 115 -19.90 13.75 -18.34
C CYS A 115 -20.34 14.91 -17.45
N ARG A 116 -19.55 15.20 -16.43
CA ARG A 116 -19.82 16.31 -15.52
C ARG A 116 -20.20 17.55 -16.33
N GLY A 117 -19.45 17.80 -17.38
CA GLY A 117 -19.69 18.96 -18.23
C GLY A 117 -21.12 19.17 -18.68
N MSE A 118 -21.77 18.12 -19.15
CA MSE A 118 -23.15 18.19 -19.61
C MSE A 118 -24.07 18.52 -18.42
O MSE A 118 -25.11 19.15 -18.56
CB MSE A 118 -23.57 16.85 -20.23
CG MSE A 118 -25.00 16.80 -20.75
SE MSE A 118 -25.59 14.97 -21.11
CE MSE A 118 -26.12 14.49 -19.28
N GLN A 119 -23.68 18.06 -17.24
CA GLN A 119 -24.47 18.33 -16.06
C GLN A 119 -24.23 19.76 -15.57
N LEU A 120 -23.02 20.27 -15.80
CA LEU A 120 -22.73 21.63 -15.39
C LEU A 120 -23.52 22.61 -16.26
N VAL A 121 -23.63 22.30 -17.55
CA VAL A 121 -24.38 23.16 -18.44
C VAL A 121 -25.85 23.19 -17.98
N ASN A 122 -26.44 22.01 -17.78
CA ASN A 122 -27.81 21.91 -17.32
C ASN A 122 -28.06 22.79 -16.07
N VAL A 123 -27.18 22.68 -15.09
CA VAL A 123 -27.29 23.47 -13.86
C VAL A 123 -27.14 24.96 -14.15
N ALA A 124 -26.10 25.32 -14.89
CA ALA A 124 -25.85 26.73 -15.22
C ALA A 124 -27.08 27.44 -15.76
N LEU A 125 -27.88 26.73 -16.55
CA LEU A 125 -29.07 27.32 -17.14
C LEU A 125 -30.41 27.06 -16.42
N GLY A 126 -30.33 26.55 -15.20
CA GLY A 126 -31.55 26.33 -14.44
C GLY A 126 -32.09 24.92 -14.25
N GLY A 127 -31.32 23.90 -14.60
CA GLY A 127 -31.80 22.53 -14.43
C GLY A 127 -31.38 21.97 -13.08
N THR A 128 -31.70 20.71 -12.82
CA THR A 128 -31.32 20.08 -11.55
C THR A 128 -30.73 18.70 -11.82
N LEU A 129 -30.20 18.08 -10.78
CA LEU A 129 -29.59 16.76 -10.91
C LEU A 129 -29.99 15.82 -9.79
N TYR A 130 -29.89 14.51 -10.02
CA TYR A 130 -30.13 13.53 -8.97
C TYR A 130 -28.74 13.46 -8.35
N GLN A 131 -28.65 13.57 -7.03
CA GLN A 131 -27.35 13.53 -6.35
C GLN A 131 -26.68 12.16 -6.37
N ASP A 132 -27.46 11.08 -6.50
CA ASP A 132 -26.91 9.72 -6.54
C ASP A 132 -27.88 8.78 -7.26
N ILE A 133 -27.32 7.71 -7.84
CA ILE A 133 -28.10 6.71 -8.57
C ILE A 133 -29.16 6.11 -7.64
N SER A 134 -28.83 6.02 -6.36
CA SER A 134 -29.76 5.45 -5.38
C SER A 134 -31.05 6.30 -5.21
N GLN A 135 -31.03 7.53 -5.72
CA GLN A 135 -32.18 8.42 -5.56
C GLN A 135 -33.19 8.44 -6.70
N VAL A 136 -32.89 7.79 -7.81
CA VAL A 136 -33.83 7.78 -8.94
C VAL A 136 -34.99 6.87 -8.55
N GLU A 137 -36.20 7.36 -8.79
CA GLU A 137 -37.41 6.64 -8.45
C GLU A 137 -37.44 5.20 -8.94
N THR A 138 -36.92 4.97 -10.14
CA THR A 138 -36.91 3.62 -10.69
C THR A 138 -35.49 3.05 -10.79
N LYS A 139 -35.37 1.73 -10.62
CA LYS A 139 -34.06 1.07 -10.66
C LYS A 139 -33.33 1.44 -11.97
N ALA A 140 -32.16 2.02 -11.82
CA ALA A 140 -31.38 2.40 -12.98
C ALA A 140 -30.36 1.33 -13.31
N LEU A 141 -29.88 1.35 -14.55
CA LEU A 141 -28.85 0.42 -14.98
C LEU A 141 -27.54 0.86 -14.36
N GLN A 142 -26.48 0.09 -14.56
CA GLN A 142 -25.19 0.48 -14.01
C GLN A 142 -24.64 1.64 -14.82
N HIS A 143 -24.22 2.69 -14.14
CA HIS A 143 -23.66 3.85 -14.84
C HIS A 143 -22.21 4.11 -14.43
N LEU A 144 -21.72 3.31 -13.49
CA LEU A 144 -20.32 3.39 -13.08
C LEU A 144 -19.82 2.02 -13.50
N GLN A 145 -19.51 1.89 -14.79
CA GLN A 145 -19.07 0.63 -15.36
C GLN A 145 -17.76 0.11 -14.80
N ARG A 146 -17.65 -1.21 -14.71
CA ARG A 146 -16.45 -1.86 -14.21
C ARG A 146 -15.66 -2.33 -15.42
N VAL A 147 -16.35 -2.46 -16.55
CA VAL A 147 -15.71 -2.85 -17.80
C VAL A 147 -14.68 -1.76 -17.95
N ASP A 148 -13.56 -2.01 -18.60
CA ASP A 148 -12.58 -0.95 -18.69
C ASP A 148 -13.12 0.26 -19.47
N GLU A 149 -12.85 1.44 -18.89
CA GLU A 149 -13.27 2.74 -19.40
C GLU A 149 -13.28 2.98 -20.89
N GLN A 150 -12.39 2.29 -21.60
CA GLN A 150 -12.27 2.47 -23.03
C GLN A 150 -13.42 1.88 -23.86
N LEU A 151 -14.13 0.90 -23.30
CA LEU A 151 -15.22 0.26 -24.04
C LEU A 151 -16.63 0.66 -23.59
N GLY A 152 -17.58 0.59 -24.53
CA GLY A 152 -18.96 0.93 -24.22
C GLY A 152 -19.55 -0.09 -23.26
N SER A 153 -20.59 0.27 -22.53
CA SER A 153 -21.20 -0.65 -21.59
C SER A 153 -22.72 -0.71 -21.66
N HIS A 154 -23.36 0.44 -21.87
CA HIS A 154 -24.81 0.47 -21.96
C HIS A 154 -25.26 1.05 -23.30
N THR A 155 -26.34 0.50 -23.85
CA THR A 155 -26.85 0.95 -25.15
C THR A 155 -27.82 2.13 -25.05
N ILE A 156 -27.63 3.11 -25.92
CA ILE A 156 -28.47 4.30 -25.93
C ILE A 156 -29.33 4.46 -27.18
N ASP A 157 -30.56 4.91 -26.97
CA ASP A 157 -31.50 5.16 -28.06
C ASP A 157 -31.22 6.60 -28.48
N ILE A 158 -31.01 6.79 -29.78
CA ILE A 158 -30.69 8.10 -30.30
C ILE A 158 -31.84 8.75 -31.07
N GLU A 159 -32.04 10.04 -30.84
CA GLU A 159 -33.07 10.79 -31.54
C GLU A 159 -32.60 10.93 -33.00
N PRO A 160 -33.25 10.23 -33.94
CA PRO A 160 -32.88 10.26 -35.37
C PRO A 160 -32.72 11.64 -36.00
N THR A 161 -33.44 12.62 -35.47
CA THR A 161 -33.38 13.99 -35.98
C THR A 161 -32.31 14.82 -35.28
N SER A 162 -31.61 14.22 -34.32
CA SER A 162 -30.60 14.94 -33.56
C SER A 162 -29.22 15.08 -34.18
N GLU A 163 -28.48 16.07 -33.69
CA GLU A 163 -27.12 16.32 -34.13
C GLU A 163 -26.33 15.04 -33.84
N LEU A 164 -26.58 14.47 -32.66
CA LEU A 164 -25.89 13.24 -32.25
C LEU A 164 -26.04 12.18 -33.31
N ALA A 165 -27.26 12.05 -33.85
CA ALA A 165 -27.57 11.07 -34.87
C ALA A 165 -26.73 11.24 -36.15
N LYS A 166 -26.10 12.40 -36.31
CA LYS A 166 -25.26 12.64 -37.48
C LYS A 166 -23.94 11.91 -37.30
N HIS A 167 -23.67 11.47 -36.07
CA HIS A 167 -22.43 10.79 -35.78
C HIS A 167 -22.56 9.41 -35.15
N HIS A 168 -23.68 9.16 -34.49
CA HIS A 168 -23.91 7.86 -33.86
C HIS A 168 -25.20 7.17 -34.32
N PRO A 169 -25.14 5.86 -34.57
CA PRO A 169 -26.32 5.12 -35.01
C PRO A 169 -27.13 4.78 -33.77
N ASN A 170 -28.41 4.47 -33.95
CA ASN A 170 -29.27 4.13 -32.83
C ASN A 170 -28.77 2.83 -32.20
N LYS A 171 -28.95 2.66 -30.90
CA LYS A 171 -28.53 1.47 -30.18
C LYS A 171 -27.01 1.32 -30.00
N LYS A 172 -26.28 2.40 -30.26
CA LYS A 172 -24.82 2.40 -30.10
C LYS A 172 -24.44 2.20 -28.63
N LEU A 173 -23.42 1.39 -28.36
CA LEU A 173 -22.99 1.19 -26.98
C LEU A 173 -21.98 2.24 -26.60
N VAL A 174 -22.22 2.88 -25.46
CA VAL A 174 -21.38 3.97 -24.98
C VAL A 174 -20.91 3.69 -23.53
N ASN A 175 -19.78 4.27 -23.13
CA ASN A 175 -19.28 4.02 -21.77
C ASN A 175 -20.00 4.84 -20.70
N SER A 176 -19.69 4.59 -19.43
CA SER A 176 -20.35 5.29 -18.34
C SER A 176 -19.51 5.32 -17.07
N LEU A 177 -19.24 6.52 -16.57
CA LEU A 177 -18.44 6.71 -15.35
C LEU A 177 -19.06 7.79 -14.48
N HIS A 178 -20.34 7.64 -14.13
CA HIS A 178 -21.00 8.64 -13.32
C HIS A 178 -22.01 8.05 -12.35
N HIS A 179 -22.29 8.80 -11.29
CA HIS A 179 -23.25 8.36 -10.30
C HIS A 179 -24.34 9.43 -10.12
N GLN A 180 -24.27 10.49 -10.91
CA GLN A 180 -25.28 11.55 -10.85
C GLN A 180 -25.96 11.66 -12.20
N PHE A 181 -27.17 12.20 -12.24
CA PHE A 181 -27.92 12.35 -13.49
C PHE A 181 -28.70 13.65 -13.56
N ILE A 182 -29.05 14.06 -14.77
CA ILE A 182 -29.87 15.24 -14.94
C ILE A 182 -31.26 14.83 -14.42
N LYS A 183 -31.82 15.66 -13.55
CA LYS A 183 -33.15 15.37 -13.00
C LYS A 183 -34.07 16.25 -13.84
N LYS A 184 -34.12 17.52 -13.51
CA LYS A 184 -34.93 18.47 -14.26
C LYS A 184 -34.03 19.11 -15.31
N LEU A 185 -34.40 18.93 -16.58
CA LEU A 185 -33.64 19.48 -17.69
C LEU A 185 -33.88 20.99 -17.85
N ALA A 186 -32.80 21.77 -17.88
CA ALA A 186 -32.91 23.21 -18.04
C ALA A 186 -33.66 23.54 -19.35
N PRO A 187 -34.40 24.66 -19.38
CA PRO A 187 -35.15 25.05 -20.59
C PRO A 187 -34.23 25.49 -21.73
N SER A 188 -34.67 25.23 -22.96
CA SER A 188 -33.95 25.56 -24.18
C SER A 188 -33.00 24.43 -24.58
N PHE A 189 -33.33 23.22 -24.13
CA PHE A 189 -32.54 22.04 -24.44
C PHE A 189 -33.48 20.88 -24.69
N LYS A 190 -33.01 19.89 -25.42
CA LYS A 190 -33.80 18.71 -25.69
C LYS A 190 -32.89 17.51 -25.49
N VAL A 191 -33.44 16.47 -24.88
CA VAL A 191 -32.69 15.24 -24.64
C VAL A 191 -32.68 14.51 -25.97
N THR A 192 -31.52 14.01 -26.39
CA THR A 192 -31.43 13.29 -27.65
C THR A 192 -30.92 11.86 -27.51
N ALA A 193 -30.60 11.46 -26.28
CA ALA A 193 -30.11 10.11 -26.02
C ALA A 193 -30.45 9.67 -24.59
N ARG A 194 -30.83 8.41 -24.46
CA ARG A 194 -31.17 7.81 -23.18
C ARG A 194 -30.78 6.33 -23.19
N THR A 195 -30.58 5.77 -22.00
CA THR A 195 -30.30 4.34 -21.86
C THR A 195 -31.66 3.71 -21.56
N ALA A 196 -31.77 2.40 -21.78
CA ALA A 196 -33.02 1.67 -21.59
C ALA A 196 -33.76 1.97 -20.28
N ASP A 197 -33.06 2.56 -19.31
CA ASP A 197 -33.68 2.88 -18.03
C ASP A 197 -34.24 4.30 -18.03
N GLY A 198 -34.19 4.96 -19.18
CA GLY A 198 -34.71 6.31 -19.29
C GLY A 198 -33.77 7.45 -18.89
N MSE A 199 -32.62 7.15 -18.30
CA MSE A 199 -31.71 8.21 -17.90
C MSE A 199 -31.15 9.01 -19.10
O MSE A 199 -30.97 8.47 -20.19
CB MSE A 199 -30.58 7.63 -17.05
CG MSE A 199 -31.05 7.04 -15.74
SE MSE A 199 -31.88 8.35 -14.52
CE MSE A 199 -33.73 8.04 -14.96
N ILE A 200 -30.92 10.30 -18.89
CA ILE A 200 -30.43 11.19 -19.93
C ILE A 200 -28.94 11.05 -20.22
N GLU A 201 -28.63 10.70 -21.47
CA GLU A 201 -27.25 10.49 -21.91
C GLU A 201 -26.71 11.57 -22.84
N ALA A 202 -27.62 12.29 -23.52
CA ALA A 202 -27.20 13.35 -24.43
C ALA A 202 -28.22 14.49 -24.49
N VAL A 203 -27.73 15.71 -24.48
CA VAL A 203 -28.59 16.87 -24.53
C VAL A 203 -28.09 17.82 -25.61
N GLU A 204 -29.03 18.42 -26.35
CA GLU A 204 -28.66 19.38 -27.38
C GLU A 204 -29.51 20.63 -27.18
N GLY A 205 -29.08 21.73 -27.78
CA GLY A 205 -29.85 22.95 -27.62
C GLY A 205 -30.75 23.18 -28.81
N ASP A 206 -31.63 24.17 -28.69
CA ASP A 206 -32.53 24.54 -29.77
C ASP A 206 -32.77 26.03 -29.60
N ASN A 207 -32.37 26.79 -30.63
CA ASN A 207 -32.49 28.23 -30.63
C ASN A 207 -31.38 28.83 -29.77
N LEU A 208 -30.37 28.02 -29.42
CA LEU A 208 -29.26 28.53 -28.63
C LEU A 208 -28.32 29.32 -29.52
N PRO A 209 -27.69 30.38 -28.98
CA PRO A 209 -26.77 31.18 -29.79
C PRO A 209 -25.50 30.42 -30.15
N SER A 210 -25.35 29.22 -29.56
CA SER A 210 -24.17 28.39 -29.81
C SER A 210 -24.52 26.96 -30.17
N TRP A 211 -23.68 26.34 -30.99
CA TRP A 211 -23.82 24.94 -31.36
C TRP A 211 -23.50 24.23 -30.05
N TYR A 212 -24.24 23.19 -29.71
CA TYR A 212 -23.98 22.52 -28.45
C TYR A 212 -24.33 21.04 -28.44
N LEU A 213 -23.41 20.26 -27.90
CA LEU A 213 -23.61 18.83 -27.75
C LEU A 213 -23.11 18.40 -26.38
N GLY A 214 -23.99 17.79 -25.59
CA GLY A 214 -23.61 17.32 -24.28
C GLY A 214 -23.85 15.82 -24.21
N VAL A 215 -22.82 15.05 -23.85
CA VAL A 215 -22.96 13.60 -23.73
C VAL A 215 -22.56 13.16 -22.32
N GLN A 216 -23.34 12.25 -21.76
CA GLN A 216 -23.10 11.79 -20.39
C GLN A 216 -21.88 10.89 -20.25
N TRP A 217 -21.54 10.20 -21.33
CA TRP A 217 -20.41 9.27 -21.32
C TRP A 217 -19.06 9.97 -21.53
N HIS A 218 -18.02 9.16 -21.80
CA HIS A 218 -16.67 9.68 -21.99
C HIS A 218 -16.03 9.36 -23.35
N PRO A 219 -16.43 10.09 -24.40
CA PRO A 219 -15.87 9.84 -25.73
C PRO A 219 -14.35 9.93 -25.85
N GLU A 220 -13.69 10.68 -24.96
CA GLU A 220 -12.24 10.81 -25.01
C GLU A 220 -11.51 9.53 -24.70
N LEU A 221 -12.19 8.60 -24.05
CA LEU A 221 -11.59 7.33 -23.70
C LEU A 221 -11.86 6.27 -24.77
N MSE A 222 -12.72 6.59 -25.72
CA MSE A 222 -13.09 5.66 -26.80
C MSE A 222 -12.60 6.09 -28.19
O MSE A 222 -12.45 5.25 -29.06
CB MSE A 222 -14.62 5.51 -26.89
CG MSE A 222 -15.37 5.30 -25.58
SE MSE A 222 -17.33 5.29 -25.90
CE MSE A 222 -17.55 7.08 -26.54
N PHE A 223 -12.36 7.37 -28.40
CA PHE A 223 -11.98 7.85 -29.72
C PHE A 223 -10.76 7.18 -30.34
N GLN A 224 -9.80 6.76 -29.52
CA GLN A 224 -8.61 6.11 -30.03
C GLN A 224 -9.01 4.77 -30.70
N THR A 225 -10.11 4.17 -30.27
CA THR A 225 -10.54 2.90 -30.83
C THR A 225 -12.00 2.87 -31.25
N ASP A 226 -12.58 4.04 -31.54
CA ASP A 226 -13.98 4.12 -31.94
C ASP A 226 -14.11 5.36 -32.81
N PRO A 227 -13.99 5.19 -34.14
CA PRO A 227 -14.10 6.32 -35.08
C PRO A 227 -15.25 7.28 -34.83
N GLU A 228 -16.42 6.74 -34.52
CA GLU A 228 -17.59 7.58 -34.29
C GLU A 228 -17.35 8.56 -33.13
N SER A 229 -16.67 8.09 -32.10
CA SER A 229 -16.36 8.94 -30.96
C SER A 229 -15.50 10.12 -31.43
N GLU A 230 -14.50 9.81 -32.26
CA GLU A 230 -13.63 10.85 -32.77
C GLU A 230 -14.42 11.93 -33.51
N GLN A 231 -15.47 11.52 -34.22
CA GLN A 231 -16.31 12.47 -34.96
C GLN A 231 -16.89 13.54 -34.04
N LEU A 232 -17.18 13.16 -32.80
CA LEU A 232 -17.74 14.14 -31.86
C LEU A 232 -16.77 15.29 -31.69
N PHE A 233 -15.51 14.98 -31.43
CA PHE A 233 -14.53 16.05 -31.25
C PHE A 233 -14.29 16.78 -32.57
N GLN A 234 -14.41 16.05 -33.68
CA GLN A 234 -14.20 16.64 -35.00
C GLN A 234 -15.26 17.71 -35.24
N ALA A 235 -16.50 17.38 -34.89
CA ALA A 235 -17.62 18.31 -35.04
C ALA A 235 -17.36 19.60 -34.25
N LEU A 236 -16.91 19.46 -33.00
CA LEU A 236 -16.62 20.64 -32.18
C LEU A 236 -15.59 21.53 -32.88
N VAL A 237 -14.53 20.93 -33.40
CA VAL A 237 -13.48 21.68 -34.08
C VAL A 237 -13.99 22.26 -35.40
N ASP A 238 -14.75 21.47 -36.15
CA ASP A 238 -15.29 21.95 -37.42
C ASP A 238 -16.17 23.16 -37.17
N GLU A 239 -17.02 23.04 -36.17
CA GLU A 239 -17.94 24.10 -35.82
C GLU A 239 -17.20 25.33 -35.28
N SER A 240 -16.21 25.13 -34.42
CA SER A 240 -15.49 26.28 -33.90
C SER A 240 -14.73 26.94 -35.05
N LYS A 241 -14.54 26.22 -36.15
CA LYS A 241 -13.83 26.76 -37.29
C LYS A 241 -14.76 27.66 -38.11
N LYS A 242 -16.02 27.25 -38.18
CA LYS A 242 -17.02 28.02 -38.92
C LYS A 242 -17.19 29.40 -38.32
N THR A 243 -16.62 29.62 -37.12
CA THR A 243 -16.71 30.91 -36.47
C THR A 243 -15.33 31.55 -36.49
N MSE A 244 -14.89 31.94 -37.68
CA MSE A 244 -13.60 32.57 -37.85
C MSE A 244 -13.67 33.24 -39.21
O MSE A 244 -13.28 32.60 -40.21
CB MSE A 244 -12.46 31.54 -37.80
CG MSE A 244 -12.08 31.03 -36.39
SE MSE A 244 -10.61 29.71 -36.33
CE MSE A 244 -11.66 28.15 -36.02
N LEU B 3 -5.19 -20.13 -44.21
CA LEU B 3 -5.25 -19.31 -42.97
C LEU B 3 -3.93 -18.57 -42.68
N LYS B 4 -3.62 -18.34 -41.40
CA LYS B 4 -2.41 -17.61 -41.04
C LYS B 4 -1.31 -18.48 -40.45
N PRO B 5 -0.04 -18.05 -40.60
CA PRO B 5 1.03 -18.85 -40.02
C PRO B 5 0.90 -18.82 -38.50
N VAL B 6 1.18 -19.94 -37.85
CA VAL B 6 1.07 -20.03 -36.40
C VAL B 6 2.37 -19.60 -35.74
N ILE B 7 2.27 -18.71 -34.77
CA ILE B 7 3.46 -18.27 -34.07
C ILE B 7 3.37 -18.66 -32.61
N GLY B 8 4.37 -19.42 -32.15
CA GLY B 8 4.40 -19.83 -30.76
C GLY B 8 5.13 -18.79 -29.95
N ILE B 9 4.44 -18.19 -28.99
CA ILE B 9 5.05 -17.17 -28.14
C ILE B 9 5.31 -17.84 -26.80
N THR B 10 6.55 -17.77 -26.35
CA THR B 10 6.92 -18.40 -25.09
C THR B 10 6.51 -17.57 -23.87
N GLY B 11 6.32 -18.23 -22.73
CA GLY B 11 5.91 -17.52 -21.54
C GLY B 11 7.00 -17.42 -20.48
N GLN B 31 1.40 -10.25 -23.95
CA GLN B 31 0.18 -9.62 -24.45
C GLN B 31 0.46 -8.64 -25.59
N ARG B 32 1.46 -7.79 -25.39
CA ARG B 32 1.86 -6.84 -26.42
C ARG B 32 2.53 -7.70 -27.50
N TYR B 33 2.97 -8.89 -27.11
CA TYR B 33 3.61 -9.82 -28.03
C TYR B 33 2.53 -10.41 -28.94
N VAL B 34 1.40 -10.79 -28.35
CA VAL B 34 0.31 -11.33 -29.16
C VAL B 34 -0.35 -10.24 -30.02
N ASP B 35 -0.39 -9.00 -29.54
CA ASP B 35 -0.99 -7.94 -30.34
C ASP B 35 -0.08 -7.73 -31.56
N ALA B 36 1.23 -7.81 -31.33
CA ALA B 36 2.20 -7.62 -32.40
C ALA B 36 2.04 -8.66 -33.51
N ILE B 37 1.91 -9.93 -33.14
CA ILE B 37 1.74 -11.00 -34.11
C ILE B 37 0.40 -10.84 -34.83
N GLN B 38 -0.66 -10.60 -34.05
CA GLN B 38 -1.99 -10.43 -34.61
C GLN B 38 -2.08 -9.28 -35.60
N LYS B 39 -1.37 -8.19 -35.32
CA LYS B 39 -1.43 -7.06 -36.23
C LYS B 39 -0.66 -7.36 -37.50
N VAL B 40 0.31 -8.25 -37.42
CA VAL B 40 1.11 -8.55 -38.58
C VAL B 40 0.66 -9.77 -39.40
N GLY B 41 -0.55 -10.24 -39.12
CA GLY B 41 -1.11 -11.36 -39.86
C GLY B 41 -0.89 -12.77 -39.36
N GLY B 42 -0.19 -12.93 -38.25
CA GLY B 42 0.05 -14.26 -37.74
C GLY B 42 -0.98 -14.66 -36.71
N PHE B 43 -1.05 -15.96 -36.43
CA PHE B 43 -1.99 -16.47 -35.42
C PHE B 43 -1.13 -16.94 -34.26
N PRO B 44 -1.06 -16.13 -33.20
CA PRO B 44 -0.26 -16.45 -32.01
C PRO B 44 -0.89 -17.41 -31.00
N ILE B 45 -0.07 -18.30 -30.47
CA ILE B 45 -0.51 -19.20 -29.43
C ILE B 45 0.59 -19.11 -28.38
N ALA B 46 0.21 -19.18 -27.12
CA ALA B 46 1.19 -19.08 -26.03
C ALA B 46 1.57 -20.47 -25.55
N LEU B 47 2.86 -20.77 -25.57
CA LEU B 47 3.33 -22.07 -25.10
C LEU B 47 3.66 -22.00 -23.62
N PRO B 48 2.87 -22.68 -22.77
CA PRO B 48 3.17 -22.63 -21.34
C PRO B 48 4.49 -23.33 -21.06
N ILE B 49 5.03 -23.16 -19.86
CA ILE B 49 6.27 -23.85 -19.54
C ILE B 49 5.87 -25.32 -19.42
N ASP B 50 6.66 -26.20 -20.02
CA ASP B 50 6.35 -27.64 -19.98
C ASP B 50 7.69 -28.35 -19.90
N ASP B 51 7.66 -29.67 -19.71
CA ASP B 51 8.88 -30.45 -19.63
C ASP B 51 9.67 -30.38 -20.95
N PRO B 52 11.00 -30.32 -20.87
CA PRO B 52 11.89 -30.25 -22.04
C PRO B 52 11.57 -31.27 -23.15
N SER B 53 11.32 -32.51 -22.77
CA SER B 53 11.03 -33.55 -23.75
C SER B 53 9.81 -33.23 -24.60
N THR B 54 9.01 -32.24 -24.18
CA THR B 54 7.81 -31.89 -24.92
C THR B 54 8.03 -30.84 -26.01
N ALA B 55 9.21 -30.23 -25.99
CA ALA B 55 9.56 -29.21 -26.95
C ALA B 55 9.29 -29.60 -28.42
N VAL B 56 9.64 -30.83 -28.80
CA VAL B 56 9.43 -31.26 -30.17
C VAL B 56 7.95 -31.16 -30.54
N GLN B 57 7.06 -31.64 -29.68
CA GLN B 57 5.64 -31.54 -29.99
C GLN B 57 5.24 -30.06 -30.07
N ALA B 58 5.76 -29.25 -29.16
CA ALA B 58 5.45 -27.83 -29.15
C ALA B 58 5.77 -27.18 -30.50
N ILE B 59 7.01 -27.36 -30.95
CA ILE B 59 7.44 -26.78 -32.21
C ILE B 59 6.72 -27.31 -33.44
N SER B 60 6.23 -28.55 -33.39
CA SER B 60 5.51 -29.11 -34.53
C SER B 60 4.17 -28.38 -34.76
N LEU B 61 3.63 -27.83 -33.68
CA LEU B 61 2.36 -27.11 -33.72
C LEU B 61 2.48 -25.75 -34.38
N VAL B 62 3.71 -25.23 -34.49
CA VAL B 62 3.89 -23.89 -35.03
C VAL B 62 4.75 -23.74 -36.27
N ASP B 63 4.64 -22.58 -36.91
CA ASP B 63 5.41 -22.26 -38.11
C ASP B 63 6.62 -21.39 -37.78
N GLY B 64 6.53 -20.68 -36.66
CA GLY B 64 7.60 -19.82 -36.20
C GLY B 64 7.61 -19.70 -34.68
N LEU B 65 8.75 -19.33 -34.10
CA LEU B 65 8.91 -19.19 -32.66
C LEU B 65 9.33 -17.78 -32.25
N LEU B 66 8.63 -17.23 -31.25
CA LEU B 66 8.92 -15.89 -30.73
C LEU B 66 9.30 -16.05 -29.26
N LEU B 67 10.54 -15.72 -28.92
CA LEU B 67 11.01 -15.81 -27.54
C LEU B 67 10.79 -14.46 -26.85
N THR B 68 10.10 -14.51 -25.72
CA THR B 68 9.75 -13.30 -24.99
C THR B 68 10.72 -12.85 -23.90
N GLY B 69 10.45 -11.66 -23.38
CA GLY B 69 11.26 -11.10 -22.32
C GLY B 69 10.91 -11.82 -21.02
N GLY B 70 11.50 -11.37 -19.92
CA GLY B 70 11.24 -11.99 -18.64
C GLY B 70 12.42 -11.86 -17.69
N GLN B 71 12.63 -12.87 -16.85
CA GLN B 71 13.73 -12.80 -15.89
C GLN B 71 15.06 -13.38 -16.33
N ASP B 72 16.10 -13.00 -15.59
CA ASP B 72 17.45 -13.44 -15.84
C ASP B 72 17.46 -14.95 -16.05
N ILE B 73 18.45 -15.44 -16.78
CA ILE B 73 18.56 -16.86 -17.05
C ILE B 73 19.36 -17.56 -15.99
N THR B 74 18.95 -18.79 -15.68
CA THR B 74 19.62 -19.59 -14.67
C THR B 74 21.12 -19.55 -14.96
N PRO B 75 21.91 -19.06 -13.99
CA PRO B 75 23.36 -18.97 -14.18
C PRO B 75 24.10 -20.29 -14.34
N GLN B 76 23.64 -21.35 -13.68
CA GLN B 76 24.33 -22.63 -13.84
C GLN B 76 24.28 -23.08 -15.31
N LEU B 77 23.25 -22.65 -16.04
CA LEU B 77 23.10 -23.00 -17.45
C LEU B 77 24.29 -22.57 -18.29
N TYR B 78 24.98 -21.49 -17.91
CA TYR B 78 26.17 -21.11 -18.66
C TYR B 78 27.40 -21.26 -17.75
N LEU B 79 27.34 -22.27 -16.90
CA LEU B 79 28.43 -22.64 -15.99
C LEU B 79 28.86 -21.65 -14.92
N GLU B 80 27.96 -20.79 -14.47
CA GLU B 80 28.30 -19.84 -13.42
C GLU B 80 27.36 -19.96 -12.23
N GLU B 81 27.89 -19.81 -11.02
CA GLU B 81 27.05 -19.82 -9.82
C GLU B 81 26.42 -18.42 -9.73
N PRO B 82 25.33 -18.25 -8.97
CA PRO B 82 24.72 -16.92 -8.90
C PRO B 82 25.47 -15.85 -8.11
N SER B 83 25.74 -14.74 -8.79
CA SER B 83 26.44 -13.62 -8.16
C SER B 83 25.43 -12.85 -7.32
N GLN B 84 25.93 -12.06 -6.39
CA GLN B 84 25.08 -11.28 -5.50
C GLN B 84 24.18 -10.32 -6.24
N GLU B 85 24.60 -9.90 -7.43
CA GLU B 85 23.82 -8.94 -8.21
C GLU B 85 22.77 -9.54 -9.14
N ILE B 86 22.69 -10.86 -9.25
CA ILE B 86 21.72 -11.48 -10.14
C ILE B 86 20.30 -11.34 -9.58
N GLY B 87 19.32 -11.23 -10.48
CA GLY B 87 17.94 -11.10 -10.06
C GLY B 87 17.30 -12.47 -9.96
N ALA B 88 15.97 -12.53 -10.01
CA ALA B 88 15.27 -13.81 -9.92
C ALA B 88 15.41 -14.58 -11.23
N TYR B 89 15.33 -15.90 -11.14
CA TYR B 89 15.41 -16.75 -12.31
C TYR B 89 14.64 -18.04 -12.03
N PHE B 90 14.03 -18.59 -13.07
CA PHE B 90 13.21 -19.80 -12.94
C PHE B 90 13.74 -20.88 -13.91
N PRO B 91 14.52 -21.83 -13.39
CA PRO B 91 15.12 -22.94 -14.15
C PRO B 91 14.19 -23.70 -15.11
N PRO B 92 12.99 -24.07 -14.67
CA PRO B 92 12.11 -24.80 -15.61
C PRO B 92 11.83 -24.07 -16.92
N ARG B 93 11.71 -22.74 -16.85
CA ARG B 93 11.46 -21.92 -18.02
C ARG B 93 12.64 -21.99 -19.00
N ASP B 94 13.84 -21.77 -18.46
CA ASP B 94 15.07 -21.79 -19.25
C ASP B 94 15.31 -23.14 -19.91
N SER B 95 15.10 -24.20 -19.15
CA SER B 95 15.29 -25.55 -19.66
C SER B 95 14.36 -25.79 -20.84
N TYR B 96 13.09 -25.45 -20.66
CA TYR B 96 12.08 -25.64 -21.69
C TYR B 96 12.33 -24.85 -22.95
N GLU B 97 12.76 -23.60 -22.79
CA GLU B 97 13.01 -22.78 -23.96
C GLU B 97 14.25 -23.22 -24.72
N ILE B 98 15.27 -23.68 -24.00
CA ILE B 98 16.47 -24.15 -24.68
C ILE B 98 16.03 -25.31 -25.57
N ALA B 99 15.22 -26.21 -25.00
CA ALA B 99 14.72 -27.34 -25.76
C ALA B 99 13.91 -26.85 -26.96
N LEU B 100 13.16 -25.76 -26.79
CA LEU B 100 12.39 -25.22 -27.91
C LEU B 100 13.32 -24.66 -28.97
N VAL B 101 14.37 -23.96 -28.54
CA VAL B 101 15.34 -23.38 -29.47
C VAL B 101 15.97 -24.51 -30.27
N ARG B 102 16.43 -25.54 -29.57
CA ARG B 102 17.06 -26.68 -30.22
C ARG B 102 16.09 -27.31 -31.24
N ALA B 103 14.90 -27.70 -30.78
CA ALA B 103 13.92 -28.33 -31.67
C ALA B 103 13.56 -27.44 -32.85
N ALA B 104 13.55 -26.13 -32.63
CA ALA B 104 13.21 -25.18 -33.69
C ALA B 104 14.32 -25.17 -34.73
N LEU B 105 15.57 -25.16 -34.27
CA LEU B 105 16.73 -25.16 -35.18
C LEU B 105 16.68 -26.47 -35.97
N ASP B 106 16.36 -27.55 -35.29
CA ASP B 106 16.26 -28.87 -35.89
C ASP B 106 15.31 -28.84 -37.10
N ALA B 107 14.16 -28.20 -36.93
CA ALA B 107 13.15 -28.10 -37.99
C ALA B 107 13.35 -26.93 -38.94
N GLY B 108 14.39 -26.14 -38.69
CA GLY B 108 14.68 -24.99 -39.53
C GLY B 108 13.61 -23.91 -39.54
N LYS B 109 12.75 -23.91 -38.52
CA LYS B 109 11.71 -22.89 -38.46
C LYS B 109 12.34 -21.59 -37.93
N PRO B 110 11.83 -20.42 -38.38
CA PRO B 110 12.33 -19.10 -37.98
C PRO B 110 12.18 -18.78 -36.50
N ILE B 111 13.15 -18.03 -35.97
CA ILE B 111 13.16 -17.65 -34.56
C ILE B 111 13.38 -16.15 -34.36
N PHE B 112 12.47 -15.52 -33.63
CA PHE B 112 12.60 -14.10 -33.29
C PHE B 112 12.66 -14.10 -31.77
N ALA B 113 13.75 -13.56 -31.22
CA ALA B 113 13.95 -13.51 -29.78
C ALA B 113 14.01 -12.07 -29.28
N ILE B 114 13.42 -11.83 -28.12
CA ILE B 114 13.40 -10.49 -27.55
C ILE B 114 13.91 -10.42 -26.12
N CYS B 115 14.80 -9.46 -25.87
CA CYS B 115 15.37 -9.23 -24.55
C CYS B 115 16.02 -10.47 -24.01
N ARG B 116 15.53 -10.99 -22.87
CA ARG B 116 16.14 -12.18 -22.31
C ARG B 116 16.21 -13.27 -23.37
N GLY B 117 15.21 -13.27 -24.26
CA GLY B 117 15.15 -14.25 -25.33
C GLY B 117 16.41 -14.34 -26.16
N MSE B 118 16.98 -13.19 -26.52
CA MSE B 118 18.21 -13.19 -27.30
C MSE B 118 19.34 -13.74 -26.43
O MSE B 118 20.25 -14.39 -26.93
CB MSE B 118 18.53 -11.75 -27.75
CG MSE B 118 19.82 -11.60 -28.57
SE MSE B 118 20.38 -9.71 -28.63
CE MSE B 118 20.95 -9.58 -26.78
N GLN B 119 19.27 -13.51 -25.12
CA GLN B 119 20.29 -14.00 -24.20
C GLN B 119 20.10 -15.49 -23.98
N LEU B 120 18.87 -15.97 -24.11
CA LEU B 120 18.60 -17.39 -23.94
C LEU B 120 19.18 -18.15 -25.13
N VAL B 121 18.93 -17.67 -26.34
CA VAL B 121 19.49 -18.33 -27.51
C VAL B 121 21.00 -18.40 -27.32
N ASN B 122 21.61 -17.31 -26.84
CA ASN B 122 23.06 -17.27 -26.63
C ASN B 122 23.52 -18.34 -25.64
N VAL B 123 22.81 -18.49 -24.53
CA VAL B 123 23.18 -19.48 -23.52
C VAL B 123 22.96 -20.88 -24.07
N ALA B 124 21.92 -21.03 -24.90
CA ALA B 124 21.57 -22.30 -25.50
C ALA B 124 22.69 -22.94 -26.33
N LEU B 125 23.48 -22.11 -27.02
CA LEU B 125 24.55 -22.63 -27.86
C LEU B 125 25.99 -22.36 -27.39
N GLY B 126 26.20 -22.38 -26.08
CA GLY B 126 27.54 -22.20 -25.53
C GLY B 126 28.00 -20.81 -25.14
N GLY B 127 27.13 -19.81 -25.20
CA GLY B 127 27.55 -18.46 -24.85
C GLY B 127 27.44 -18.17 -23.37
N THR B 128 27.79 -16.96 -22.97
CA THR B 128 27.68 -16.55 -21.57
C THR B 128 27.10 -15.14 -21.43
N LEU B 129 26.74 -14.77 -20.22
CA LEU B 129 26.16 -13.46 -19.93
C LEU B 129 26.85 -12.77 -18.78
N TYR B 130 26.64 -11.45 -18.70
CA TYR B 130 27.12 -10.66 -17.57
C TYR B 130 25.90 -10.74 -16.66
N GLN B 131 26.08 -11.12 -15.40
CA GLN B 131 24.94 -11.22 -14.50
C GLN B 131 24.37 -9.87 -14.10
N ASP B 132 25.19 -8.81 -14.14
CA ASP B 132 24.70 -7.47 -13.80
C ASP B 132 25.54 -6.38 -14.45
N ILE B 133 24.88 -5.27 -14.75
CA ILE B 133 25.51 -4.12 -15.39
C ILE B 133 26.72 -3.61 -14.62
N SER B 134 26.75 -3.83 -13.31
CA SER B 134 27.88 -3.38 -12.49
C SER B 134 29.13 -4.22 -12.71
N GLN B 135 28.99 -5.35 -13.42
CA GLN B 135 30.11 -6.25 -13.67
C GLN B 135 30.81 -6.01 -15.01
N VAL B 136 30.34 -5.06 -15.78
CA VAL B 136 30.99 -4.78 -17.06
C VAL B 136 32.26 -3.99 -16.75
N GLU B 137 33.36 -4.37 -17.40
CA GLU B 137 34.67 -3.72 -17.18
C GLU B 137 34.66 -2.23 -17.46
N THR B 138 33.97 -1.84 -18.53
CA THR B 138 33.88 -0.46 -18.92
C THR B 138 32.54 0.09 -18.44
N LYS B 139 32.45 1.40 -18.19
CA LYS B 139 31.19 1.99 -17.71
C LYS B 139 30.12 1.90 -18.77
N ALA B 140 29.02 1.23 -18.45
CA ALA B 140 27.93 1.07 -19.41
C ALA B 140 26.91 2.18 -19.28
N LEU B 141 26.20 2.42 -20.37
CA LEU B 141 25.15 3.42 -20.41
C LEU B 141 23.97 2.87 -19.61
N GLN B 142 22.87 3.60 -19.59
CA GLN B 142 21.70 3.10 -18.89
C GLN B 142 20.95 2.11 -19.80
N HIS B 143 20.69 0.91 -19.30
CA HIS B 143 19.97 -0.08 -20.09
C HIS B 143 18.69 -0.48 -19.39
N LEU B 144 18.38 0.25 -18.33
CA LEU B 144 17.14 0.06 -17.59
C LEU B 144 16.58 1.46 -17.61
N GLN B 145 15.95 1.83 -18.72
CA GLN B 145 15.42 3.17 -18.88
C GLN B 145 14.24 3.45 -17.96
N ARG B 146 14.16 4.72 -17.55
CA ARG B 146 13.11 5.21 -16.67
C ARG B 146 12.13 5.95 -17.57
N VAL B 147 12.54 6.14 -18.82
CA VAL B 147 11.73 6.80 -19.86
C VAL B 147 10.57 5.87 -20.20
N ASP B 148 9.43 6.44 -20.59
CA ASP B 148 8.29 5.61 -20.95
C ASP B 148 8.79 4.46 -21.81
N GLU B 149 8.44 3.25 -21.43
CA GLU B 149 8.90 2.06 -22.14
C GLU B 149 8.59 1.99 -23.62
N GLN B 150 7.58 2.73 -24.08
CA GLN B 150 7.23 2.68 -25.49
C GLN B 150 8.19 3.50 -26.35
N LEU B 151 9.04 4.30 -25.71
CA LEU B 151 9.98 5.14 -26.43
C LEU B 151 11.43 4.67 -26.33
N GLY B 152 12.23 5.05 -27.33
CA GLY B 152 13.62 4.66 -27.38
C GLY B 152 14.45 5.52 -26.45
N SER B 153 15.44 4.91 -25.80
CA SER B 153 16.29 5.62 -24.85
C SER B 153 17.75 5.73 -25.29
N HIS B 154 18.31 4.66 -25.85
CA HIS B 154 19.70 4.70 -26.31
C HIS B 154 19.88 4.40 -27.79
N THR B 155 20.88 5.05 -28.39
CA THR B 155 21.18 4.91 -29.81
C THR B 155 22.01 3.68 -30.16
N ILE B 156 21.65 3.00 -31.24
CA ILE B 156 22.40 1.83 -31.65
C ILE B 156 23.02 1.98 -33.02
N ASP B 157 24.16 1.34 -33.22
CA ASP B 157 24.84 1.36 -34.51
C ASP B 157 24.48 0.03 -35.11
N ILE B 158 24.12 0.02 -36.38
CA ILE B 158 23.71 -1.22 -37.01
C ILE B 158 24.60 -1.65 -38.17
N GLU B 159 24.90 -2.94 -38.23
CA GLU B 159 25.72 -3.49 -39.31
C GLU B 159 24.88 -3.32 -40.57
N PRO B 160 25.41 -2.57 -41.55
CA PRO B 160 24.74 -2.29 -42.83
C PRO B 160 24.28 -3.51 -43.62
N THR B 161 25.02 -4.60 -43.53
CA THR B 161 24.69 -5.82 -44.27
C THR B 161 23.77 -6.76 -43.49
N SER B 162 23.32 -6.32 -42.32
CA SER B 162 22.46 -7.14 -41.47
C SER B 162 21.01 -7.22 -41.88
N GLU B 163 20.33 -8.20 -41.32
CA GLU B 163 18.91 -8.39 -41.54
C GLU B 163 18.26 -7.18 -40.84
N LEU B 164 18.82 -6.81 -39.69
CA LEU B 164 18.34 -5.66 -38.91
C LEU B 164 18.39 -4.46 -39.84
N ALA B 165 19.52 -4.36 -40.54
CA ALA B 165 19.79 -3.28 -41.48
C ALA B 165 18.69 -3.09 -42.51
N LYS B 166 17.92 -4.14 -42.78
CA LYS B 166 16.84 -4.06 -43.75
C LYS B 166 15.60 -3.41 -43.16
N HIS B 167 15.53 -3.38 -41.83
CA HIS B 167 14.35 -2.81 -41.18
C HIS B 167 14.59 -1.56 -40.36
N HIS B 168 15.81 -1.37 -39.86
CA HIS B 168 16.13 -0.19 -39.06
C HIS B 168 17.32 0.57 -39.63
N PRO B 169 17.28 1.91 -39.59
CA PRO B 169 18.37 2.75 -40.10
C PRO B 169 19.45 2.84 -39.02
N ASN B 170 20.67 3.17 -39.42
CA ASN B 170 21.74 3.29 -38.43
C ASN B 170 21.41 4.45 -37.50
N LYS B 171 21.86 4.37 -36.26
CA LYS B 171 21.64 5.41 -35.26
C LYS B 171 20.19 5.52 -34.76
N LYS B 172 19.43 4.44 -34.90
CA LYS B 172 18.04 4.45 -34.44
C LYS B 172 18.03 4.35 -32.91
N LEU B 173 17.04 4.96 -32.28
CA LEU B 173 16.92 4.88 -30.85
C LEU B 173 15.92 3.78 -30.51
N VAL B 174 16.27 2.91 -29.57
CA VAL B 174 15.39 1.81 -29.15
C VAL B 174 15.31 1.79 -27.63
N ASN B 175 14.24 1.19 -27.08
CA ASN B 175 14.09 1.14 -25.64
C ASN B 175 15.06 0.17 -25.02
N SER B 176 15.06 0.09 -23.70
CA SER B 176 15.97 -0.79 -22.97
C SER B 176 15.41 -1.12 -21.59
N LEU B 177 15.28 -2.41 -21.27
CA LEU B 177 14.75 -2.83 -19.99
C LEU B 177 15.49 -4.08 -19.51
N HIS B 178 16.79 -3.94 -19.25
CA HIS B 178 17.57 -5.08 -18.82
C HIS B 178 18.75 -4.67 -17.96
N HIS B 179 19.24 -5.59 -17.13
CA HIS B 179 20.38 -5.31 -16.28
C HIS B 179 21.45 -6.35 -16.56
N GLN B 180 21.19 -7.23 -17.52
CA GLN B 180 22.15 -8.27 -17.90
C GLN B 180 22.53 -8.07 -19.37
N PHE B 181 23.67 -8.62 -19.77
CA PHE B 181 24.13 -8.47 -21.16
C PHE B 181 24.84 -9.74 -21.61
N ILE B 182 24.98 -9.89 -22.92
CA ILE B 182 25.72 -11.02 -23.50
C ILE B 182 27.20 -10.74 -23.27
N LYS B 183 27.91 -11.69 -22.67
CA LYS B 183 29.34 -11.53 -22.44
C LYS B 183 30.03 -12.24 -23.60
N LYS B 184 30.19 -13.56 -23.49
CA LYS B 184 30.81 -14.32 -24.57
C LYS B 184 29.70 -14.69 -25.55
N LEU B 185 29.83 -14.24 -26.80
CA LEU B 185 28.83 -14.56 -27.82
C LEU B 185 29.01 -16.00 -28.25
N ALA B 186 27.91 -16.73 -28.38
CA ALA B 186 27.96 -18.13 -28.80
C ALA B 186 28.46 -18.28 -30.23
N PRO B 187 29.17 -19.40 -30.51
CA PRO B 187 29.71 -19.69 -31.83
C PRO B 187 28.59 -19.88 -32.83
N SER B 188 28.75 -19.30 -34.02
CA SER B 188 27.78 -19.39 -35.11
C SER B 188 26.83 -18.20 -35.20
N PHE B 189 27.19 -17.12 -34.51
CA PHE B 189 26.39 -15.90 -34.50
C PHE B 189 27.30 -14.72 -34.70
N LYS B 190 26.72 -13.58 -35.01
CA LYS B 190 27.51 -12.37 -35.17
C LYS B 190 26.68 -11.18 -34.68
N VAL B 191 27.36 -10.22 -34.07
CA VAL B 191 26.72 -9.04 -33.54
C VAL B 191 26.35 -8.08 -34.66
N THR B 192 25.09 -7.66 -34.70
CA THR B 192 24.63 -6.74 -35.73
C THR B 192 24.21 -5.37 -35.20
N ALA B 193 24.23 -5.23 -33.87
CA ALA B 193 23.87 -3.95 -33.23
C ALA B 193 24.52 -3.79 -31.85
N ARG B 194 24.97 -2.57 -31.55
CA ARG B 194 25.59 -2.27 -30.27
C ARG B 194 25.32 -0.82 -29.88
N THR B 195 25.21 -0.53 -28.58
CA THR B 195 25.00 0.85 -28.16
C THR B 195 26.35 1.53 -28.17
N ALA B 196 26.41 2.81 -27.79
CA ALA B 196 27.69 3.53 -27.80
C ALA B 196 28.69 3.00 -26.77
N ASP B 197 28.23 2.20 -25.81
CA ASP B 197 29.13 1.63 -24.81
C ASP B 197 29.64 0.26 -25.28
N GLY B 198 29.34 -0.10 -26.52
CA GLY B 198 29.80 -1.37 -27.05
C GLY B 198 28.96 -2.59 -26.70
N MSE B 199 27.97 -2.45 -25.83
CA MSE B 199 27.15 -3.61 -25.46
C MSE B 199 26.36 -4.15 -26.65
O MSE B 199 25.91 -3.40 -27.51
CB MSE B 199 26.22 -3.24 -24.31
CG MSE B 199 26.95 -2.87 -23.03
SE MSE B 199 27.90 -4.37 -22.19
CE MSE B 199 29.66 -4.07 -22.96
N ILE B 200 26.21 -5.46 -26.69
CA ILE B 200 25.50 -6.13 -27.76
C ILE B 200 23.99 -5.92 -27.68
N GLU B 201 23.43 -5.32 -28.73
CA GLU B 201 22.00 -5.05 -28.76
C GLU B 201 21.22 -5.88 -29.78
N ALA B 202 21.93 -6.54 -30.69
CA ALA B 202 21.26 -7.39 -31.68
C ALA B 202 22.20 -8.47 -32.22
N VAL B 203 21.66 -9.68 -32.38
CA VAL B 203 22.45 -10.79 -32.87
C VAL B 203 21.73 -11.50 -34.00
N GLU B 204 22.49 -11.95 -35.00
CA GLU B 204 21.92 -12.69 -36.11
C GLU B 204 22.68 -14.00 -36.27
N GLY B 205 22.10 -14.94 -37.01
CA GLY B 205 22.74 -16.21 -37.20
C GLY B 205 23.79 -16.21 -38.30
N ASP B 206 24.70 -17.18 -38.20
CA ASP B 206 25.77 -17.33 -39.19
C ASP B 206 25.80 -18.81 -39.55
N ASN B 207 25.34 -19.14 -40.76
CA ASN B 207 25.30 -20.53 -41.21
C ASN B 207 24.42 -21.37 -40.29
N LEU B 208 23.28 -20.79 -39.93
CA LEU B 208 22.30 -21.44 -39.05
C LEU B 208 21.23 -22.11 -39.90
N PRO B 209 20.63 -23.20 -39.40
CA PRO B 209 19.57 -23.88 -40.17
C PRO B 209 18.32 -23.05 -40.34
N SER B 210 18.13 -22.06 -39.46
CA SER B 210 16.95 -21.21 -39.56
C SER B 210 17.23 -19.72 -39.50
N TRP B 211 16.26 -18.94 -39.98
CA TRP B 211 16.34 -17.49 -39.97
C TRP B 211 16.30 -17.14 -38.50
N TYR B 212 17.11 -16.18 -38.06
CA TYR B 212 17.10 -15.80 -36.66
C TYR B 212 17.45 -14.35 -36.37
N LEU B 213 16.57 -13.65 -35.65
CA LEU B 213 16.85 -12.28 -35.26
C LEU B 213 16.71 -12.17 -33.75
N GLY B 214 17.78 -11.76 -33.09
CA GLY B 214 17.77 -11.60 -31.65
C GLY B 214 18.02 -10.13 -31.33
N VAL B 215 17.05 -9.50 -30.67
CA VAL B 215 17.12 -8.10 -30.30
C VAL B 215 17.10 -7.99 -28.78
N GLN B 216 17.92 -7.09 -28.23
CA GLN B 216 18.02 -6.88 -26.78
C GLN B 216 16.92 -5.96 -26.25
N TRP B 217 16.37 -5.11 -27.13
CA TRP B 217 15.34 -4.19 -26.71
C TRP B 217 13.95 -4.84 -26.74
N HIS B 218 12.91 -4.03 -26.60
CA HIS B 218 11.53 -4.52 -26.59
C HIS B 218 10.67 -3.90 -27.68
N PRO B 219 10.78 -4.42 -28.92
CA PRO B 219 10.00 -3.88 -30.05
C PRO B 219 8.49 -4.09 -29.94
N GLU B 220 8.05 -4.96 -29.03
CA GLU B 220 6.61 -5.19 -28.87
C GLU B 220 5.97 -4.05 -28.08
N LEU B 221 6.81 -3.16 -27.56
CA LEU B 221 6.33 -2.02 -26.78
C LEU B 221 6.38 -0.75 -27.61
N MSE B 222 7.05 -0.81 -28.75
CA MSE B 222 7.21 0.34 -29.63
C MSE B 222 6.39 0.28 -30.91
O MSE B 222 5.99 1.32 -31.44
CB MSE B 222 8.67 0.50 -30.04
CG MSE B 222 9.67 0.51 -28.91
SE MSE B 222 11.52 0.42 -29.54
CE MSE B 222 11.54 2.03 -30.64
N PHE B 223 6.13 -0.93 -31.40
CA PHE B 223 5.43 -1.09 -32.66
C PHE B 223 4.11 -0.34 -32.86
N GLN B 224 3.33 -0.14 -31.80
CA GLN B 224 2.06 0.57 -31.94
C GLN B 224 2.31 2.01 -32.39
N THR B 225 3.53 2.51 -32.20
CA THR B 225 3.85 3.87 -32.59
C THR B 225 5.15 3.96 -33.38
N ASP B 226 5.69 2.81 -33.79
CA ASP B 226 6.93 2.80 -34.55
C ASP B 226 6.90 1.77 -35.69
N PRO B 227 6.53 2.19 -36.91
CA PRO B 227 6.45 1.32 -38.09
C PRO B 227 7.64 0.39 -38.27
N GLU B 228 8.84 0.89 -38.06
CA GLU B 228 10.03 0.08 -38.23
C GLU B 228 10.04 -1.10 -37.25
N SER B 229 9.60 -0.87 -36.03
CA SER B 229 9.55 -1.94 -35.03
C SER B 229 8.56 -3.00 -35.47
N GLU B 230 7.41 -2.57 -35.97
CA GLU B 230 6.40 -3.50 -36.44
C GLU B 230 6.98 -4.40 -37.53
N GLN B 231 7.84 -3.85 -38.38
CA GLN B 231 8.44 -4.63 -39.46
C GLN B 231 9.27 -5.83 -39.01
N LEU B 232 9.81 -5.78 -37.79
CA LEU B 232 10.60 -6.91 -37.29
C LEU B 232 9.65 -8.09 -37.11
N PHE B 233 8.44 -7.81 -36.63
CA PHE B 233 7.46 -8.87 -36.42
C PHE B 233 6.91 -9.38 -37.76
N GLN B 234 6.70 -8.47 -38.71
CA GLN B 234 6.22 -8.81 -40.03
C GLN B 234 7.24 -9.77 -40.64
N ALA B 235 8.51 -9.49 -40.38
CA ALA B 235 9.60 -10.31 -40.88
C ALA B 235 9.45 -11.75 -40.39
N LEU B 236 9.19 -11.92 -39.09
CA LEU B 236 9.04 -13.25 -38.51
C LEU B 236 7.89 -13.98 -39.20
N VAL B 237 6.73 -13.33 -39.26
CA VAL B 237 5.58 -13.95 -39.88
C VAL B 237 5.87 -14.32 -41.34
N ASP B 238 6.51 -13.43 -42.09
CA ASP B 238 6.83 -13.75 -43.48
C ASP B 238 7.74 -14.99 -43.55
N GLU B 239 8.79 -15.00 -42.75
CA GLU B 239 9.69 -16.16 -42.74
C GLU B 239 8.91 -17.42 -42.37
N SER B 240 7.92 -17.29 -41.48
CA SER B 240 7.13 -18.43 -41.06
C SER B 240 6.23 -18.87 -42.22
N LYS B 241 5.91 -17.92 -43.10
CA LYS B 241 5.07 -18.23 -44.25
C LYS B 241 5.89 -19.04 -45.24
N LYS B 242 7.15 -18.66 -45.43
CA LYS B 242 8.02 -19.36 -46.36
C LYS B 242 8.13 -20.84 -46.01
N THR B 243 7.74 -21.20 -44.79
CA THR B 243 7.82 -22.60 -44.38
C THR B 243 6.46 -23.30 -44.44
N LEU C 3 -8.18 44.01 -19.55
CA LEU C 3 -7.78 42.60 -19.28
C LEU C 3 -6.36 42.46 -18.73
N LYS C 4 -6.05 41.26 -18.24
CA LYS C 4 -4.74 40.95 -17.66
C LYS C 4 -3.75 40.38 -18.68
N PRO C 5 -2.44 40.39 -18.34
CA PRO C 5 -1.42 39.85 -19.25
C PRO C 5 -1.56 38.32 -19.23
N VAL C 6 -1.54 37.69 -20.40
CA VAL C 6 -1.68 36.25 -20.46
C VAL C 6 -0.32 35.56 -20.25
N ILE C 7 -0.27 34.61 -19.32
CA ILE C 7 0.96 33.89 -19.04
C ILE C 7 0.76 32.42 -19.38
N GLY C 8 1.53 31.94 -20.36
CA GLY C 8 1.42 30.54 -20.75
C GLY C 8 2.27 29.66 -19.86
N ILE C 9 1.63 28.72 -19.18
CA ILE C 9 2.32 27.82 -18.28
C ILE C 9 2.52 26.44 -18.92
N THR C 10 3.77 26.02 -19.03
CA THR C 10 4.09 24.73 -19.62
C THR C 10 3.91 23.62 -18.58
N GLY C 11 3.62 22.40 -19.03
CA GLY C 11 3.43 21.32 -18.07
C GLY C 11 3.61 19.91 -18.61
N GLN C 30 0.88 21.06 -10.95
CA GLN C 30 1.30 22.34 -11.49
C GLN C 30 0.43 23.48 -10.93
N GLN C 31 -0.54 23.13 -10.09
CA GLN C 31 -1.44 24.11 -9.51
C GLN C 31 -0.76 25.34 -8.89
N ARG C 32 0.36 25.14 -8.20
CA ARG C 32 1.04 26.27 -7.56
C ARG C 32 1.55 27.35 -8.50
N TYR C 33 1.86 27.00 -9.75
CA TYR C 33 2.33 28.00 -10.70
C TYR C 33 1.14 28.86 -11.12
N VAL C 34 -0.01 28.22 -11.29
CA VAL C 34 -1.22 28.94 -11.65
C VAL C 34 -1.48 29.93 -10.51
N ASP C 35 -1.50 29.43 -9.28
CA ASP C 35 -1.74 30.26 -8.11
C ASP C 35 -0.80 31.45 -8.13
N ALA C 36 0.47 31.18 -8.40
CA ALA C 36 1.48 32.23 -8.44
C ALA C 36 1.09 33.33 -9.42
N ILE C 37 0.79 32.97 -10.65
CA ILE C 37 0.42 33.95 -11.66
C ILE C 37 -0.85 34.72 -11.30
N GLN C 38 -1.86 34.02 -10.79
CA GLN C 38 -3.11 34.69 -10.41
C GLN C 38 -2.88 35.64 -9.25
N LYS C 39 -2.17 35.17 -8.23
CA LYS C 39 -1.87 35.99 -7.06
C LYS C 39 -1.23 37.31 -7.48
N VAL C 40 -0.48 37.26 -8.57
CA VAL C 40 0.25 38.42 -9.05
C VAL C 40 -0.41 39.26 -10.16
N GLY C 41 -1.63 38.91 -10.53
CA GLY C 41 -2.32 39.68 -11.55
C GLY C 41 -2.27 39.24 -12.99
N GLY C 42 -1.78 38.03 -13.25
CA GLY C 42 -1.75 37.56 -14.63
C GLY C 42 -2.88 36.58 -14.87
N PHE C 43 -3.20 36.31 -16.14
CA PHE C 43 -4.24 35.34 -16.47
C PHE C 43 -3.51 34.13 -17.04
N PRO C 44 -3.35 33.08 -16.23
CA PRO C 44 -2.64 31.91 -16.73
C PRO C 44 -3.44 30.93 -17.58
N ILE C 45 -2.74 30.26 -18.48
CA ILE C 45 -3.32 29.21 -19.31
C ILE C 45 -2.24 28.14 -19.42
N ALA C 46 -2.63 26.90 -19.29
CA ALA C 46 -1.69 25.79 -19.38
C ALA C 46 -1.52 25.36 -20.84
N LEU C 47 -0.28 25.33 -21.31
CA LEU C 47 -0.01 24.90 -22.67
C LEU C 47 0.35 23.43 -22.63
N PRO C 48 -0.56 22.56 -23.09
CA PRO C 48 -0.20 21.15 -23.04
C PRO C 48 0.89 20.85 -24.05
N ILE C 49 1.50 19.67 -23.94
CA ILE C 49 2.52 19.28 -24.89
C ILE C 49 1.87 19.08 -26.27
N ASP C 50 2.45 19.70 -27.29
CA ASP C 50 1.93 19.58 -28.66
C ASP C 50 3.11 19.41 -29.63
N ASP C 51 2.83 19.38 -30.92
CA ASP C 51 3.90 19.22 -31.89
C ASP C 51 4.74 20.49 -31.95
N PRO C 52 6.05 20.37 -32.20
CA PRO C 52 6.94 21.53 -32.28
C PRO C 52 6.44 22.63 -33.24
N SER C 53 5.91 22.20 -34.38
CA SER C 53 5.43 23.16 -35.38
C SER C 53 4.31 24.06 -34.88
N THR C 54 3.71 23.70 -33.75
CA THR C 54 2.61 24.48 -33.22
C THR C 54 3.04 25.51 -32.18
N ALA C 55 4.33 25.54 -31.89
CA ALA C 55 4.86 26.46 -30.90
C ALA C 55 4.59 27.94 -31.21
N VAL C 56 4.74 28.34 -32.47
CA VAL C 56 4.53 29.74 -32.82
C VAL C 56 3.08 30.19 -32.56
N GLN C 57 2.12 29.29 -32.77
CA GLN C 57 0.73 29.66 -32.50
C GLN C 57 0.53 29.76 -30.98
N ALA C 58 1.24 28.91 -30.25
CA ALA C 58 1.12 28.93 -28.79
C ALA C 58 1.58 30.27 -28.21
N ILE C 59 2.75 30.73 -28.62
CA ILE C 59 3.29 31.98 -28.13
C ILE C 59 2.47 33.18 -28.60
N SER C 60 1.85 33.06 -29.77
CA SER C 60 1.03 34.15 -30.29
C SER C 60 -0.18 34.37 -29.40
N LEU C 61 -0.46 33.42 -28.53
CA LEU C 61 -1.60 33.51 -27.63
C LEU C 61 -1.24 34.13 -26.28
N VAL C 62 0.05 34.19 -25.98
CA VAL C 62 0.48 34.68 -24.68
C VAL C 62 1.35 35.94 -24.66
N ASP C 63 1.41 36.59 -23.50
CA ASP C 63 2.21 37.80 -23.31
C ASP C 63 3.52 37.48 -22.62
N GLY C 64 3.56 36.31 -21.95
CA GLY C 64 4.75 35.86 -21.26
C GLY C 64 4.79 34.34 -21.21
N LEU C 65 5.97 33.77 -21.00
CA LEU C 65 6.13 32.32 -20.95
C LEU C 65 6.71 31.82 -19.63
N LEU C 66 6.08 30.81 -19.03
CA LEU C 66 6.56 30.28 -17.77
C LEU C 66 6.86 28.78 -17.90
N LEU C 67 8.15 28.44 -17.89
CA LEU C 67 8.58 27.05 -18.00
C LEU C 67 8.59 26.42 -16.62
N THR C 68 7.96 25.25 -16.52
CA THR C 68 7.81 24.56 -15.24
C THR C 68 8.76 23.41 -14.94
N GLY C 69 8.74 22.97 -13.68
CA GLY C 69 9.57 21.85 -13.26
C GLY C 69 9.11 20.61 -14.00
N GLY C 70 9.75 19.48 -13.72
CA GLY C 70 9.38 18.25 -14.39
C GLY C 70 10.51 17.24 -14.44
N GLN C 71 10.52 16.42 -15.49
CA GLN C 71 11.53 15.37 -15.62
C GLN C 71 12.85 15.86 -16.24
N ASP C 72 13.88 15.03 -16.14
CA ASP C 72 15.18 15.37 -16.70
C ASP C 72 15.02 15.60 -18.20
N ILE C 73 15.84 16.48 -18.77
CA ILE C 73 15.78 16.74 -20.21
C ILE C 73 16.45 15.54 -20.90
N THR C 74 15.91 15.10 -22.03
CA THR C 74 16.49 13.95 -22.71
C THR C 74 17.95 14.23 -23.07
N PRO C 75 18.84 13.25 -22.84
CA PRO C 75 20.29 13.27 -23.09
C PRO C 75 20.71 13.72 -24.49
N GLN C 76 20.14 13.08 -25.51
CA GLN C 76 20.48 13.41 -26.88
C GLN C 76 20.36 14.89 -27.27
N LEU C 77 19.44 15.62 -26.65
CA LEU C 77 19.26 17.04 -26.98
C LEU C 77 20.51 17.88 -26.71
N TYR C 78 21.36 17.42 -25.79
CA TYR C 78 22.61 18.14 -25.58
C TYR C 78 23.74 17.22 -25.99
N LEU C 79 23.43 16.42 -27.01
CA LEU C 79 24.36 15.49 -27.64
C LEU C 79 25.00 14.45 -26.76
N GLU C 80 24.22 13.90 -25.85
CA GLU C 80 24.71 12.87 -24.95
C GLU C 80 23.79 11.68 -24.89
N GLU C 81 24.38 10.53 -24.55
CA GLU C 81 23.66 9.28 -24.41
C GLU C 81 23.36 9.19 -22.89
N PRO C 82 22.29 8.46 -22.51
CA PRO C 82 21.87 8.29 -21.12
C PRO C 82 22.77 7.48 -20.18
N SER C 83 23.17 8.10 -19.07
CA SER C 83 24.01 7.46 -18.05
C SER C 83 23.13 6.61 -17.16
N GLN C 84 23.73 5.69 -16.43
CA GLN C 84 22.99 4.84 -15.53
C GLN C 84 22.24 5.63 -14.46
N GLU C 85 22.63 6.88 -14.23
CA GLU C 85 21.95 7.64 -13.21
C GLU C 85 20.94 8.71 -13.62
N ILE C 86 20.69 8.88 -14.92
CA ILE C 86 19.69 9.87 -15.28
C ILE C 86 18.32 9.32 -14.91
N GLY C 87 17.40 10.23 -14.61
CA GLY C 87 16.07 9.79 -14.26
C GLY C 87 15.28 9.66 -15.54
N ALA C 88 13.98 9.71 -15.43
CA ALA C 88 13.11 9.60 -16.58
C ALA C 88 13.08 10.89 -17.38
N TYR C 89 12.81 10.78 -18.67
CA TYR C 89 12.70 11.95 -19.52
C TYR C 89 11.62 11.68 -20.55
N PHE C 90 11.08 12.75 -21.13
CA PHE C 90 10.04 12.60 -22.12
C PHE C 90 10.32 13.54 -23.28
N PRO C 91 11.01 13.03 -24.32
CA PRO C 91 11.38 13.77 -25.53
C PRO C 91 10.34 14.73 -26.10
N PRO C 92 9.06 14.32 -26.17
CA PRO C 92 8.05 15.24 -26.72
C PRO C 92 7.92 16.54 -25.95
N ARG C 93 8.01 16.48 -24.63
CA ARG C 93 7.91 17.71 -23.83
C ARG C 93 9.11 18.63 -24.08
N ASP C 94 10.30 18.04 -24.15
CA ASP C 94 11.53 18.80 -24.40
C ASP C 94 11.49 19.43 -25.78
N SER C 95 11.08 18.65 -26.76
CA SER C 95 10.98 19.10 -28.12
C SER C 95 10.04 20.30 -28.24
N TYR C 96 8.88 20.21 -27.58
CA TYR C 96 7.91 21.28 -27.64
C TYR C 96 8.35 22.53 -26.88
N GLU C 97 8.91 22.33 -25.68
CA GLU C 97 9.34 23.48 -24.90
C GLU C 97 10.49 24.21 -25.58
N ILE C 98 11.37 23.47 -26.23
CA ILE C 98 12.47 24.10 -26.95
C ILE C 98 11.89 24.95 -28.09
N ALA C 99 10.92 24.39 -28.82
CA ALA C 99 10.30 25.14 -29.90
C ALA C 99 9.60 26.37 -29.30
N LEU C 100 9.08 26.20 -28.09
CA LEU C 100 8.38 27.28 -27.39
C LEU C 100 9.31 28.44 -27.03
N VAL C 101 10.49 28.13 -26.48
CA VAL C 101 11.41 29.18 -26.11
C VAL C 101 11.91 29.86 -27.37
N ARG C 102 12.16 29.07 -28.42
CA ARG C 102 12.62 29.68 -29.66
C ARG C 102 11.58 30.66 -30.18
N ALA C 103 10.30 30.31 -30.02
CA ALA C 103 9.23 31.19 -30.49
C ALA C 103 9.12 32.43 -29.60
N ALA C 104 9.30 32.24 -28.30
CA ALA C 104 9.20 33.36 -27.36
C ALA C 104 10.28 34.41 -27.66
N LEU C 105 11.50 33.95 -27.92
CA LEU C 105 12.61 34.84 -28.23
C LEU C 105 12.40 35.58 -29.55
N ASP C 106 11.85 34.89 -30.56
CA ASP C 106 11.61 35.50 -31.85
C ASP C 106 10.60 36.63 -31.67
N ALA C 107 9.66 36.45 -30.75
CA ALA C 107 8.63 37.46 -30.47
C ALA C 107 9.11 38.48 -29.43
N GLY C 108 10.22 38.18 -28.77
CA GLY C 108 10.72 39.09 -27.76
C GLY C 108 9.88 39.07 -26.50
N LYS C 109 9.09 38.02 -26.31
CA LYS C 109 8.23 37.89 -25.13
C LYS C 109 9.07 37.38 -23.97
N PRO C 110 8.84 37.93 -22.76
CA PRO C 110 9.60 37.53 -21.57
C PRO C 110 9.46 36.08 -21.17
N ILE C 111 10.53 35.56 -20.54
CA ILE C 111 10.56 34.17 -20.09
C ILE C 111 11.06 34.02 -18.66
N PHE C 112 10.34 33.23 -17.87
CA PHE C 112 10.72 32.93 -16.49
C PHE C 112 10.74 31.40 -16.50
N ALA C 113 11.90 30.82 -16.21
CA ALA C 113 12.07 29.36 -16.21
C ALA C 113 12.40 28.85 -14.82
N ILE C 114 11.72 27.80 -14.41
CA ILE C 114 11.89 27.22 -13.08
C ILE C 114 12.36 25.75 -13.06
N CYS C 115 13.40 25.50 -12.27
CA CYS C 115 13.98 24.16 -12.12
C CYS C 115 14.42 23.59 -13.47
N ARG C 116 13.81 22.47 -13.88
CA ARG C 116 14.17 21.88 -15.17
C ARG C 116 14.01 22.93 -16.27
N GLY C 117 13.11 23.88 -16.03
CA GLY C 117 12.87 24.95 -16.99
C GLY C 117 14.14 25.73 -17.33
N MSE C 118 14.96 25.97 -16.31
CA MSE C 118 16.21 26.69 -16.49
C MSE C 118 17.16 25.84 -17.31
O MSE C 118 17.88 26.34 -18.18
CB MSE C 118 16.83 27.01 -15.12
CG MSE C 118 18.08 27.88 -15.16
SE MSE C 118 18.91 28.08 -13.37
CE MSE C 118 19.91 26.42 -13.32
N GLN C 119 17.16 24.54 -17.04
CA GLN C 119 18.04 23.63 -17.76
C GLN C 119 17.54 23.43 -19.19
N LEU C 120 16.24 23.49 -19.39
CA LEU C 120 15.75 23.32 -20.75
C LEU C 120 16.16 24.50 -21.63
N VAL C 121 16.04 25.73 -21.16
CA VAL C 121 16.47 26.83 -22.03
C VAL C 121 17.98 26.73 -22.26
N ASN C 122 18.73 26.32 -21.25
CA ASN C 122 20.18 26.19 -21.43
C ASN C 122 20.46 25.19 -22.56
N VAL C 123 19.89 23.99 -22.49
CA VAL C 123 20.16 23.04 -23.58
C VAL C 123 19.56 23.54 -24.89
N ALA C 124 18.45 24.26 -24.80
CA ALA C 124 17.78 24.81 -25.98
C ALA C 124 18.72 25.66 -26.85
N LEU C 125 19.67 26.35 -26.21
CA LEU C 125 20.59 27.20 -26.93
C LEU C 125 22.06 26.75 -26.93
N GLY C 126 22.29 25.44 -26.89
CA GLY C 126 23.65 24.94 -26.93
C GLY C 126 24.31 24.53 -25.62
N GLY C 127 23.66 24.78 -24.50
CA GLY C 127 24.24 24.42 -23.22
C GLY C 127 24.37 22.93 -22.99
N THR C 128 24.91 22.57 -21.82
CA THR C 128 25.13 21.18 -21.43
C THR C 128 24.66 20.95 -19.99
N LEU C 129 24.42 19.70 -19.62
CA LEU C 129 23.98 19.37 -18.26
C LEU C 129 24.73 18.20 -17.61
N TYR C 130 24.77 18.20 -16.28
CA TYR C 130 25.36 17.11 -15.52
C TYR C 130 24.14 16.21 -15.37
N GLN C 131 24.28 14.95 -15.76
CA GLN C 131 23.15 14.03 -15.69
C GLN C 131 22.76 13.62 -14.28
N ASP C 132 23.67 13.79 -13.34
CA ASP C 132 23.36 13.45 -11.95
C ASP C 132 24.36 14.06 -10.97
N ILE C 133 23.88 14.31 -9.76
CA ILE C 133 24.72 14.90 -8.73
C ILE C 133 26.04 14.14 -8.46
N SER C 134 26.02 12.82 -8.60
CA SER C 134 27.21 12.00 -8.37
C SER C 134 28.30 12.20 -9.42
N GLN C 135 27.97 12.89 -10.51
CA GLN C 135 28.92 13.10 -11.59
C GLN C 135 29.67 14.42 -11.53
N VAL C 136 29.38 15.22 -10.51
CA VAL C 136 30.05 16.51 -10.35
C VAL C 136 31.44 16.23 -9.77
N GLU C 137 32.41 17.08 -10.12
CA GLU C 137 33.78 16.89 -9.65
C GLU C 137 33.89 16.85 -8.13
N THR C 138 33.21 17.75 -7.44
CA THR C 138 33.26 17.74 -5.98
C THR C 138 31.99 17.17 -5.41
N LYS C 139 32.01 16.88 -4.11
CA LYS C 139 30.83 16.34 -3.45
C LYS C 139 29.87 17.48 -3.22
N ALA C 140 28.86 17.56 -4.09
CA ALA C 140 27.85 18.60 -4.00
C ALA C 140 27.01 18.49 -2.74
N LEU C 141 26.38 19.60 -2.37
CA LEU C 141 25.49 19.67 -1.22
C LEU C 141 24.20 18.95 -1.61
N GLN C 142 23.26 18.84 -0.67
CA GLN C 142 21.99 18.18 -0.97
C GLN C 142 21.16 19.10 -1.86
N HIS C 143 20.71 18.60 -3.02
CA HIS C 143 19.88 19.42 -3.90
C HIS C 143 18.49 18.85 -4.11
N LEU C 144 18.24 17.73 -3.42
CA LEU C 144 16.95 17.06 -3.41
C LEU C 144 16.62 17.07 -1.91
N GLN C 145 16.16 18.22 -1.41
CA GLN C 145 15.88 18.38 0.02
C GLN C 145 14.76 17.52 0.57
N ARG C 146 14.92 17.09 1.82
CA ARG C 146 13.92 16.29 2.50
C ARG C 146 13.14 17.22 3.43
N VAL C 147 13.61 18.46 3.52
CA VAL C 147 12.94 19.50 4.33
C VAL C 147 11.64 19.82 3.61
N ASP C 148 10.64 20.29 4.36
CA ASP C 148 9.36 20.65 3.76
C ASP C 148 9.64 21.54 2.54
N GLU C 149 9.12 21.13 1.38
CA GLU C 149 9.35 21.85 0.14
C GLU C 149 9.01 23.34 0.09
N GLN C 150 8.25 23.82 1.06
CA GLN C 150 7.88 25.23 1.09
C GLN C 150 8.99 26.10 1.70
N LEU C 151 9.93 25.45 2.37
CA LEU C 151 11.04 26.17 3.02
C LEU C 151 12.35 26.12 2.25
N GLY C 152 13.22 27.09 2.53
CA GLY C 152 14.52 27.14 1.89
C GLY C 152 15.42 26.12 2.56
N SER C 153 16.47 25.66 1.87
CA SER C 153 17.35 24.66 2.45
C SER C 153 18.83 24.97 2.28
N HIS C 154 19.20 25.59 1.17
CA HIS C 154 20.59 25.93 0.96
C HIS C 154 20.72 27.40 0.59
N THR C 155 21.73 28.05 1.16
CA THR C 155 21.94 29.48 0.92
C THR C 155 22.64 29.72 -0.41
N ILE C 156 22.16 30.70 -1.16
CA ILE C 156 22.78 30.98 -2.44
C ILE C 156 23.51 32.32 -2.44
N ASP C 157 24.58 32.40 -3.22
CA ASP C 157 25.30 33.64 -3.36
C ASP C 157 24.70 34.26 -4.62
N ILE C 158 24.36 35.53 -4.55
CA ILE C 158 23.76 36.24 -5.68
C ILE C 158 24.68 37.37 -6.16
N GLU C 159 24.73 37.58 -7.47
CA GLU C 159 25.53 38.66 -8.05
C GLU C 159 24.84 39.97 -7.67
N PRO C 160 25.60 40.91 -7.06
CA PRO C 160 25.04 42.20 -6.64
C PRO C 160 24.37 43.01 -7.76
N THR C 161 24.81 42.82 -9.00
CA THR C 161 24.23 43.54 -10.11
C THR C 161 23.19 42.74 -10.88
N SER C 162 22.71 41.65 -10.26
CA SER C 162 21.71 40.77 -10.87
C SER C 162 20.30 41.33 -10.86
N GLU C 163 19.51 40.91 -11.85
CA GLU C 163 18.10 41.28 -11.91
C GLU C 163 17.51 40.57 -10.69
N LEU C 164 18.15 39.46 -10.33
CA LEU C 164 17.77 38.62 -9.20
C LEU C 164 18.07 39.36 -7.90
N ALA C 165 19.10 40.19 -7.95
CA ALA C 165 19.53 40.98 -6.81
C ALA C 165 18.48 42.02 -6.45
N LYS C 166 17.60 42.29 -7.40
CA LYS C 166 16.54 43.27 -7.19
C LYS C 166 15.38 42.68 -6.39
N HIS C 167 15.43 41.39 -6.11
CA HIS C 167 14.35 40.74 -5.37
C HIS C 167 14.82 39.95 -4.16
N HIS C 168 15.99 39.32 -4.28
CA HIS C 168 16.53 38.54 -3.19
C HIS C 168 17.84 39.12 -2.66
N PRO C 169 18.04 39.05 -1.33
CA PRO C 169 19.28 39.56 -0.76
C PRO C 169 20.32 38.45 -0.89
N ASN C 170 21.59 38.79 -0.78
CA ASN C 170 22.63 37.77 -0.86
C ASN C 170 22.49 36.86 0.37
N LYS C 171 22.92 35.61 0.23
CA LYS C 171 22.84 34.64 1.32
C LYS C 171 21.41 34.26 1.66
N LYS C 172 20.56 34.31 0.65
CA LYS C 172 19.15 33.98 0.75
C LYS C 172 18.96 32.46 0.77
N LEU C 173 18.13 31.96 1.67
CA LEU C 173 17.84 30.54 1.76
C LEU C 173 16.77 30.22 0.71
N VAL C 174 17.05 29.23 -0.11
CA VAL C 174 16.17 28.85 -1.20
C VAL C 174 15.96 27.33 -1.21
N ASN C 175 14.81 26.86 -1.73
CA ASN C 175 14.54 25.42 -1.75
C ASN C 175 15.25 24.68 -2.88
N SER C 176 15.13 23.36 -2.90
CA SER C 176 15.85 22.57 -3.88
C SER C 176 15.26 21.15 -4.06
N LEU C 177 14.90 20.83 -5.30
CA LEU C 177 14.31 19.54 -5.65
C LEU C 177 14.82 19.14 -7.04
N HIS C 178 16.10 18.81 -7.13
CA HIS C 178 16.66 18.42 -8.40
C HIS C 178 17.87 17.56 -8.15
N HIS C 179 18.26 16.79 -9.17
CA HIS C 179 19.40 15.92 -9.07
C HIS C 179 20.31 16.16 -10.25
N GLN C 180 19.93 17.10 -11.11
CA GLN C 180 20.72 17.47 -12.28
C GLN C 180 21.15 18.95 -12.19
N PHE C 181 22.19 19.30 -12.96
CA PHE C 181 22.67 20.68 -12.95
C PHE C 181 23.13 21.14 -14.33
N ILE C 182 23.26 22.46 -14.48
CA ILE C 182 23.75 23.01 -15.72
C ILE C 182 25.25 22.71 -15.72
N LYS C 183 25.79 22.28 -16.86
CA LYS C 183 27.20 21.97 -16.96
C LYS C 183 27.84 23.13 -17.73
N LYS C 184 27.81 23.04 -19.05
CA LYS C 184 28.37 24.10 -19.89
C LYS C 184 27.25 25.11 -20.16
N LEU C 185 27.45 26.36 -19.74
CA LEU C 185 26.46 27.40 -19.95
C LEU C 185 26.38 27.75 -21.43
N ALA C 186 25.18 27.99 -21.92
CA ALA C 186 25.04 28.35 -23.32
C ALA C 186 25.46 29.80 -23.50
N PRO C 187 25.76 30.21 -24.74
CA PRO C 187 26.17 31.59 -25.02
C PRO C 187 25.01 32.58 -24.83
N SER C 188 25.36 33.82 -24.45
CA SER C 188 24.39 34.89 -24.21
C SER C 188 23.65 34.75 -22.88
N PHE C 189 24.33 34.17 -21.90
CA PHE C 189 23.78 33.99 -20.56
C PHE C 189 24.87 34.24 -19.55
N LYS C 190 24.47 34.40 -18.29
CA LYS C 190 25.42 34.63 -17.23
C LYS C 190 24.86 34.03 -15.96
N VAL C 191 25.71 33.39 -15.17
CA VAL C 191 25.24 32.81 -13.91
C VAL C 191 25.07 33.95 -12.92
N THR C 192 23.93 33.97 -12.24
CA THR C 192 23.62 35.02 -11.29
C THR C 192 23.50 34.52 -9.85
N ALA C 193 23.55 33.20 -9.67
CA ALA C 193 23.46 32.62 -8.33
C ALA C 193 24.06 31.22 -8.25
N ARG C 194 24.70 30.95 -7.12
CA ARG C 194 25.32 29.66 -6.86
C ARG C 194 25.18 29.28 -5.39
N THR C 195 25.18 27.99 -5.11
CA THR C 195 25.13 27.51 -3.73
C THR C 195 26.59 27.41 -3.33
N ALA C 196 26.88 27.26 -2.04
CA ALA C 196 28.27 27.16 -1.56
C ALA C 196 28.96 26.05 -2.33
N ASP C 197 28.15 25.37 -3.13
CA ASP C 197 28.48 24.25 -3.99
C ASP C 197 29.26 24.60 -5.26
N GLY C 198 29.02 25.80 -5.77
CA GLY C 198 29.64 26.19 -7.03
C GLY C 198 28.58 25.90 -8.09
N MSE C 199 27.60 25.06 -7.73
CA MSE C 199 26.50 24.69 -8.63
C MSE C 199 25.64 25.90 -8.99
O MSE C 199 25.24 26.69 -8.13
CB MSE C 199 25.63 23.61 -7.98
CG MSE C 199 26.33 22.27 -7.73
SE MSE C 199 27.02 21.48 -9.35
CE MSE C 199 28.75 22.36 -9.38
N ILE C 200 25.35 26.02 -10.28
CA ILE C 200 24.53 27.12 -10.79
C ILE C 200 23.07 27.06 -10.35
N GLU C 201 22.63 28.09 -9.64
CA GLU C 201 21.25 28.16 -9.14
C GLU C 201 20.36 29.21 -9.79
N ALA C 202 20.96 30.08 -10.62
CA ALA C 202 20.18 31.11 -11.31
C ALA C 202 20.94 31.61 -12.55
N VAL C 203 20.21 31.80 -13.65
CA VAL C 203 20.78 32.27 -14.89
C VAL C 203 19.93 33.40 -15.51
N GLU C 204 20.60 34.40 -16.07
CA GLU C 204 19.90 35.51 -16.68
C GLU C 204 20.50 35.69 -18.06
N GLY C 205 19.74 36.32 -18.94
CA GLY C 205 20.22 36.52 -20.29
C GLY C 205 21.24 37.63 -20.50
N ASP C 206 22.07 37.45 -21.51
CA ASP C 206 23.09 38.44 -21.85
C ASP C 206 22.83 38.90 -23.28
N ASN C 207 22.21 40.06 -23.40
CA ASN C 207 21.87 40.63 -24.70
C ASN C 207 20.90 39.74 -25.47
N LEU C 208 19.98 39.08 -24.77
CA LEU C 208 18.99 38.24 -25.41
C LEU C 208 17.84 39.11 -25.89
N PRO C 209 17.10 38.67 -26.92
CA PRO C 209 15.98 39.47 -27.43
C PRO C 209 14.86 39.70 -26.42
N SER C 210 14.71 38.80 -25.45
CA SER C 210 13.65 38.97 -24.47
C SER C 210 14.12 38.92 -23.02
N TRP C 211 13.32 39.49 -22.14
CA TRP C 211 13.61 39.50 -20.73
C TRP C 211 13.73 38.04 -20.28
N TYR C 212 14.71 37.73 -19.44
CA TYR C 212 14.88 36.37 -18.99
C TYR C 212 15.45 36.18 -17.60
N LEU C 213 14.85 35.26 -16.86
CA LEU C 213 15.31 34.89 -15.51
C LEU C 213 15.11 33.39 -15.37
N GLY C 214 16.21 32.69 -15.10
CA GLY C 214 16.14 31.24 -14.93
C GLY C 214 16.53 30.90 -13.51
N VAL C 215 15.68 30.17 -12.82
CA VAL C 215 15.96 29.81 -11.44
C VAL C 215 15.92 28.30 -11.24
N GLN C 216 16.89 27.78 -10.48
CA GLN C 216 17.03 26.35 -10.23
C GLN C 216 16.08 25.84 -9.14
N TRP C 217 15.64 26.72 -8.26
CA TRP C 217 14.76 26.30 -7.18
C TRP C 217 13.29 26.40 -7.58
N HIS C 218 12.39 26.17 -6.62
CA HIS C 218 10.94 26.22 -6.86
C HIS C 218 10.26 27.34 -6.11
N PRO C 219 10.34 28.59 -6.62
CA PRO C 219 9.72 29.73 -5.96
C PRO C 219 8.19 29.64 -5.85
N GLU C 220 7.58 28.86 -6.74
CA GLU C 220 6.13 28.72 -6.74
C GLU C 220 5.65 27.95 -5.49
N LEU C 221 6.59 27.32 -4.78
CA LEU C 221 6.26 26.58 -3.58
C LEU C 221 6.55 27.41 -2.32
N MSE C 222 7.25 28.53 -2.50
CA MSE C 222 7.61 29.43 -1.40
C MSE C 222 6.84 30.76 -1.35
O MSE C 222 6.64 31.30 -0.27
CB MSE C 222 9.11 29.76 -1.49
CG MSE C 222 10.06 28.59 -1.60
SE MSE C 222 11.89 29.23 -1.91
CE MSE C 222 12.22 29.96 -0.14
N PHE C 223 6.41 31.27 -2.50
CA PHE C 223 5.71 32.56 -2.55
C PHE C 223 4.53 32.64 -1.59
N GLN C 224 3.96 31.49 -1.25
CA GLN C 224 2.85 31.47 -0.32
C GLN C 224 3.31 32.05 1.02
N THR C 225 4.53 31.69 1.40
CA THR C 225 5.11 32.12 2.66
C THR C 225 6.43 32.85 2.48
N ASP C 226 6.57 33.60 1.38
CA ASP C 226 7.81 34.32 1.13
C ASP C 226 7.63 35.42 0.07
N PRO C 227 7.29 36.64 0.54
CA PRO C 227 7.06 37.83 -0.29
C PRO C 227 8.09 38.08 -1.40
N GLU C 228 9.35 37.73 -1.16
CA GLU C 228 10.37 37.94 -2.18
C GLU C 228 10.16 36.99 -3.35
N SER C 229 9.84 35.74 -3.04
CA SER C 229 9.62 34.76 -4.08
C SER C 229 8.46 35.21 -4.96
N GLU C 230 7.46 35.84 -4.35
CA GLU C 230 6.34 36.34 -5.13
C GLU C 230 6.80 37.40 -6.11
N GLN C 231 7.80 38.19 -5.70
CA GLN C 231 8.33 39.25 -6.56
C GLN C 231 8.83 38.72 -7.90
N LEU C 232 9.34 37.49 -7.90
CA LEU C 232 9.84 36.90 -9.14
C LEU C 232 8.70 36.72 -10.14
N PHE C 233 7.51 36.36 -9.65
CA PHE C 233 6.38 36.18 -10.55
C PHE C 233 5.82 37.53 -10.98
N GLN C 234 5.74 38.46 -10.03
CA GLN C 234 5.24 39.79 -10.31
C GLN C 234 6.11 40.42 -11.40
N ALA C 235 7.40 40.13 -11.33
CA ALA C 235 8.35 40.64 -12.31
C ALA C 235 8.06 40.08 -13.70
N LEU C 236 7.63 38.83 -13.78
CA LEU C 236 7.32 38.23 -15.08
C LEU C 236 6.11 38.91 -15.72
N VAL C 237 4.99 38.97 -14.99
CA VAL C 237 3.80 39.59 -15.54
C VAL C 237 3.98 41.10 -15.81
N ASP C 238 4.80 41.78 -15.03
CA ASP C 238 5.01 43.21 -15.28
C ASP C 238 5.75 43.42 -16.59
N GLU C 239 6.65 42.49 -16.91
CA GLU C 239 7.40 42.54 -18.16
C GLU C 239 6.48 42.16 -19.31
N SER C 240 5.57 41.22 -19.04
CA SER C 240 4.62 40.75 -20.04
C SER C 240 3.59 41.83 -20.34
N LYS C 241 3.39 42.72 -19.39
CA LYS C 241 2.44 43.81 -19.55
C LYS C 241 2.94 44.74 -20.68
N LEU D 3 2.29 -39.79 -28.12
CA LEU D 3 2.35 -38.29 -28.20
C LEU D 3 1.05 -37.68 -27.66
N LYS D 4 1.20 -36.83 -26.65
CA LYS D 4 0.08 -36.18 -25.93
C LYS D 4 -0.98 -35.39 -26.71
N PRO D 5 -2.26 -35.53 -26.31
CA PRO D 5 -3.32 -34.79 -27.01
C PRO D 5 -3.22 -33.31 -26.61
N VAL D 6 -3.47 -32.44 -27.59
CA VAL D 6 -3.40 -31.00 -27.39
C VAL D 6 -4.70 -30.42 -26.79
N ILE D 7 -4.56 -29.71 -25.68
CA ILE D 7 -5.70 -29.09 -25.03
C ILE D 7 -5.55 -27.57 -25.09
N GLY D 8 -6.49 -26.91 -25.77
CA GLY D 8 -6.43 -25.46 -25.85
C GLY D 8 -6.98 -24.85 -24.58
N ILE D 9 -6.19 -24.03 -23.90
CA ILE D 9 -6.70 -23.39 -22.69
C ILE D 9 -7.03 -21.94 -22.99
N THR D 10 -8.29 -21.61 -22.79
CA THR D 10 -8.80 -20.30 -23.06
C THR D 10 -8.22 -19.22 -22.13
N GLY D 11 -7.73 -18.14 -22.73
CA GLY D 11 -7.13 -17.07 -21.94
C GLY D 11 -8.10 -16.34 -21.07
N GLN D 30 -4.13 -18.63 -14.20
CA GLN D 30 -4.07 -19.43 -15.42
C GLN D 30 -3.22 -20.69 -15.26
N GLN D 31 -2.09 -20.54 -14.56
CA GLN D 31 -1.12 -21.61 -14.33
C GLN D 31 -1.66 -22.93 -13.80
N ARG D 32 -2.63 -22.85 -12.89
CA ARG D 32 -3.21 -24.06 -12.30
C ARG D 32 -3.96 -24.88 -13.33
N TYR D 33 -4.32 -24.26 -14.46
CA TYR D 33 -5.01 -24.99 -15.51
C TYR D 33 -4.00 -25.76 -16.35
N VAL D 34 -2.83 -25.18 -16.59
CA VAL D 34 -1.85 -25.90 -17.38
C VAL D 34 -1.26 -27.03 -16.54
N ASP D 35 -1.14 -26.80 -15.23
CA ASP D 35 -0.59 -27.83 -14.33
C ASP D 35 -1.50 -29.05 -14.36
N ALA D 36 -2.80 -28.81 -14.22
CA ALA D 36 -3.77 -29.90 -14.21
C ALA D 36 -3.69 -30.73 -15.48
N ILE D 37 -3.64 -30.06 -16.64
CA ILE D 37 -3.57 -30.77 -17.91
C ILE D 37 -2.26 -31.55 -18.06
N GLN D 38 -1.15 -30.96 -17.61
CA GLN D 38 0.14 -31.65 -17.71
C GLN D 38 0.18 -32.85 -16.75
N LYS D 39 -0.39 -32.69 -15.57
CA LYS D 39 -0.43 -33.75 -14.58
C LYS D 39 -1.17 -34.97 -15.12
N VAL D 40 -2.15 -34.72 -15.97
CA VAL D 40 -2.98 -35.77 -16.54
C VAL D 40 -2.53 -36.29 -17.93
N GLY D 41 -1.43 -35.75 -18.43
CA GLY D 41 -0.90 -36.23 -19.69
C GLY D 41 -1.20 -35.48 -20.96
N GLY D 42 -1.87 -34.33 -20.86
CA GLY D 42 -2.17 -33.58 -22.06
C GLY D 42 -1.12 -32.51 -22.27
N PHE D 43 -1.02 -32.00 -23.49
CA PHE D 43 -0.07 -30.93 -23.81
C PHE D 43 -0.87 -29.63 -23.91
N PRO D 44 -0.85 -28.80 -22.86
CA PRO D 44 -1.62 -27.56 -22.94
C PRO D 44 -1.02 -26.50 -23.84
N ILE D 45 -1.91 -25.71 -24.41
CA ILE D 45 -1.57 -24.60 -25.29
C ILE D 45 -2.54 -23.53 -24.83
N ALA D 46 -2.04 -22.32 -24.61
CA ALA D 46 -2.91 -21.24 -24.17
C ALA D 46 -3.33 -20.47 -25.41
N LEU D 47 -4.63 -20.29 -25.59
CA LEU D 47 -5.16 -19.56 -26.73
C LEU D 47 -5.42 -18.13 -26.34
N PRO D 48 -4.71 -17.18 -26.94
CA PRO D 48 -4.92 -15.77 -26.58
C PRO D 48 -6.22 -15.30 -27.17
N ILE D 49 -6.71 -14.16 -26.70
CA ILE D 49 -7.92 -13.59 -27.25
C ILE D 49 -7.56 -13.13 -28.67
N ASP D 50 -8.41 -13.47 -29.63
CA ASP D 50 -8.18 -13.12 -31.03
C ASP D 50 -9.53 -12.84 -31.67
N ASP D 51 -9.53 -12.46 -32.95
CA ASP D 51 -10.78 -12.19 -33.65
C ASP D 51 -11.61 -13.46 -33.79
N PRO D 52 -12.94 -13.37 -33.55
CA PRO D 52 -13.87 -14.50 -33.63
C PRO D 52 -13.66 -15.39 -34.85
N SER D 53 -13.27 -14.77 -35.97
CA SER D 53 -13.05 -15.49 -37.22
C SER D 53 -11.83 -16.40 -37.20
N THR D 54 -10.97 -16.27 -36.19
CA THR D 54 -9.78 -17.12 -36.11
C THR D 54 -10.08 -18.35 -35.28
N ALA D 55 -11.29 -18.40 -34.72
CA ALA D 55 -11.67 -19.53 -33.88
C ALA D 55 -11.54 -20.91 -34.54
N VAL D 56 -11.87 -20.99 -35.83
CA VAL D 56 -11.79 -22.26 -36.54
C VAL D 56 -10.35 -22.77 -36.59
N GLN D 57 -9.42 -21.88 -36.94
CA GLN D 57 -8.01 -22.24 -37.01
C GLN D 57 -7.52 -22.66 -35.63
N ALA D 58 -7.95 -21.93 -34.61
CA ALA D 58 -7.55 -22.23 -33.23
C ALA D 58 -7.93 -23.65 -32.84
N ILE D 59 -9.20 -23.99 -33.03
CA ILE D 59 -9.69 -25.32 -32.70
C ILE D 59 -9.04 -26.39 -33.56
N SER D 60 -8.62 -26.03 -34.77
CA SER D 60 -7.98 -27.01 -35.66
C SER D 60 -6.63 -27.39 -35.11
N LEU D 61 -6.14 -26.58 -34.18
CA LEU D 61 -4.84 -26.82 -33.59
C LEU D 61 -4.92 -27.73 -32.37
N VAL D 62 -6.13 -27.95 -31.84
CA VAL D 62 -6.28 -28.78 -30.64
C VAL D 62 -7.25 -29.96 -30.74
N ASP D 63 -7.17 -30.86 -29.76
CA ASP D 63 -8.02 -32.04 -29.69
C ASP D 63 -9.10 -31.88 -28.62
N GLY D 64 -8.91 -30.87 -27.78
CA GLY D 64 -9.87 -30.60 -26.71
C GLY D 64 -9.78 -29.13 -26.34
N LEU D 65 -10.86 -28.62 -25.76
CA LEU D 65 -10.94 -27.22 -25.35
C LEU D 65 -11.30 -27.11 -23.88
N LEU D 66 -10.49 -26.37 -23.12
CA LEU D 66 -10.74 -26.14 -21.71
C LEU D 66 -11.07 -24.66 -21.51
N LEU D 67 -12.26 -24.35 -21.01
CA LEU D 67 -12.62 -22.96 -20.79
C LEU D 67 -12.40 -22.63 -19.33
N THR D 68 -11.65 -21.56 -19.09
CA THR D 68 -11.30 -21.15 -17.74
C THR D 68 -12.18 -20.06 -17.14
N GLY D 69 -11.97 -19.83 -15.85
CA GLY D 69 -12.71 -18.82 -15.13
C GLY D 69 -12.27 -17.44 -15.58
N GLY D 70 -12.91 -16.42 -15.04
CA GLY D 70 -12.58 -15.05 -15.40
C GLY D 70 -13.69 -14.10 -15.09
N GLN D 71 -13.75 -12.99 -15.82
CA GLN D 71 -14.77 -11.98 -15.57
C GLN D 71 -16.19 -12.37 -15.95
N ASP D 72 -17.17 -11.62 -15.46
CA ASP D 72 -18.56 -11.92 -15.78
C ASP D 72 -18.73 -11.74 -17.29
N ILE D 73 -19.69 -12.46 -17.85
CA ILE D 73 -19.93 -12.40 -19.28
C ILE D 73 -20.70 -11.14 -19.66
N THR D 74 -20.34 -10.55 -20.80
CA THR D 74 -21.02 -9.36 -21.29
C THR D 74 -22.52 -9.65 -21.33
N PRO D 75 -23.31 -8.92 -20.54
CA PRO D 75 -24.76 -9.12 -20.48
C PRO D 75 -25.50 -8.98 -21.82
N GLN D 76 -25.07 -8.05 -22.66
CA GLN D 76 -25.74 -7.89 -23.96
C GLN D 76 -25.74 -9.20 -24.73
N LEU D 77 -24.77 -10.07 -24.45
CA LEU D 77 -24.69 -11.35 -25.15
C LEU D 77 -25.90 -12.27 -24.82
N TYR D 78 -26.53 -12.06 -23.67
CA TYR D 78 -27.74 -12.81 -23.37
C TYR D 78 -28.92 -11.82 -23.32
N LEU D 79 -28.77 -10.79 -24.14
CA LEU D 79 -29.75 -9.74 -24.36
C LEU D 79 -30.18 -8.92 -23.14
N GLU D 80 -29.23 -8.63 -22.26
CA GLU D 80 -29.52 -7.84 -21.09
C GLU D 80 -28.60 -6.65 -20.95
N GLU D 81 -29.09 -5.59 -20.34
CA GLU D 81 -28.28 -4.40 -20.11
C GLU D 81 -27.64 -4.64 -18.75
N PRO D 82 -26.49 -4.00 -18.50
CA PRO D 82 -25.78 -4.15 -17.22
C PRO D 82 -26.52 -3.58 -16.01
N SER D 83 -26.74 -4.43 -15.01
CA SER D 83 -27.40 -3.98 -13.79
C SER D 83 -26.32 -3.34 -12.93
N GLN D 84 -26.74 -2.63 -11.88
CA GLN D 84 -25.79 -1.97 -10.99
C GLN D 84 -24.87 -2.92 -10.25
N GLU D 85 -25.31 -4.14 -9.97
CA GLU D 85 -24.43 -5.04 -9.25
C GLU D 85 -23.61 -6.00 -10.13
N ILE D 86 -23.57 -5.77 -11.43
CA ILE D 86 -22.78 -6.66 -12.27
C ILE D 86 -21.31 -6.25 -12.13
N GLY D 87 -20.40 -7.20 -12.35
CA GLY D 87 -18.99 -6.89 -12.23
C GLY D 87 -18.40 -6.45 -13.55
N ALA D 88 -17.08 -6.54 -13.66
CA ALA D 88 -16.39 -6.17 -14.88
C ALA D 88 -16.52 -7.29 -15.90
N TYR D 89 -16.54 -6.90 -17.18
CA TYR D 89 -16.61 -7.87 -18.28
C TYR D 89 -15.76 -7.34 -19.44
N PHE D 90 -15.47 -8.21 -20.40
CA PHE D 90 -14.65 -7.81 -21.55
C PHE D 90 -15.24 -8.49 -22.79
N PRO D 91 -16.04 -7.74 -23.57
CA PRO D 91 -16.68 -8.25 -24.80
C PRO D 91 -15.76 -9.04 -25.74
N PRO D 92 -14.52 -8.56 -25.95
CA PRO D 92 -13.61 -9.28 -26.85
C PRO D 92 -13.38 -10.75 -26.43
N ARG D 93 -13.28 -11.00 -25.13
CA ARG D 93 -13.06 -12.37 -24.64
C ARG D 93 -14.30 -13.21 -24.86
N ASP D 94 -15.45 -12.66 -24.52
CA ASP D 94 -16.69 -13.39 -24.68
C ASP D 94 -16.91 -13.74 -26.14
N SER D 95 -16.78 -12.76 -27.01
CA SER D 95 -16.96 -12.97 -28.44
C SER D 95 -16.13 -14.12 -28.98
N TYR D 96 -14.83 -14.08 -28.68
CA TYR D 96 -13.90 -15.11 -29.14
C TYR D 96 -14.22 -16.50 -28.58
N GLU D 97 -14.54 -16.58 -27.29
CA GLU D 97 -14.83 -17.87 -26.68
C GLU D 97 -16.11 -18.48 -27.19
N ILE D 98 -17.10 -17.64 -27.48
CA ILE D 98 -18.35 -18.15 -28.02
C ILE D 98 -17.99 -18.78 -29.36
N ALA D 99 -17.17 -18.07 -30.15
CA ALA D 99 -16.75 -18.58 -31.45
C ALA D 99 -16.01 -19.91 -31.29
N LEU D 100 -15.13 -20.00 -30.29
CA LEU D 100 -14.39 -21.24 -30.03
C LEU D 100 -15.37 -22.37 -29.71
N VAL D 101 -16.28 -22.12 -28.78
CA VAL D 101 -17.25 -23.13 -28.40
C VAL D 101 -17.93 -23.70 -29.64
N ARG D 102 -18.29 -22.82 -30.56
CA ARG D 102 -18.96 -23.25 -31.78
C ARG D 102 -18.07 -24.07 -32.73
N ALA D 103 -16.87 -23.58 -32.99
CA ALA D 103 -15.98 -24.32 -33.87
C ALA D 103 -15.68 -25.69 -33.26
N ALA D 104 -15.73 -25.76 -31.94
CA ALA D 104 -15.47 -27.00 -31.22
C ALA D 104 -16.59 -28.00 -31.42
N LEU D 105 -17.81 -27.55 -31.17
CA LEU D 105 -18.99 -28.39 -31.34
C LEU D 105 -19.08 -28.87 -32.77
N ASP D 106 -18.66 -28.03 -33.71
CA ASP D 106 -18.70 -28.39 -35.12
C ASP D 106 -17.70 -29.52 -35.38
N ALA D 107 -16.56 -29.45 -34.71
CA ALA D 107 -15.52 -30.46 -34.86
C ALA D 107 -15.80 -31.70 -34.01
N GLY D 108 -16.76 -31.57 -33.10
CA GLY D 108 -17.10 -32.69 -32.23
C GLY D 108 -16.05 -32.91 -31.15
N LYS D 109 -15.10 -32.00 -31.04
CA LYS D 109 -14.06 -32.12 -30.04
C LYS D 109 -14.61 -31.81 -28.65
N PRO D 110 -14.15 -32.54 -27.62
CA PRO D 110 -14.57 -32.39 -26.23
C PRO D 110 -14.34 -31.02 -25.59
N ILE D 111 -15.26 -30.65 -24.70
CA ILE D 111 -15.17 -29.38 -24.00
C ILE D 111 -15.38 -29.51 -22.50
N PHE D 112 -14.52 -28.86 -21.75
CA PHE D 112 -14.60 -28.84 -20.31
C PHE D 112 -14.66 -27.36 -19.99
N ALA D 113 -15.66 -26.96 -19.20
CA ALA D 113 -15.82 -25.55 -18.84
C ALA D 113 -15.85 -25.39 -17.31
N ILE D 114 -15.15 -24.37 -16.82
CA ILE D 114 -15.02 -24.11 -15.39
C ILE D 114 -15.45 -22.70 -14.97
N CYS D 115 -16.41 -22.62 -14.04
CA CYS D 115 -16.87 -21.32 -13.54
C CYS D 115 -17.38 -20.50 -14.70
N ARG D 116 -16.84 -19.30 -14.87
CA ARG D 116 -17.22 -18.43 -15.97
C ARG D 116 -17.47 -19.27 -17.24
N GLY D 117 -16.59 -20.25 -17.47
CA GLY D 117 -16.69 -21.12 -18.63
C GLY D 117 -18.03 -21.80 -18.78
N MSE D 118 -18.53 -22.40 -17.72
CA MSE D 118 -19.82 -23.06 -17.79
C MSE D 118 -20.89 -22.03 -18.13
O MSE D 118 -21.84 -22.32 -18.85
CB MSE D 118 -20.15 -23.72 -16.45
CG MSE D 118 -21.46 -24.49 -16.45
SE MSE D 118 -21.86 -25.09 -14.65
CE MSE D 118 -22.34 -23.35 -13.91
N GLN D 119 -20.71 -20.83 -17.60
CA GLN D 119 -21.67 -19.78 -17.84
C GLN D 119 -21.59 -19.28 -19.27
N LEU D 120 -20.38 -19.21 -19.82
CA LEU D 120 -20.25 -18.73 -21.19
C LEU D 120 -20.90 -19.72 -22.17
N VAL D 121 -20.62 -21.00 -21.99
CA VAL D 121 -21.21 -22.02 -22.84
C VAL D 121 -22.74 -21.82 -22.82
N ASN D 122 -23.30 -21.70 -21.62
CA ASN D 122 -24.73 -21.51 -21.48
C ASN D 122 -25.23 -20.30 -22.26
N VAL D 123 -24.46 -19.22 -22.25
CA VAL D 123 -24.85 -18.02 -22.98
C VAL D 123 -24.66 -18.22 -24.49
N ALA D 124 -23.58 -18.88 -24.87
CA ALA D 124 -23.31 -19.14 -26.29
C ALA D 124 -24.47 -19.84 -27.01
N LEU D 125 -25.15 -20.74 -26.32
CA LEU D 125 -26.24 -21.47 -26.95
C LEU D 125 -27.65 -21.01 -26.57
N GLY D 126 -27.79 -19.74 -26.21
CA GLY D 126 -29.10 -19.20 -25.88
C GLY D 126 -29.67 -19.15 -24.47
N GLY D 127 -28.88 -19.46 -23.43
CA GLY D 127 -29.40 -19.39 -22.07
C GLY D 127 -29.15 -18.04 -21.41
N THR D 128 -29.57 -17.87 -20.15
CA THR D 128 -29.33 -16.61 -19.45
C THR D 128 -28.65 -16.78 -18.09
N LEU D 129 -28.26 -15.65 -17.49
CA LEU D 129 -27.61 -15.65 -16.20
C LEU D 129 -28.21 -14.65 -15.21
N TYR D 130 -27.98 -14.90 -13.93
CA TYR D 130 -28.40 -13.97 -12.88
C TYR D 130 -27.16 -13.06 -12.82
N GLN D 131 -27.33 -11.77 -12.99
CA GLN D 131 -26.20 -10.87 -12.99
C GLN D 131 -25.49 -10.74 -11.65
N ASP D 132 -26.18 -11.06 -10.57
CA ASP D 132 -25.60 -11.02 -9.24
C ASP D 132 -26.40 -11.85 -8.25
N ILE D 133 -25.72 -12.34 -7.22
CA ILE D 133 -26.34 -13.17 -6.20
C ILE D 133 -27.50 -12.49 -5.47
N SER D 134 -27.46 -11.17 -5.34
CA SER D 134 -28.55 -10.45 -4.68
C SER D 134 -29.84 -10.46 -5.52
N GLN D 135 -29.73 -10.88 -6.78
CA GLN D 135 -30.89 -10.90 -7.67
C GLN D 135 -31.64 -12.23 -7.69
N VAL D 136 -31.09 -13.24 -7.06
CA VAL D 136 -31.78 -14.52 -7.03
C VAL D 136 -32.98 -14.30 -6.12
N GLU D 137 -34.12 -14.92 -6.45
CA GLU D 137 -35.34 -14.77 -5.68
C GLU D 137 -35.19 -15.20 -4.24
N THR D 138 -34.39 -16.23 -4.02
CA THR D 138 -34.18 -16.74 -2.68
C THR D 138 -32.78 -16.32 -2.19
N LYS D 139 -32.61 -16.21 -0.88
CA LYS D 139 -31.30 -15.83 -0.34
C LYS D 139 -30.37 -17.04 -0.48
N ALA D 140 -29.50 -16.97 -1.48
CA ALA D 140 -28.56 -18.05 -1.75
C ALA D 140 -27.43 -18.15 -0.73
N LEU D 141 -26.74 -19.30 -0.76
CA LEU D 141 -25.62 -19.55 0.12
C LEU D 141 -24.42 -18.75 -0.36
N GLN D 142 -23.32 -18.82 0.37
CA GLN D 142 -22.15 -18.06 -0.05
C GLN D 142 -21.55 -18.80 -1.24
N HIS D 143 -21.27 -18.07 -2.32
CA HIS D 143 -20.66 -18.68 -3.49
C HIS D 143 -19.32 -18.04 -3.84
N LEU D 144 -18.93 -17.04 -3.04
CA LEU D 144 -17.64 -16.38 -3.17
C LEU D 144 -16.99 -16.68 -1.81
N GLN D 145 -16.52 -17.91 -1.66
CA GLN D 145 -15.95 -18.36 -0.39
C GLN D 145 -14.74 -17.56 0.08
N ARG D 146 -14.63 -17.42 1.40
CA ARG D 146 -13.52 -16.71 2.02
C ARG D 146 -12.53 -17.77 2.50
N VAL D 147 -12.95 -19.03 2.41
CA VAL D 147 -12.11 -20.17 2.80
C VAL D 147 -11.02 -20.38 1.75
N ASP D 148 -9.94 -21.03 2.16
CA ASP D 148 -8.82 -21.33 1.29
C ASP D 148 -9.32 -21.88 -0.06
N GLU D 149 -8.96 -21.21 -1.15
CA GLU D 149 -9.38 -21.58 -2.50
C GLU D 149 -9.32 -23.07 -2.86
N GLN D 150 -8.38 -23.78 -2.24
CA GLN D 150 -8.16 -25.19 -2.52
C GLN D 150 -9.12 -26.11 -1.78
N LEU D 151 -9.81 -25.57 -0.78
CA LEU D 151 -10.74 -26.37 0.01
C LEU D 151 -12.17 -26.18 -0.46
N GLY D 152 -12.96 -27.25 -0.37
CA GLY D 152 -14.35 -27.17 -0.76
C GLY D 152 -15.03 -26.37 0.32
N SER D 153 -16.22 -25.85 0.04
CA SER D 153 -16.92 -25.04 1.04
C SER D 153 -18.43 -25.32 1.10
N HIS D 154 -19.03 -25.69 -0.03
CA HIS D 154 -20.45 -26.00 -0.05
C HIS D 154 -20.71 -27.34 -0.74
N THR D 155 -21.57 -28.15 -0.13
CA THR D 155 -21.86 -29.47 -0.66
C THR D 155 -22.85 -29.46 -1.82
N ILE D 156 -22.60 -30.31 -2.80
CA ILE D 156 -23.45 -30.40 -3.98
C ILE D 156 -24.21 -31.72 -4.11
N ASP D 157 -25.47 -31.65 -4.51
CA ASP D 157 -26.26 -32.84 -4.74
C ASP D 157 -25.92 -33.15 -6.19
N ILE D 158 -25.69 -34.42 -6.50
CA ILE D 158 -25.33 -34.80 -7.85
C ILE D 158 -26.26 -35.84 -8.43
N GLU D 159 -26.63 -35.64 -9.69
CA GLU D 159 -27.51 -36.57 -10.40
C GLU D 159 -26.73 -37.88 -10.56
N PRO D 160 -27.18 -38.96 -9.91
CA PRO D 160 -26.48 -40.25 -10.00
C PRO D 160 -26.32 -40.83 -11.41
N THR D 161 -27.09 -40.33 -12.36
CA THR D 161 -27.05 -40.80 -13.75
C THR D 161 -26.02 -40.08 -14.63
N SER D 162 -25.52 -38.94 -14.15
CA SER D 162 -24.59 -38.11 -14.90
C SER D 162 -23.12 -38.52 -15.01
N GLU D 163 -22.44 -37.83 -15.92
CA GLU D 163 -21.01 -38.02 -16.17
C GLU D 163 -20.25 -37.63 -14.92
N LEU D 164 -20.69 -36.55 -14.28
CA LEU D 164 -20.04 -36.08 -13.06
C LEU D 164 -20.10 -37.18 -12.00
N ALA D 165 -21.24 -37.85 -11.94
CA ALA D 165 -21.46 -38.93 -10.97
C ALA D 165 -20.38 -40.01 -11.03
N LYS D 166 -19.75 -40.15 -12.19
CA LYS D 166 -18.69 -41.13 -12.40
C LYS D 166 -17.38 -40.74 -11.73
N HIS D 167 -17.29 -39.49 -11.30
CA HIS D 167 -16.07 -39.01 -10.70
C HIS D 167 -16.21 -38.45 -9.28
N HIS D 168 -17.41 -37.99 -8.94
CA HIS D 168 -17.65 -37.46 -7.60
C HIS D 168 -18.88 -38.11 -6.99
N PRO D 169 -18.80 -38.45 -5.70
CA PRO D 169 -19.96 -39.06 -5.04
C PRO D 169 -20.95 -37.97 -4.69
N ASN D 170 -22.18 -38.36 -4.38
CA ASN D 170 -23.21 -37.39 -4.02
C ASN D 170 -22.77 -36.71 -2.73
N LYS D 171 -23.15 -35.45 -2.56
CA LYS D 171 -22.78 -34.68 -1.38
C LYS D 171 -21.29 -34.33 -1.34
N LYS D 172 -20.69 -34.22 -2.52
CA LYS D 172 -19.27 -33.86 -2.63
C LYS D 172 -19.14 -32.40 -2.22
N LEU D 173 -18.00 -32.04 -1.65
CA LEU D 173 -17.73 -30.69 -1.22
C LEU D 173 -16.82 -30.04 -2.24
N VAL D 174 -17.26 -28.93 -2.84
CA VAL D 174 -16.46 -28.22 -3.85
C VAL D 174 -16.34 -26.75 -3.47
N ASN D 175 -15.35 -26.08 -4.03
CA ASN D 175 -15.12 -24.67 -3.74
C ASN D 175 -16.09 -23.78 -4.49
N SER D 176 -15.87 -22.48 -4.42
CA SER D 176 -16.77 -21.55 -5.07
C SER D 176 -16.17 -20.15 -5.09
N LEU D 177 -16.02 -19.58 -6.28
CA LEU D 177 -15.47 -18.25 -6.48
C LEU D 177 -16.29 -17.51 -7.54
N HIS D 178 -17.53 -17.16 -7.23
CA HIS D 178 -18.38 -16.50 -8.21
C HIS D 178 -19.53 -15.77 -7.56
N HIS D 179 -20.12 -14.82 -8.30
CA HIS D 179 -21.26 -14.07 -7.80
C HIS D 179 -22.40 -14.06 -8.82
N GLN D 180 -22.23 -14.78 -9.93
CA GLN D 180 -23.28 -14.88 -10.94
C GLN D 180 -23.67 -16.36 -11.07
N PHE D 181 -24.85 -16.60 -11.62
CA PHE D 181 -25.31 -17.98 -11.79
C PHE D 181 -26.09 -18.16 -13.08
N ILE D 182 -26.26 -19.40 -13.49
CA ILE D 182 -27.06 -19.67 -14.69
C ILE D 182 -28.50 -19.42 -14.27
N LYS D 183 -29.24 -18.67 -15.09
CA LYS D 183 -30.64 -18.39 -14.82
C LYS D 183 -31.41 -19.38 -15.69
N LYS D 184 -31.61 -19.03 -16.96
CA LYS D 184 -32.30 -19.93 -17.86
C LYS D 184 -31.29 -20.84 -18.54
N LEU D 185 -31.44 -22.14 -18.34
CA LEU D 185 -30.55 -23.12 -18.95
C LEU D 185 -30.83 -23.18 -20.44
N ALA D 186 -29.77 -23.21 -21.24
CA ALA D 186 -29.92 -23.27 -22.67
C ALA D 186 -30.42 -24.66 -23.07
N PRO D 187 -31.13 -24.74 -24.20
CA PRO D 187 -31.64 -26.03 -24.68
C PRO D 187 -30.50 -26.99 -25.01
N SER D 188 -30.78 -28.30 -24.90
CA SER D 188 -29.80 -29.36 -25.16
C SER D 188 -28.77 -29.50 -24.03
N PHE D 189 -29.18 -29.13 -22.83
CA PHE D 189 -28.31 -29.22 -21.67
C PHE D 189 -29.13 -29.71 -20.48
N LYS D 190 -28.46 -30.44 -19.58
CA LYS D 190 -29.09 -30.98 -18.39
C LYS D 190 -28.31 -30.44 -17.19
N VAL D 191 -29.00 -30.05 -16.12
CA VAL D 191 -28.31 -29.58 -14.93
C VAL D 191 -27.88 -30.88 -14.27
N THR D 192 -26.66 -30.93 -13.77
CA THR D 192 -26.15 -32.15 -13.15
C THR D 192 -25.85 -32.07 -11.66
N ALA D 193 -25.68 -30.86 -11.14
CA ALA D 193 -25.41 -30.67 -9.72
C ALA D 193 -25.89 -29.31 -9.26
N ARG D 194 -26.37 -29.24 -8.03
CA ARG D 194 -26.87 -28.01 -7.43
C ARG D 194 -26.41 -27.97 -5.98
N THR D 195 -26.36 -26.76 -5.42
CA THR D 195 -26.00 -26.61 -4.01
C THR D 195 -27.34 -26.59 -3.28
N ALA D 196 -27.30 -26.61 -1.95
CA ALA D 196 -28.52 -26.64 -1.14
C ALA D 196 -29.51 -25.51 -1.46
N ASP D 197 -28.99 -24.41 -1.97
CA ASP D 197 -29.83 -23.27 -2.34
C ASP D 197 -30.41 -23.45 -3.75
N GLY D 198 -30.25 -24.65 -4.31
CA GLY D 198 -30.76 -24.96 -5.63
C GLY D 198 -30.06 -24.29 -6.81
N MSE D 199 -28.89 -23.70 -6.57
CA MSE D 199 -28.16 -23.02 -7.62
C MSE D 199 -27.38 -24.02 -8.48
O MSE D 199 -26.74 -24.94 -7.96
CB MSE D 199 -27.22 -21.97 -7.01
CG MSE D 199 -27.95 -20.81 -6.35
SE MSE D 199 -28.92 -19.69 -7.64
CE MSE D 199 -30.72 -20.38 -7.35
N ILE D 200 -27.42 -23.83 -9.80
CA ILE D 200 -26.75 -24.71 -10.75
C ILE D 200 -25.22 -24.73 -10.60
N GLU D 201 -24.68 -25.89 -10.23
CA GLU D 201 -23.24 -26.06 -10.02
C GLU D 201 -22.55 -26.93 -11.06
N ALA D 202 -23.32 -27.65 -11.86
CA ALA D 202 -22.75 -28.50 -12.90
C ALA D 202 -23.76 -28.73 -14.02
N VAL D 203 -23.28 -28.69 -15.26
CA VAL D 203 -24.13 -28.87 -16.41
C VAL D 203 -23.51 -29.77 -17.46
N GLU D 204 -24.30 -30.69 -18.00
CA GLU D 204 -23.83 -31.59 -19.05
C GLU D 204 -24.73 -31.44 -20.26
N GLY D 205 -24.20 -31.80 -21.42
CA GLY D 205 -25.00 -31.68 -22.62
C GLY D 205 -26.00 -32.81 -22.79
N ASP D 206 -26.86 -32.66 -23.80
CA ASP D 206 -27.87 -33.65 -24.12
C ASP D 206 -28.06 -33.65 -25.64
N ASN D 207 -27.56 -34.69 -26.29
CA ASN D 207 -27.67 -34.82 -27.75
C ASN D 207 -26.73 -33.83 -28.44
N LEU D 208 -25.70 -33.36 -27.73
CA LEU D 208 -24.74 -32.43 -28.32
C LEU D 208 -23.72 -33.16 -29.18
N PRO D 209 -23.22 -32.50 -30.23
CA PRO D 209 -22.22 -33.07 -31.13
C PRO D 209 -20.86 -33.41 -30.52
N SER D 210 -20.66 -33.04 -29.26
CA SER D 210 -19.39 -33.34 -28.60
C SER D 210 -19.56 -33.52 -27.11
N TRP D 211 -18.64 -34.26 -26.52
CA TRP D 211 -18.62 -34.54 -25.09
C TRP D 211 -18.55 -33.21 -24.35
N TYR D 212 -19.26 -33.08 -23.24
CA TYR D 212 -19.23 -31.82 -22.49
C TYR D 212 -19.52 -31.89 -21.01
N LEU D 213 -18.74 -31.15 -20.23
CA LEU D 213 -18.92 -31.05 -18.80
C LEU D 213 -18.59 -29.63 -18.36
N GLY D 214 -19.52 -29.03 -17.62
CA GLY D 214 -19.30 -27.69 -17.13
C GLY D 214 -19.56 -27.65 -15.63
N VAL D 215 -18.56 -27.23 -14.85
CA VAL D 215 -18.72 -27.15 -13.40
C VAL D 215 -18.58 -25.69 -13.01
N GLN D 216 -19.32 -25.28 -12.00
CA GLN D 216 -19.32 -23.89 -11.54
C GLN D 216 -18.16 -23.61 -10.59
N TRP D 217 -17.59 -24.66 -10.03
CA TRP D 217 -16.47 -24.50 -9.09
C TRP D 217 -15.11 -24.45 -9.77
N HIS D 218 -14.04 -24.57 -9.00
CA HIS D 218 -12.68 -24.52 -9.54
C HIS D 218 -11.86 -25.76 -9.20
N PRO D 219 -12.02 -26.83 -9.99
CA PRO D 219 -11.29 -28.08 -9.76
C PRO D 219 -9.80 -27.93 -9.98
N GLU D 220 -9.42 -26.97 -10.82
CA GLU D 220 -8.00 -26.73 -11.09
C GLU D 220 -7.28 -26.28 -9.82
N LEU D 221 -8.04 -25.85 -8.82
CA LEU D 221 -7.46 -25.39 -7.56
C LEU D 221 -7.55 -26.45 -6.48
N MSE D 222 -8.17 -27.58 -6.82
CA MSE D 222 -8.35 -28.68 -5.87
C MSE D 222 -7.61 -29.97 -6.28
O MSE D 222 -7.24 -30.75 -5.43
CB MSE D 222 -9.83 -29.00 -5.72
CG MSE D 222 -10.76 -27.85 -5.37
SE MSE D 222 -12.64 -28.47 -5.34
CE MSE D 222 -12.51 -29.59 -3.77
N PHE D 223 -7.44 -30.19 -7.58
CA PHE D 223 -6.80 -31.41 -8.08
C PHE D 223 -5.47 -31.82 -7.43
N GLN D 224 -4.75 -30.87 -6.86
CA GLN D 224 -3.47 -31.19 -6.24
C GLN D 224 -3.73 -31.90 -4.92
N THR D 225 -4.91 -31.63 -4.36
CA THR D 225 -5.32 -32.20 -3.08
C THR D 225 -6.46 -33.21 -3.20
N ASP D 226 -7.26 -33.09 -4.25
CA ASP D 226 -8.39 -33.98 -4.43
C ASP D 226 -8.30 -34.82 -5.69
N PRO D 227 -7.87 -36.08 -5.57
CA PRO D 227 -7.76 -36.95 -6.74
C PRO D 227 -9.02 -37.03 -7.60
N GLU D 228 -10.18 -36.92 -6.97
CA GLU D 228 -11.43 -36.96 -7.72
C GLU D 228 -11.45 -35.76 -8.68
N SER D 229 -11.02 -34.59 -8.19
CA SER D 229 -10.98 -33.39 -9.03
C SER D 229 -10.07 -33.60 -10.23
N GLU D 230 -8.98 -34.35 -10.03
CA GLU D 230 -8.05 -34.63 -11.11
C GLU D 230 -8.74 -35.47 -12.19
N GLN D 231 -9.62 -36.38 -11.76
CA GLN D 231 -10.34 -37.23 -12.70
C GLN D 231 -11.09 -36.42 -13.76
N LEU D 232 -11.60 -35.25 -13.37
CA LEU D 232 -12.32 -34.42 -14.34
C LEU D 232 -11.42 -34.02 -15.47
N PHE D 233 -10.22 -33.55 -15.15
CA PHE D 233 -9.29 -33.16 -16.20
C PHE D 233 -8.83 -34.39 -16.97
N GLN D 234 -8.61 -35.50 -16.27
CA GLN D 234 -8.20 -36.73 -16.91
C GLN D 234 -9.27 -37.18 -17.93
N ALA D 235 -10.54 -36.95 -17.58
CA ALA D 235 -11.65 -37.31 -18.46
C ALA D 235 -11.59 -36.48 -19.75
N LEU D 236 -11.32 -35.19 -19.61
CA LEU D 236 -11.22 -34.31 -20.77
C LEU D 236 -10.17 -34.81 -21.74
N VAL D 237 -8.98 -35.09 -21.22
CA VAL D 237 -7.85 -35.57 -22.01
C VAL D 237 -8.11 -36.94 -22.66
N ASP D 238 -8.73 -37.86 -21.93
CA ASP D 238 -9.03 -39.17 -22.49
C ASP D 238 -10.01 -39.05 -23.65
N GLU D 239 -10.99 -38.16 -23.50
CA GLU D 239 -11.98 -37.93 -24.54
C GLU D 239 -11.29 -37.28 -25.74
N SER D 240 -10.39 -36.35 -25.47
CA SER D 240 -9.66 -35.65 -26.52
C SER D 240 -8.77 -36.58 -27.32
N LYS D 241 -8.20 -37.57 -26.66
CA LYS D 241 -7.33 -38.52 -27.33
C LYS D 241 -8.08 -39.26 -28.43
N LYS D 242 -9.40 -39.36 -28.27
CA LYS D 242 -10.24 -40.07 -29.24
C LYS D 242 -10.19 -39.52 -30.67
N THR D 243 -9.36 -38.50 -30.90
CA THR D 243 -9.22 -37.92 -32.24
C THR D 243 -7.76 -37.93 -32.70
N LEU E 3 1.73 -44.08 19.58
CA LEU E 3 2.54 -42.85 19.87
C LEU E 3 3.73 -42.64 18.93
N LYS E 4 3.86 -41.40 18.46
CA LYS E 4 4.94 -41.01 17.56
C LYS E 4 5.95 -40.22 18.36
N PRO E 5 7.19 -40.08 17.85
CA PRO E 5 8.19 -39.32 18.60
C PRO E 5 7.81 -37.84 18.55
N VAL E 6 7.88 -37.17 19.68
CA VAL E 6 7.54 -35.77 19.75
C VAL E 6 8.72 -34.88 19.39
N ILE E 7 8.53 -33.99 18.42
CA ILE E 7 9.58 -33.08 18.00
C ILE E 7 9.26 -31.67 18.41
N GLY E 8 10.15 -31.07 19.19
CA GLY E 8 9.95 -29.70 19.62
C GLY E 8 10.50 -28.77 18.56
N ILE E 9 9.62 -27.93 18.02
CA ILE E 9 10.00 -26.98 16.97
C ILE E 9 10.10 -25.59 17.59
N THR E 10 11.31 -25.02 17.56
CA THR E 10 11.54 -23.70 18.12
C THR E 10 10.79 -22.60 17.35
N GLY E 11 10.32 -21.59 18.08
CA GLY E 11 9.58 -20.51 17.44
C GLY E 11 10.39 -19.26 17.17
N GLN E 30 7.30 -22.02 11.98
CA GLN E 30 6.39 -21.81 10.87
C GLN E 30 5.78 -23.10 10.33
N GLN E 31 4.62 -22.95 9.68
CA GLN E 31 3.87 -24.06 9.12
C GLN E 31 4.65 -25.10 8.33
N ARG E 32 5.54 -24.65 7.46
CA ARG E 32 6.32 -25.60 6.66
C ARG E 32 7.09 -26.58 7.54
N TYR E 33 7.57 -26.14 8.68
CA TYR E 33 8.29 -27.02 9.59
C TYR E 33 7.38 -28.11 10.14
N VAL E 34 6.21 -27.72 10.63
CA VAL E 34 5.30 -28.73 11.15
C VAL E 34 4.92 -29.69 10.02
N ASP E 35 4.71 -29.13 8.82
CA ASP E 35 4.34 -29.95 7.67
C ASP E 35 5.38 -31.03 7.41
N ALA E 36 6.65 -30.66 7.54
CA ALA E 36 7.74 -31.59 7.29
C ALA E 36 7.76 -32.71 8.32
N ILE E 37 7.69 -32.34 9.59
CA ILE E 37 7.72 -33.32 10.67
C ILE E 37 6.55 -34.30 10.61
N GLN E 38 5.34 -33.78 10.35
CA GLN E 38 4.15 -34.60 10.25
C GLN E 38 4.22 -35.55 9.06
N LYS E 39 4.73 -35.04 7.94
CA LYS E 39 4.88 -35.83 6.73
C LYS E 39 5.83 -37.00 6.94
N VAL E 40 6.70 -36.86 7.94
CA VAL E 40 7.69 -37.88 8.23
C VAL E 40 7.32 -38.79 9.41
N GLY E 41 6.11 -38.62 9.94
CA GLY E 41 5.67 -39.47 11.03
C GLY E 41 5.99 -39.02 12.44
N GLY E 42 6.35 -37.76 12.60
CA GLY E 42 6.63 -37.27 13.94
C GLY E 42 5.44 -36.47 14.42
N PHE E 43 5.38 -36.18 15.71
CA PHE E 43 4.29 -35.37 16.27
C PHE E 43 4.92 -34.08 16.78
N PRO E 44 4.80 -32.99 16.00
CA PRO E 44 5.39 -31.71 16.42
C PRO E 44 4.61 -30.90 17.43
N ILE E 45 5.36 -30.08 18.16
CA ILE E 45 4.80 -29.14 19.10
C ILE E 45 5.76 -27.97 18.99
N ALA E 46 5.22 -26.76 19.01
CA ALA E 46 6.06 -25.57 18.93
C ALA E 46 6.38 -25.04 20.33
N LEU E 47 7.66 -24.88 20.62
CA LEU E 47 8.11 -24.38 21.91
C LEU E 47 8.27 -22.89 21.82
N PRO E 48 7.31 -22.13 22.38
CA PRO E 48 7.42 -20.68 22.32
C PRO E 48 8.58 -20.19 23.15
N ILE E 49 8.94 -18.92 22.98
CA ILE E 49 10.03 -18.31 23.73
C ILE E 49 9.66 -18.23 25.20
N ASP E 50 10.57 -18.70 26.06
CA ASP E 50 10.35 -18.67 27.50
C ASP E 50 11.67 -18.32 28.16
N ASP E 51 11.68 -18.29 29.50
CA ASP E 51 12.88 -17.98 30.24
C ASP E 51 13.82 -19.19 30.18
N PRO E 52 15.12 -18.93 30.01
CA PRO E 52 16.12 -20.01 29.93
C PRO E 52 15.98 -21.13 30.97
N SER E 53 15.49 -20.81 32.16
CA SER E 53 15.38 -21.81 33.21
C SER E 53 14.34 -22.89 32.89
N THR E 54 13.47 -22.65 31.91
CA THR E 54 12.46 -23.63 31.56
C THR E 54 12.87 -24.53 30.40
N ALA E 55 14.08 -24.34 29.88
CA ALA E 55 14.52 -25.16 28.76
C ALA E 55 14.57 -26.63 29.14
N VAL E 56 14.97 -26.90 30.38
CA VAL E 56 15.04 -28.28 30.83
C VAL E 56 13.68 -28.94 30.77
N GLN E 57 12.68 -28.26 31.31
CA GLN E 57 11.34 -28.81 31.29
C GLN E 57 10.93 -29.02 29.84
N ALA E 58 11.16 -27.99 29.02
CA ALA E 58 10.81 -28.02 27.61
C ALA E 58 11.30 -29.30 26.92
N ILE E 59 12.61 -29.53 26.98
CA ILE E 59 13.22 -30.70 26.37
C ILE E 59 12.73 -32.02 26.98
N SER E 60 12.27 -31.97 28.22
CA SER E 60 11.78 -33.18 28.88
C SER E 60 10.47 -33.60 28.23
N LEU E 61 9.94 -32.74 27.37
CA LEU E 61 8.70 -33.02 26.66
C LEU E 61 8.92 -33.65 25.30
N VAL E 62 10.07 -33.40 24.69
CA VAL E 62 10.34 -33.94 23.36
C VAL E 62 11.39 -35.05 23.29
N ASP E 63 11.43 -35.71 22.14
CA ASP E 63 12.37 -36.78 21.88
C ASP E 63 13.37 -36.29 20.83
N GLY E 64 13.04 -35.14 20.25
CA GLY E 64 13.90 -34.56 19.23
C GLY E 64 13.76 -33.05 19.25
N LEU E 65 14.78 -32.35 18.76
CA LEU E 65 14.76 -30.89 18.75
C LEU E 65 15.03 -30.33 17.36
N LEU E 66 14.17 -29.42 16.93
CA LEU E 66 14.27 -28.81 15.61
C LEU E 66 14.36 -27.29 15.74
N LEU E 67 15.49 -26.73 15.32
CA LEU E 67 15.70 -25.29 15.37
C LEU E 67 15.38 -24.70 14.00
N THR E 68 14.57 -23.64 14.01
CA THR E 68 14.13 -22.99 12.78
C THR E 68 14.85 -21.69 12.44
N GLY E 69 14.52 -21.16 11.27
CA GLY E 69 15.10 -19.92 10.81
C GLY E 69 14.55 -18.74 11.58
N GLY E 70 14.93 -17.54 11.15
CA GLY E 70 14.47 -16.33 11.81
C GLY E 70 15.55 -15.26 11.83
N GLN E 71 15.40 -14.30 12.75
CA GLN E 71 16.31 -13.17 12.89
C GLN E 71 17.77 -13.48 13.19
N ASP E 72 18.64 -12.52 12.90
CA ASP E 72 20.07 -12.66 13.16
C ASP E 72 20.28 -12.91 14.65
N ILE E 73 21.33 -13.64 14.98
CA ILE E 73 21.62 -13.94 16.37
C ILE E 73 22.28 -12.74 17.04
N THR E 74 21.84 -12.44 18.26
CA THR E 74 22.37 -11.31 19.02
C THR E 74 23.90 -11.34 19.03
N PRO E 75 24.53 -10.28 18.50
CA PRO E 75 25.98 -10.14 18.40
C PRO E 75 26.76 -10.30 19.71
N GLN E 76 26.32 -9.64 20.76
CA GLN E 76 27.02 -9.75 22.03
C GLN E 76 27.27 -11.21 22.42
N LEU E 77 26.31 -12.09 22.11
CA LEU E 77 26.44 -13.52 22.43
C LEU E 77 27.71 -14.16 21.92
N TYR E 78 28.30 -13.57 20.87
CA TYR E 78 29.57 -14.07 20.37
C TYR E 78 30.61 -12.96 20.48
N LEU E 79 30.47 -12.21 21.57
CA LEU E 79 31.37 -11.13 21.96
C LEU E 79 31.65 -10.05 20.91
N GLU E 80 30.59 -9.49 20.35
CA GLU E 80 30.71 -8.45 19.35
C GLU E 80 29.58 -7.44 19.47
N GLU E 81 29.91 -6.17 19.26
CA GLU E 81 28.89 -5.13 19.30
C GLU E 81 28.25 -5.16 17.92
N PRO E 82 27.07 -4.54 17.76
CA PRO E 82 26.42 -4.54 16.44
C PRO E 82 27.05 -3.66 15.37
N SER E 83 27.41 -4.26 14.25
CA SER E 83 27.97 -3.50 13.12
C SER E 83 26.76 -2.92 12.41
N GLN E 84 26.95 -1.82 11.70
CA GLN E 84 25.80 -1.21 11.04
C GLN E 84 25.33 -1.91 9.77
N GLU E 85 25.59 -3.22 9.70
CA GLU E 85 25.18 -4.03 8.55
C GLU E 85 24.28 -5.16 9.08
N ILE E 86 24.17 -5.25 10.41
CA ILE E 86 23.36 -6.29 11.03
C ILE E 86 21.87 -6.00 10.96
N GLY E 87 21.08 -7.06 10.90
CA GLY E 87 19.64 -6.88 10.83
C GLY E 87 19.07 -6.90 12.22
N ALA E 88 17.79 -7.25 12.32
CA ALA E 88 17.15 -7.28 13.63
C ALA E 88 17.56 -8.55 14.38
N TYR E 89 17.32 -8.54 15.67
CA TYR E 89 17.63 -9.69 16.51
C TYR E 89 16.89 -9.52 17.81
N PHE E 90 16.47 -10.63 18.40
CA PHE E 90 15.72 -10.60 19.63
C PHE E 90 16.43 -11.47 20.67
N PRO E 91 17.24 -10.85 21.54
CA PRO E 91 17.99 -11.53 22.59
C PRO E 91 17.24 -12.61 23.36
N PRO E 92 15.99 -12.34 23.76
CA PRO E 92 15.25 -13.37 24.51
C PRO E 92 15.14 -14.71 23.76
N ARG E 93 15.12 -14.67 22.44
CA ARG E 93 15.02 -15.91 21.67
C ARG E 93 16.33 -16.67 21.72
N ASP E 94 17.43 -15.97 21.48
CA ASP E 94 18.75 -16.58 21.50
C ASP E 94 19.04 -17.25 22.83
N SER E 95 18.74 -16.57 23.93
CA SER E 95 18.97 -17.15 25.23
C SER E 95 18.22 -18.46 25.36
N TYR E 96 16.91 -18.42 25.08
CA TYR E 96 16.10 -19.62 25.21
C TYR E 96 16.61 -20.77 24.35
N GLU E 97 16.95 -20.50 23.09
CA GLU E 97 17.43 -21.58 22.24
C GLU E 97 18.76 -22.12 22.75
N ILE E 98 19.62 -21.24 23.25
CA ILE E 98 20.90 -21.67 23.80
C ILE E 98 20.63 -22.74 24.86
N ALA E 99 19.90 -22.36 25.90
CA ALA E 99 19.57 -23.30 26.98
C ALA E 99 18.93 -24.53 26.38
N LEU E 100 18.08 -24.31 25.38
CA LEU E 100 17.39 -25.41 24.70
C LEU E 100 18.37 -26.43 24.13
N VAL E 101 19.40 -25.99 23.41
CA VAL E 101 20.36 -26.95 22.86
C VAL E 101 21.15 -27.62 23.98
N ARG E 102 21.50 -26.87 25.02
CA ARG E 102 22.26 -27.44 26.12
C ARG E 102 21.49 -28.59 26.80
N ALA E 103 20.21 -28.36 27.10
CA ALA E 103 19.40 -29.39 27.73
C ALA E 103 19.21 -30.58 26.80
N ALA E 104 19.25 -30.34 25.49
CA ALA E 104 19.08 -31.40 24.50
C ALA E 104 20.35 -32.22 24.41
N LEU E 105 21.49 -31.53 24.44
CA LEU E 105 22.78 -32.20 24.37
C LEU E 105 22.95 -33.05 25.62
N ASP E 106 22.67 -32.45 26.77
CA ASP E 106 22.77 -33.13 28.05
C ASP E 106 21.81 -34.31 28.13
N ALA E 107 20.63 -34.16 27.54
CA ALA E 107 19.64 -35.24 27.54
C ALA E 107 19.98 -36.27 26.46
N GLY E 108 20.95 -35.94 25.62
CA GLY E 108 21.34 -36.85 24.56
C GLY E 108 20.35 -36.99 23.40
N LYS E 109 19.43 -36.03 23.28
CA LYS E 109 18.44 -36.08 22.20
C LYS E 109 18.95 -35.48 20.89
N PRO E 110 18.51 -36.03 19.76
CA PRO E 110 18.90 -35.58 18.43
C PRO E 110 18.49 -34.14 18.10
N ILE E 111 19.34 -33.44 17.34
CA ILE E 111 19.08 -32.05 16.95
C ILE E 111 19.28 -31.78 15.45
N PHE E 112 18.33 -31.06 14.86
CA PHE E 112 18.39 -30.68 13.45
C PHE E 112 18.17 -29.17 13.40
N ALA E 113 19.18 -28.43 12.97
CA ALA E 113 19.11 -26.98 12.91
C ALA E 113 19.05 -26.46 11.47
N ILE E 114 18.16 -25.50 11.22
CA ILE E 114 17.97 -24.92 9.89
C ILE E 114 18.27 -23.41 9.82
N CYS E 115 19.06 -23.01 8.83
CA CYS E 115 19.42 -21.60 8.64
C CYS E 115 19.90 -20.98 9.93
N ARG E 116 19.09 -20.09 10.51
CA ARG E 116 19.41 -19.44 11.77
C ARG E 116 19.76 -20.50 12.81
N GLY E 117 19.09 -21.64 12.71
CA GLY E 117 19.31 -22.72 13.65
C GLY E 117 20.76 -23.15 13.74
N MSE E 118 21.34 -23.47 12.60
CA MSE E 118 22.74 -23.89 12.55
C MSE E 118 23.68 -22.84 13.10
O MSE E 118 24.76 -23.15 13.63
CB MSE E 118 23.13 -24.22 11.11
CG MSE E 118 24.58 -24.58 10.93
SE MSE E 118 25.03 -24.71 9.06
CE MSE E 118 25.40 -22.84 8.67
N GLN E 119 23.30 -21.56 12.97
CA GLN E 119 24.14 -20.50 13.46
C GLN E 119 24.01 -20.35 14.97
N LEU E 120 22.82 -20.61 15.50
CA LEU E 120 22.64 -20.50 16.95
C LEU E 120 23.45 -21.58 17.64
N VAL E 121 23.29 -22.83 17.18
CA VAL E 121 24.07 -23.91 17.78
C VAL E 121 25.58 -23.56 17.77
N ASN E 122 26.06 -23.02 16.66
CA ASN E 122 27.47 -22.65 16.56
C ASN E 122 27.83 -21.66 17.68
N VAL E 123 27.00 -20.63 17.85
CA VAL E 123 27.20 -19.61 18.86
C VAL E 123 27.04 -20.14 20.27
N ALA E 124 26.10 -21.06 20.44
CA ALA E 124 25.84 -21.67 21.73
C ALA E 124 27.04 -22.45 22.24
N LEU E 125 27.96 -22.79 21.34
CA LEU E 125 29.13 -23.55 21.73
C LEU E 125 30.48 -22.89 21.48
N GLY E 126 30.50 -21.56 21.45
CA GLY E 126 31.76 -20.86 21.28
C GLY E 126 32.09 -20.31 19.90
N GLY E 127 31.28 -20.66 18.90
CA GLY E 127 31.53 -20.19 17.55
C GLY E 127 31.26 -18.70 17.34
N THR E 128 31.60 -18.22 16.16
CA THR E 128 31.42 -16.82 15.78
C THR E 128 30.76 -16.69 14.41
N LEU E 129 30.17 -15.54 14.12
CA LEU E 129 29.51 -15.34 12.82
C LEU E 129 29.99 -14.10 12.07
N TYR E 130 29.63 -14.04 10.79
CA TYR E 130 29.91 -12.88 9.97
C TYR E 130 28.61 -12.08 10.12
N GLN E 131 28.68 -10.82 10.52
CA GLN E 131 27.45 -10.04 10.69
C GLN E 131 26.74 -9.73 9.38
N ASP E 132 27.44 -9.86 8.26
CA ASP E 132 26.86 -9.59 6.94
C ASP E 132 27.78 -10.01 5.77
N ILE E 133 27.17 -10.32 4.62
CA ILE E 133 27.90 -10.72 3.42
C ILE E 133 29.04 -9.78 3.06
N SER E 134 28.75 -8.49 3.06
CA SER E 134 29.75 -7.47 2.70
C SER E 134 31.04 -7.57 3.50
N GLN E 135 30.96 -8.18 4.67
CA GLN E 135 32.10 -8.33 5.57
C GLN E 135 33.01 -9.52 5.31
N VAL E 136 32.67 -10.39 4.35
CA VAL E 136 33.53 -11.52 4.06
C VAL E 136 34.68 -11.04 3.19
N GLU E 137 35.90 -11.51 3.49
CA GLU E 137 37.11 -11.11 2.78
C GLU E 137 37.04 -11.13 1.26
N THR E 138 36.46 -12.18 0.73
CA THR E 138 36.34 -12.33 -0.71
C THR E 138 34.87 -12.31 -1.11
N LYS E 139 34.54 -11.66 -2.22
CA LYS E 139 33.14 -11.57 -2.65
C LYS E 139 32.51 -12.96 -2.66
N ALA E 140 31.42 -13.08 -1.91
CA ALA E 140 30.69 -14.34 -1.80
C ALA E 140 29.64 -14.43 -2.89
N LEU E 141 29.03 -15.61 -3.02
CA LEU E 141 27.98 -15.81 -4.01
C LEU E 141 26.70 -15.30 -3.39
N GLN E 142 25.61 -15.29 -4.15
CA GLN E 142 24.34 -14.83 -3.62
C GLN E 142 23.85 -15.85 -2.62
N HIS E 143 23.42 -15.38 -1.45
CA HIS E 143 22.91 -16.26 -0.41
C HIS E 143 21.51 -15.86 0.02
N LEU E 144 21.04 -14.75 -0.53
CA LEU E 144 19.68 -14.29 -0.27
C LEU E 144 19.10 -14.33 -1.69
N GLN E 145 18.77 -15.54 -2.14
CA GLN E 145 18.26 -15.76 -3.49
C GLN E 145 16.94 -15.08 -3.81
N ARG E 146 16.75 -14.78 -5.09
CA ARG E 146 15.52 -14.16 -5.55
C ARG E 146 14.70 -15.19 -6.32
N VAL E 147 15.26 -16.40 -6.42
CA VAL E 147 14.60 -17.54 -7.06
C VAL E 147 13.61 -17.98 -6.02
N ASP E 148 12.40 -18.38 -6.41
CA ASP E 148 11.44 -18.74 -5.39
C ASP E 148 11.94 -19.83 -4.44
N GLU E 149 11.78 -19.51 -3.15
CA GLU E 149 12.19 -20.32 -2.01
C GLU E 149 12.17 -21.83 -2.14
N GLN E 150 11.20 -22.35 -2.89
CA GLN E 150 11.09 -23.78 -3.06
C GLN E 150 12.22 -24.39 -3.87
N LEU E 151 12.85 -23.59 -4.72
CA LEU E 151 13.92 -24.10 -5.56
C LEU E 151 15.35 -23.83 -5.06
N GLY E 152 16.25 -24.74 -5.42
CA GLY E 152 17.64 -24.61 -5.03
C GLY E 152 18.28 -23.54 -5.91
N SER E 153 19.22 -22.78 -5.35
CA SER E 153 19.88 -21.70 -6.07
C SER E 153 21.39 -21.85 -6.28
N HIS E 154 22.12 -22.27 -5.24
CA HIS E 154 23.55 -22.43 -5.37
C HIS E 154 23.99 -23.87 -5.12
N THR E 155 25.09 -24.26 -5.76
CA THR E 155 25.62 -25.62 -5.67
C THR E 155 26.48 -25.81 -4.43
N ILE E 156 26.30 -26.93 -3.74
CA ILE E 156 27.11 -27.19 -2.55
C ILE E 156 27.95 -28.44 -2.69
N ASP E 157 29.14 -28.39 -2.13
CA ASP E 157 30.06 -29.52 -2.14
C ASP E 157 29.87 -30.22 -0.80
N ILE E 158 29.68 -31.54 -0.84
CA ILE E 158 29.43 -32.30 0.37
C ILE E 158 30.54 -33.30 0.67
N GLU E 159 30.85 -33.47 1.95
CA GLU E 159 31.86 -34.42 2.40
C GLU E 159 31.29 -35.81 2.22
N PRO E 160 31.98 -36.67 1.43
CA PRO E 160 31.51 -38.03 1.16
C PRO E 160 31.33 -38.88 2.42
N THR E 161 32.08 -38.56 3.45
CA THR E 161 32.02 -39.31 4.70
C THR E 161 30.93 -38.82 5.65
N SER E 162 30.45 -37.60 5.41
CA SER E 162 29.43 -36.97 6.26
C SER E 162 28.06 -37.67 6.37
N GLU E 163 27.29 -37.24 7.37
CA GLU E 163 25.93 -37.74 7.59
C GLU E 163 25.07 -37.18 6.45
N LEU E 164 25.37 -35.94 6.05
CA LEU E 164 24.64 -35.30 4.97
C LEU E 164 24.79 -36.12 3.69
N ALA E 165 25.94 -36.76 3.53
CA ALA E 165 26.23 -37.56 2.34
C ALA E 165 25.24 -38.72 2.18
N LYS E 166 24.71 -39.21 3.30
CA LYS E 166 23.75 -40.31 3.29
C LYS E 166 22.43 -39.93 2.63
N HIS E 167 22.12 -38.64 2.57
CA HIS E 167 20.86 -38.19 1.98
C HIS E 167 20.97 -37.22 0.82
N HIS E 168 22.14 -36.64 0.61
CA HIS E 168 22.32 -35.68 -0.48
C HIS E 168 23.55 -36.00 -1.32
N PRO E 169 23.39 -36.03 -2.64
CA PRO E 169 24.57 -36.33 -3.46
C PRO E 169 25.38 -35.04 -3.59
N ASN E 170 26.68 -35.21 -3.81
CA ASN E 170 27.59 -34.08 -3.98
C ASN E 170 27.11 -33.20 -5.14
N LYS E 171 27.24 -31.89 -4.95
CA LYS E 171 26.86 -30.88 -5.95
C LYS E 171 25.36 -30.63 -6.01
N LYS E 172 24.64 -31.02 -4.96
CA LYS E 172 23.20 -30.80 -4.91
C LYS E 172 22.91 -29.30 -4.90
N LEU E 173 21.84 -28.91 -5.58
CA LEU E 173 21.45 -27.51 -5.60
C LEU E 173 20.59 -27.30 -4.37
N VAL E 174 20.87 -26.22 -3.67
CA VAL E 174 20.18 -25.93 -2.42
C VAL E 174 19.73 -24.47 -2.40
N ASN E 175 18.64 -24.16 -1.71
CA ASN E 175 18.18 -22.77 -1.64
C ASN E 175 19.00 -21.98 -0.62
N SER E 176 18.73 -20.67 -0.52
CA SER E 176 19.47 -19.80 0.37
C SER E 176 18.71 -18.52 0.69
N LEU E 177 18.45 -18.30 1.98
CA LEU E 177 17.73 -17.11 2.45
C LEU E 177 18.44 -16.57 3.68
N HIS E 178 19.65 -16.07 3.49
CA HIS E 178 20.43 -15.56 4.61
C HIS E 178 21.48 -14.55 4.18
N HIS E 179 21.87 -13.68 5.12
CA HIS E 179 22.88 -12.65 4.86
C HIS E 179 24.02 -12.70 5.90
N GLN E 180 24.02 -13.75 6.71
CA GLN E 180 25.08 -13.95 7.71
C GLN E 180 25.60 -15.36 7.48
N PHE E 181 26.77 -15.65 8.04
CA PHE E 181 27.38 -16.96 7.88
C PHE E 181 28.21 -17.26 9.10
N ILE E 182 28.55 -18.53 9.27
CA ILE E 182 29.40 -18.91 10.37
C ILE E 182 30.78 -18.41 10.00
N LYS E 183 31.52 -17.95 10.99
CA LYS E 183 32.87 -17.45 10.75
C LYS E 183 33.80 -18.49 11.38
N LYS E 184 33.91 -18.43 12.69
CA LYS E 184 34.76 -19.36 13.44
C LYS E 184 33.89 -20.54 13.91
N LEU E 185 34.23 -21.74 13.46
CA LEU E 185 33.49 -22.94 13.81
C LEU E 185 33.71 -23.34 15.26
N ALA E 186 32.62 -23.45 16.02
CA ALA E 186 32.71 -23.85 17.40
C ALA E 186 33.43 -25.19 17.40
N PRO E 187 34.28 -25.44 18.41
CA PRO E 187 35.01 -26.71 18.48
C PRO E 187 34.08 -27.88 18.72
N SER E 188 34.50 -29.06 18.29
CA SER E 188 33.73 -30.29 18.43
C SER E 188 32.64 -30.39 17.34
N PHE E 189 32.91 -29.72 16.22
CA PHE E 189 32.02 -29.72 15.06
C PHE E 189 32.92 -29.76 13.82
N LYS E 190 32.33 -30.10 12.68
CA LYS E 190 33.07 -30.16 11.44
C LYS E 190 32.13 -29.74 10.32
N VAL E 191 32.59 -28.90 9.41
CA VAL E 191 31.74 -28.47 8.32
C VAL E 191 31.60 -29.61 7.32
N THR E 192 30.37 -29.87 6.92
CA THR E 192 30.08 -30.94 6.00
C THR E 192 29.65 -30.48 4.60
N ALA E 193 29.43 -29.19 4.42
CA ALA E 193 29.06 -28.67 3.11
C ALA E 193 29.43 -27.20 2.95
N ARG E 194 29.83 -26.83 1.74
CA ARG E 194 30.16 -25.44 1.43
C ARG E 194 29.79 -25.14 -0.02
N THR E 195 29.57 -23.87 -0.32
CA THR E 195 29.25 -23.47 -1.69
C THR E 195 30.60 -23.15 -2.33
N ALA E 196 30.65 -23.09 -3.67
CA ALA E 196 31.87 -22.78 -4.42
C ALA E 196 32.53 -21.58 -3.75
N ASP E 197 31.69 -20.94 -2.94
CA ASP E 197 31.95 -19.76 -2.15
C ASP E 197 33.04 -19.94 -1.09
N GLY E 198 33.05 -21.11 -0.50
CA GLY E 198 33.95 -21.43 0.58
C GLY E 198 33.08 -21.26 1.83
N MSE E 199 31.94 -20.59 1.64
CA MSE E 199 31.00 -20.35 2.74
C MSE E 199 30.40 -21.66 3.26
O MSE E 199 30.03 -22.54 2.48
CB MSE E 199 29.90 -19.39 2.28
CG MSE E 199 30.38 -17.94 2.10
SE MSE E 199 31.21 -17.12 3.70
CE MSE E 199 33.04 -17.42 3.20
N ILE E 200 30.31 -21.77 4.59
CA ILE E 200 29.79 -22.95 5.27
C ILE E 200 28.29 -23.15 5.11
N GLU E 201 27.90 -24.30 4.55
CA GLU E 201 26.50 -24.61 4.32
C GLU E 201 25.95 -25.77 5.17
N ALA E 202 26.84 -26.57 5.76
CA ALA E 202 26.40 -27.67 6.61
C ALA E 202 27.43 -28.00 7.70
N VAL E 203 26.93 -28.28 8.90
CA VAL E 203 27.75 -28.62 10.05
C VAL E 203 27.23 -29.85 10.78
N GLU E 204 28.13 -30.76 11.11
CA GLU E 204 27.77 -31.98 11.82
C GLU E 204 28.64 -32.02 13.07
N GLY E 205 28.17 -32.69 14.11
CA GLY E 205 28.94 -32.74 15.34
C GLY E 205 30.08 -33.75 15.32
N ASP E 206 31.14 -33.44 16.06
CA ASP E 206 32.29 -34.33 16.14
C ASP E 206 32.29 -34.92 17.55
N ASN E 207 31.90 -36.19 17.62
CA ASN E 207 31.79 -36.92 18.87
C ASN E 207 30.99 -36.16 19.93
N LEU E 208 29.79 -35.69 19.54
CA LEU E 208 28.93 -34.97 20.47
C LEU E 208 28.08 -35.99 21.19
N PRO E 209 27.44 -35.58 22.29
CA PRO E 209 26.60 -36.54 23.04
C PRO E 209 25.27 -36.83 22.34
N SER E 210 25.09 -36.25 21.16
CA SER E 210 23.85 -36.47 20.41
C SER E 210 24.00 -36.24 18.92
N TRP E 211 23.16 -36.94 18.15
CA TRP E 211 23.15 -36.83 16.70
C TRP E 211 22.89 -35.36 16.34
N TYR E 212 23.65 -34.82 15.40
CA TYR E 212 23.43 -33.43 15.02
C TYR E 212 23.72 -33.07 13.56
N LEU E 213 22.80 -32.29 12.99
CA LEU E 213 22.93 -31.82 11.63
C LEU E 213 22.33 -30.42 11.54
N GLY E 214 23.16 -29.49 11.09
CA GLY E 214 22.74 -28.11 10.92
C GLY E 214 22.99 -27.77 9.47
N VAL E 215 21.98 -27.25 8.79
CA VAL E 215 22.13 -26.88 7.39
C VAL E 215 21.81 -25.40 7.29
N GLN E 216 22.54 -24.70 6.42
CA GLN E 216 22.36 -23.26 6.23
C GLN E 216 21.16 -22.92 5.33
N TRP E 217 20.71 -23.87 4.51
CA TRP E 217 19.57 -23.63 3.61
C TRP E 217 18.23 -23.93 4.28
N HIS E 218 17.14 -23.90 3.50
CA HIS E 218 15.79 -24.15 4.04
C HIS E 218 15.09 -25.38 3.46
N PRO E 219 15.33 -26.55 4.06
CA PRO E 219 14.70 -27.78 3.56
C PRO E 219 13.18 -27.93 3.83
N GLU E 220 12.61 -27.13 4.72
CA GLU E 220 11.17 -27.23 4.96
C GLU E 220 10.48 -26.73 3.71
N LEU E 221 11.11 -25.79 3.02
CA LEU E 221 10.53 -25.21 1.81
C LEU E 221 10.82 -26.05 0.57
N MSE E 222 11.66 -27.07 0.73
CA MSE E 222 12.04 -27.92 -0.39
C MSE E 222 11.48 -29.33 -0.37
O MSE E 222 11.24 -29.91 -1.43
CB MSE E 222 13.57 -28.02 -0.48
CG MSE E 222 14.29 -26.76 -0.95
SE MSE E 222 16.26 -26.99 -1.01
CE MSE E 222 16.39 -28.02 -2.66
N PHE E 223 11.23 -29.88 0.82
CA PHE E 223 10.75 -31.26 0.90
C PHE E 223 9.50 -31.62 0.12
N GLN E 224 8.56 -30.69 -0.01
CA GLN E 224 7.33 -31.00 -0.76
C GLN E 224 7.64 -31.30 -2.22
N THR E 225 8.80 -30.86 -2.68
CA THR E 225 9.20 -31.04 -4.08
C THR E 225 10.58 -31.68 -4.22
N ASP E 226 11.19 -32.01 -3.08
CA ASP E 226 12.51 -32.62 -3.13
C ASP E 226 12.61 -33.80 -2.17
N PRO E 227 12.41 -35.03 -2.70
CA PRO E 227 12.47 -36.24 -1.89
C PRO E 227 13.69 -36.31 -0.96
N GLU E 228 14.86 -35.93 -1.47
CA GLU E 228 16.06 -35.98 -0.65
C GLU E 228 15.93 -35.04 0.56
N SER E 229 15.29 -33.89 0.37
CA SER E 229 15.10 -32.95 1.47
C SER E 229 14.22 -33.53 2.56
N GLU E 230 13.25 -34.34 2.17
CA GLU E 230 12.35 -34.95 3.14
C GLU E 230 13.16 -35.86 4.06
N GLN E 231 14.16 -36.52 3.50
CA GLN E 231 15.01 -37.43 4.25
C GLN E 231 15.74 -36.83 5.44
N LEU E 232 16.06 -35.54 5.38
CA LEU E 232 16.74 -34.91 6.50
C LEU E 232 15.80 -34.95 7.71
N PHE E 233 14.53 -34.59 7.49
CA PHE E 233 13.57 -34.62 8.58
C PHE E 233 13.29 -36.04 9.02
N GLN E 234 13.27 -36.97 8.07
CA GLN E 234 13.02 -38.37 8.39
C GLN E 234 14.13 -38.84 9.33
N ALA E 235 15.35 -38.41 9.03
CA ALA E 235 16.52 -38.76 9.83
C ALA E 235 16.31 -38.30 11.28
N LEU E 236 15.88 -37.06 11.45
CA LEU E 236 15.64 -36.53 12.78
C LEU E 236 14.65 -37.39 13.55
N VAL E 237 13.53 -37.72 12.91
CA VAL E 237 12.50 -38.52 13.53
C VAL E 237 12.94 -39.96 13.79
N ASP E 238 13.66 -40.57 12.84
CA ASP E 238 14.15 -41.94 13.03
C ASP E 238 15.15 -41.91 14.18
N GLU E 239 15.92 -40.84 14.21
CA GLU E 239 16.93 -40.63 15.23
C GLU E 239 16.27 -40.26 16.55
N SER E 240 15.07 -39.69 16.47
CA SER E 240 14.35 -39.29 17.67
C SER E 240 13.71 -40.49 18.35
N LYS E 241 13.18 -41.41 17.56
CA LYS E 241 12.56 -42.60 18.11
C LYS E 241 13.62 -43.65 18.44
N LYS E 242 14.85 -43.42 17.98
CA LYS E 242 15.96 -44.33 18.27
C LYS E 242 16.16 -44.15 19.78
N THR E 243 16.38 -42.89 20.19
CA THR E 243 16.51 -42.57 21.60
C THR E 243 15.04 -42.68 22.00
N MSE E 244 14.75 -43.15 23.21
CA MSE E 244 13.37 -43.35 23.66
C MSE E 244 13.04 -44.82 23.37
O MSE E 244 12.50 -45.52 24.26
CB MSE E 244 12.36 -42.44 22.93
CG MSE E 244 11.49 -43.12 21.84
SE MSE E 244 10.19 -41.96 20.90
CE MSE E 244 8.87 -43.27 20.33
N LEU F 3 8.96 -27.43 38.82
CA LEU F 3 8.30 -27.76 37.52
C LEU F 3 6.90 -27.11 37.51
N LYS F 4 6.49 -26.61 36.35
CA LYS F 4 5.20 -25.94 36.22
C LYS F 4 4.24 -26.83 35.43
N PRO F 5 2.93 -26.56 35.53
CA PRO F 5 1.98 -27.39 34.78
C PRO F 5 2.06 -27.00 33.30
N VAL F 6 1.96 -27.99 32.41
CA VAL F 6 2.02 -27.71 30.98
C VAL F 6 0.64 -27.31 30.44
N ILE F 7 0.55 -26.10 29.89
CA ILE F 7 -0.70 -25.66 29.30
C ILE F 7 -0.57 -25.69 27.78
N GLY F 8 -1.40 -26.51 27.13
CA GLY F 8 -1.36 -26.61 25.68
C GLY F 8 -2.17 -25.49 25.05
N ILE F 9 -1.51 -24.64 24.28
CA ILE F 9 -2.19 -23.54 23.60
C ILE F 9 -2.47 -23.93 22.16
N THR F 10 -3.74 -23.77 21.78
CA THR F 10 -4.21 -24.11 20.44
C THR F 10 -3.83 -23.01 19.45
N GLY F 11 -3.15 -23.39 18.37
CA GLY F 11 -2.71 -22.43 17.37
C GLY F 11 -3.72 -22.13 16.28
N GLN F 30 -1.16 -14.51 18.45
CA GLN F 30 -1.24 -15.58 19.43
C GLN F 30 -0.20 -15.51 20.57
N GLN F 31 0.77 -14.63 20.43
CA GLN F 31 1.81 -14.46 21.45
C GLN F 31 1.25 -14.04 22.80
N ARG F 32 0.16 -13.28 22.81
CA ARG F 32 -0.43 -12.85 24.07
C ARG F 32 -0.99 -13.97 24.93
N TYR F 33 -1.31 -15.11 24.33
CA TYR F 33 -1.82 -16.22 25.13
C TYR F 33 -0.66 -16.87 25.87
N VAL F 34 0.49 -16.98 25.23
CA VAL F 34 1.65 -17.58 25.89
C VAL F 34 2.12 -16.63 27.00
N ASP F 35 1.99 -15.32 26.77
CA ASP F 35 2.38 -14.34 27.79
C ASP F 35 1.55 -14.51 29.04
N ALA F 36 0.24 -14.62 28.85
CA ALA F 36 -0.70 -14.78 29.96
C ALA F 36 -0.39 -16.01 30.81
N ILE F 37 -0.20 -17.15 30.16
CA ILE F 37 0.08 -18.37 30.88
C ILE F 37 1.44 -18.38 31.55
N GLN F 38 2.43 -17.75 30.93
CA GLN F 38 3.76 -17.70 31.53
C GLN F 38 3.70 -16.81 32.78
N LYS F 39 3.09 -15.65 32.63
CA LYS F 39 2.94 -14.69 33.71
C LYS F 39 2.20 -15.25 34.91
N VAL F 40 1.43 -16.32 34.68
CA VAL F 40 0.66 -16.90 35.76
C VAL F 40 1.27 -18.20 36.30
N GLY F 41 2.52 -18.47 35.93
CA GLY F 41 3.19 -19.65 36.43
C GLY F 41 3.14 -20.96 35.65
N GLY F 42 2.56 -20.95 34.46
CA GLY F 42 2.50 -22.19 33.69
C GLY F 42 3.53 -22.29 32.58
N PHE F 43 3.73 -23.50 32.05
CA PHE F 43 4.66 -23.69 30.94
C PHE F 43 3.81 -24.02 29.71
N PRO F 44 3.65 -23.04 28.79
CA PRO F 44 2.85 -23.26 27.58
C PRO F 44 3.57 -23.87 26.36
N ILE F 45 2.87 -24.74 25.65
CA ILE F 45 3.42 -25.28 24.40
C ILE F 45 2.33 -25.04 23.37
N ALA F 46 2.72 -24.74 22.14
CA ALA F 46 1.75 -24.48 21.08
C ALA F 46 1.52 -25.75 20.26
N LEU F 47 0.27 -26.18 20.18
CA LEU F 47 -0.11 -27.38 19.43
C LEU F 47 -0.57 -26.96 18.04
N PRO F 48 0.19 -27.31 16.99
CA PRO F 48 -0.20 -26.94 15.63
C PRO F 48 -1.43 -27.78 15.23
N ILE F 49 -2.18 -27.37 14.21
CA ILE F 49 -3.32 -28.22 13.86
C ILE F 49 -2.67 -29.50 13.35
N ASP F 50 -3.30 -30.65 13.63
CA ASP F 50 -2.78 -31.93 13.20
C ASP F 50 -3.99 -32.83 12.94
N ASP F 51 -3.76 -34.07 12.51
CA ASP F 51 -4.85 -34.98 12.25
C ASP F 51 -5.57 -35.32 13.57
N PRO F 52 -6.90 -35.36 13.54
CA PRO F 52 -7.71 -35.67 14.72
C PRO F 52 -7.18 -36.84 15.56
N SER F 53 -6.64 -37.84 14.88
CA SER F 53 -6.12 -39.04 15.53
C SER F 53 -4.93 -38.79 16.47
N THR F 54 -4.34 -37.60 16.41
CA THR F 54 -3.20 -37.29 17.26
C THR F 54 -3.65 -36.52 18.49
N ALA F 55 -4.94 -36.16 18.54
CA ALA F 55 -5.47 -35.41 19.67
C ALA F 55 -5.18 -36.11 21.00
N VAL F 56 -5.32 -37.44 21.00
CA VAL F 56 -5.06 -38.24 22.20
C VAL F 56 -3.66 -38.02 22.72
N GLN F 57 -2.67 -38.15 21.85
CA GLN F 57 -1.28 -37.95 22.22
C GLN F 57 -1.01 -36.51 22.63
N ALA F 58 -1.57 -35.55 21.90
CA ALA F 58 -1.36 -34.15 22.22
C ALA F 58 -1.75 -33.84 23.66
N ILE F 59 -2.95 -34.28 24.05
CA ILE F 59 -3.44 -34.03 25.41
C ILE F 59 -2.59 -34.71 26.48
N SER F 60 -2.09 -35.90 26.18
CA SER F 60 -1.26 -36.62 27.15
C SER F 60 -0.08 -35.74 27.57
N LEU F 61 0.32 -34.85 26.68
CA LEU F 61 1.44 -33.94 26.93
C LEU F 61 1.13 -32.78 27.87
N VAL F 62 -0.15 -32.43 28.01
CA VAL F 62 -0.51 -31.30 28.84
C VAL F 62 -1.27 -31.60 30.12
N ASP F 63 -1.38 -30.57 30.96
CA ASP F 63 -2.08 -30.65 32.22
C ASP F 63 -3.35 -29.81 32.11
N GLY F 64 -3.31 -28.86 31.17
CA GLY F 64 -4.44 -27.98 30.90
C GLY F 64 -4.50 -27.64 29.42
N LEU F 65 -5.69 -27.29 28.95
CA LEU F 65 -5.91 -26.96 27.54
C LEU F 65 -6.46 -25.56 27.33
N LEU F 66 -5.85 -24.79 26.43
CA LEU F 66 -6.32 -23.43 26.14
C LEU F 66 -6.71 -23.22 24.68
N LEU F 67 -8.02 -23.03 24.46
CA LEU F 67 -8.55 -22.79 23.12
C LEU F 67 -8.54 -21.30 22.86
N THR F 68 -7.81 -20.91 21.81
CA THR F 68 -7.66 -19.52 21.45
C THR F 68 -8.62 -19.05 20.38
N GLY F 69 -8.56 -17.75 20.09
CA GLY F 69 -9.42 -17.16 19.08
C GLY F 69 -8.96 -17.55 17.69
N GLY F 70 -9.64 -17.00 16.68
CA GLY F 70 -9.30 -17.31 15.30
C GLY F 70 -10.49 -17.13 14.38
N GLN F 71 -10.51 -17.90 13.29
CA GLN F 71 -11.58 -17.83 12.29
C GLN F 71 -12.87 -18.50 12.73
N ASP F 72 -13.94 -18.25 11.97
CA ASP F 72 -15.25 -18.84 12.24
C ASP F 72 -15.15 -20.35 12.12
N ILE F 73 -16.10 -21.06 12.72
CA ILE F 73 -16.12 -22.51 12.68
C ILE F 73 -16.83 -23.02 11.41
N THR F 74 -16.22 -23.98 10.73
CA THR F 74 -16.82 -24.52 9.50
C THR F 74 -18.26 -24.90 9.86
N PRO F 75 -19.23 -24.35 9.10
CA PRO F 75 -20.64 -24.61 9.34
C PRO F 75 -21.14 -26.06 9.27
N GLN F 76 -20.57 -26.85 8.37
CA GLN F 76 -21.02 -28.24 8.25
C GLN F 76 -20.85 -29.00 9.55
N LEU F 77 -19.99 -28.50 10.44
CA LEU F 77 -19.76 -29.17 11.72
C LEU F 77 -20.95 -29.09 12.68
N TYR F 78 -21.89 -28.19 12.40
CA TYR F 78 -23.10 -28.12 13.21
C TYR F 78 -24.29 -28.18 12.25
N LEU F 79 -24.05 -28.91 11.16
CA LEU F 79 -25.03 -29.22 10.11
C LEU F 79 -25.62 -28.05 9.31
N GLU F 80 -24.80 -27.08 8.98
CA GLU F 80 -25.29 -25.92 8.22
C GLU F 80 -24.35 -25.60 7.06
N GLU F 81 -24.92 -25.20 5.93
CA GLU F 81 -24.13 -24.81 4.78
C GLU F 81 -23.68 -23.36 5.06
N PRO F 82 -22.65 -22.87 4.35
CA PRO F 82 -22.17 -21.51 4.56
C PRO F 82 -23.10 -20.41 4.08
N SER F 83 -23.48 -19.51 4.98
CA SER F 83 -24.36 -18.41 4.60
C SER F 83 -23.49 -17.32 4.00
N GLN F 84 -24.12 -16.35 3.33
CA GLN F 84 -23.40 -15.26 2.69
C GLN F 84 -22.56 -14.41 3.61
N GLU F 85 -22.99 -14.24 4.85
CA GLU F 85 -22.23 -13.41 5.78
C GLU F 85 -21.19 -14.14 6.65
N ILE F 86 -20.88 -15.38 6.33
CA ILE F 86 -19.89 -16.11 7.10
C ILE F 86 -18.51 -15.75 6.60
N GLY F 87 -17.59 -15.56 7.54
CA GLY F 87 -16.23 -15.22 7.17
C GLY F 87 -15.49 -16.48 6.81
N ALA F 88 -14.16 -16.40 6.82
CA ALA F 88 -13.32 -17.55 6.48
C ALA F 88 -13.31 -18.60 7.59
N TYR F 89 -13.12 -19.85 7.20
CA TYR F 89 -13.04 -20.95 8.17
C TYR F 89 -12.06 -21.98 7.61
N PHE F 90 -11.53 -22.84 8.49
CA PHE F 90 -10.55 -23.82 8.08
C PHE F 90 -10.83 -25.16 8.77
N PRO F 91 -11.50 -26.09 8.06
CA PRO F 91 -11.88 -27.42 8.51
C PRO F 91 -10.89 -28.24 9.36
N PRO F 92 -9.62 -28.33 8.93
CA PRO F 92 -8.66 -29.11 9.74
C PRO F 92 -8.48 -28.58 11.18
N ARG F 93 -8.59 -27.27 11.38
CA ARG F 93 -8.41 -26.72 12.73
C ARG F 93 -9.58 -27.10 13.63
N ASP F 94 -10.79 -26.87 13.15
CA ASP F 94 -11.97 -27.19 13.91
C ASP F 94 -11.99 -28.68 14.17
N SER F 95 -11.70 -29.44 13.12
CA SER F 95 -11.69 -30.90 13.21
C SER F 95 -10.70 -31.36 14.29
N TYR F 96 -9.56 -30.68 14.38
CA TYR F 96 -8.56 -31.03 15.37
C TYR F 96 -8.91 -30.54 16.77
N GLU F 97 -9.43 -29.33 16.89
CA GLU F 97 -9.77 -28.82 18.21
C GLU F 97 -10.95 -29.57 18.81
N ILE F 98 -11.80 -30.13 17.94
CA ILE F 98 -12.93 -30.90 18.42
C ILE F 98 -12.36 -32.17 19.04
N ALA F 99 -11.42 -32.80 18.35
CA ALA F 99 -10.78 -34.01 18.85
C ALA F 99 -9.99 -33.71 20.12
N LEU F 100 -9.49 -32.49 20.23
CA LEU F 100 -8.73 -32.10 21.42
C LEU F 100 -9.64 -32.03 22.65
N VAL F 101 -10.72 -31.27 22.59
CA VAL F 101 -11.60 -31.15 23.74
C VAL F 101 -12.14 -32.51 24.19
N ARG F 102 -12.50 -33.37 23.24
CA ARG F 102 -13.00 -34.69 23.60
C ARG F 102 -11.95 -35.48 24.37
N ALA F 103 -10.68 -35.34 23.97
CA ALA F 103 -9.59 -36.05 24.64
C ALA F 103 -9.27 -35.42 25.99
N ALA F 104 -9.55 -34.12 26.13
CA ALA F 104 -9.29 -33.43 27.39
C ALA F 104 -10.39 -33.79 28.38
N LEU F 105 -11.63 -33.73 27.92
CA LEU F 105 -12.77 -34.07 28.78
C LEU F 105 -12.61 -35.50 29.25
N ASP F 106 -12.22 -36.36 28.32
CA ASP F 106 -12.02 -37.77 28.60
C ASP F 106 -10.93 -38.02 29.63
N ALA F 107 -9.95 -37.13 29.70
CA ALA F 107 -8.86 -37.29 30.66
C ALA F 107 -9.10 -36.44 31.90
N GLY F 108 -10.24 -35.77 31.93
CA GLY F 108 -10.59 -34.94 33.07
C GLY F 108 -9.79 -33.67 33.23
N LYS F 109 -8.97 -33.32 32.25
CA LYS F 109 -8.16 -32.12 32.35
C LYS F 109 -8.96 -30.84 32.11
N PRO F 110 -8.56 -29.72 32.75
CA PRO F 110 -9.26 -28.45 32.60
C PRO F 110 -9.16 -27.82 31.22
N ILE F 111 -10.23 -27.14 30.82
CA ILE F 111 -10.31 -26.49 29.53
C ILE F 111 -10.72 -25.03 29.68
N PHE F 112 -9.91 -24.11 29.14
CA PHE F 112 -10.23 -22.70 29.18
C PHE F 112 -10.29 -22.25 27.72
N ALA F 113 -11.49 -21.87 27.28
CA ALA F 113 -11.71 -21.45 25.89
C ALA F 113 -12.02 -19.96 25.75
N ILE F 114 -11.41 -19.34 24.75
CA ILE F 114 -11.59 -17.91 24.49
C ILE F 114 -12.17 -17.62 23.10
N CYS F 115 -13.15 -16.73 23.04
CA CYS F 115 -13.78 -16.32 21.79
C CYS F 115 -14.16 -17.52 20.92
N ARG F 116 -13.42 -17.69 19.82
CA ARG F 116 -13.65 -18.80 18.91
C ARG F 116 -13.68 -20.14 19.67
N GLY F 117 -12.84 -20.24 20.71
CA GLY F 117 -12.74 -21.45 21.51
C GLY F 117 -14.01 -21.88 22.23
N MSE F 118 -14.71 -20.91 22.79
CA MSE F 118 -15.96 -21.20 23.48
C MSE F 118 -16.96 -21.72 22.45
O MSE F 118 -17.72 -22.68 22.70
CB MSE F 118 -16.51 -19.91 24.12
CG MSE F 118 -17.78 -20.10 24.94
SE MSE F 118 -18.54 -18.38 25.40
CE MSE F 118 -19.38 -17.97 23.70
N GLN F 119 -16.95 -21.10 21.29
CA GLN F 119 -17.84 -21.49 20.22
C GLN F 119 -17.51 -22.88 19.72
N LEU F 120 -16.23 -23.22 19.67
CA LEU F 120 -15.84 -24.53 19.20
C LEU F 120 -16.27 -25.63 20.19
N VAL F 121 -16.10 -25.37 21.49
CA VAL F 121 -16.53 -26.34 22.48
C VAL F 121 -18.04 -26.62 22.34
N ASN F 122 -18.82 -25.58 22.07
CA ASN F 122 -20.26 -25.70 21.92
C ASN F 122 -20.59 -26.59 20.72
N VAL F 123 -19.94 -26.34 19.58
CA VAL F 123 -20.19 -27.13 18.39
C VAL F 123 -19.65 -28.56 18.53
N ALA F 124 -18.58 -28.72 19.31
CA ALA F 124 -18.01 -30.04 19.52
C ALA F 124 -19.00 -30.94 20.26
N LEU F 125 -19.80 -30.36 21.16
CA LEU F 125 -20.76 -31.13 21.91
C LEU F 125 -22.22 -31.07 21.39
N GLY F 126 -22.40 -30.69 20.13
CA GLY F 126 -23.75 -30.66 19.57
C GLY F 126 -24.46 -29.32 19.54
N GLY F 127 -23.76 -28.25 19.88
CA GLY F 127 -24.36 -26.93 19.90
C GLY F 127 -24.45 -26.31 18.52
N THR F 128 -25.01 -25.10 18.45
CA THR F 128 -25.18 -24.36 17.21
C THR F 128 -24.75 -22.92 17.40
N LEU F 129 -24.54 -22.20 16.29
CA LEU F 129 -24.17 -20.80 16.41
C LEU F 129 -24.73 -19.91 15.31
N TYR F 130 -24.75 -18.60 15.57
CA TYR F 130 -25.23 -17.64 14.58
C TYR F 130 -24.05 -17.34 13.67
N GLN F 131 -24.25 -17.54 12.36
CA GLN F 131 -23.18 -17.31 11.39
C GLN F 131 -22.74 -15.85 11.29
N ASP F 132 -23.62 -14.92 11.59
CA ASP F 132 -23.26 -13.50 11.55
C ASP F 132 -24.19 -12.68 12.42
N ILE F 133 -23.70 -11.54 12.87
CA ILE F 133 -24.46 -10.66 13.73
C ILE F 133 -25.75 -10.18 13.05
N SER F 134 -25.72 -10.11 11.72
CA SER F 134 -26.88 -9.68 10.96
C SER F 134 -28.02 -10.67 11.10
N GLN F 135 -27.68 -11.92 11.37
CA GLN F 135 -28.69 -12.96 11.48
C GLN F 135 -29.45 -13.06 12.81
N VAL F 136 -29.06 -12.30 13.80
CA VAL F 136 -29.74 -12.35 15.10
C VAL F 136 -31.12 -11.70 15.03
N GLU F 137 -32.14 -12.38 15.57
CA GLU F 137 -33.51 -11.88 15.56
C GLU F 137 -33.62 -10.45 16.07
N THR F 138 -33.14 -10.22 17.28
CA THR F 138 -33.18 -8.88 17.85
C THR F 138 -31.86 -8.20 17.53
N LYS F 139 -31.92 -6.90 17.29
CA LYS F 139 -30.74 -6.11 16.96
C LYS F 139 -29.75 -6.18 18.10
N ALA F 140 -28.54 -6.65 17.81
CA ALA F 140 -27.51 -6.79 18.82
C ALA F 140 -26.65 -5.55 18.93
N LEU F 141 -25.82 -5.52 19.97
CA LEU F 141 -24.91 -4.41 20.19
C LEU F 141 -23.65 -4.73 19.40
N GLN F 142 -22.67 -3.85 19.50
CA GLN F 142 -21.41 -4.04 18.81
C GLN F 142 -20.61 -5.15 19.48
N HIS F 143 -20.09 -6.07 18.68
CA HIS F 143 -19.30 -7.18 19.20
C HIS F 143 -17.96 -7.29 18.48
N LEU F 144 -17.76 -6.37 17.53
CA LEU F 144 -16.50 -6.28 16.83
C LEU F 144 -16.19 -4.81 17.09
N GLN F 145 -15.76 -4.54 18.33
CA GLN F 145 -15.46 -3.19 18.79
C GLN F 145 -14.37 -2.48 18.01
N ARG F 146 -14.42 -1.14 18.02
CA ARG F 146 -13.42 -0.37 17.32
C ARG F 146 -12.52 0.30 18.35
N VAL F 147 -12.92 0.20 19.61
CA VAL F 147 -12.14 0.74 20.72
C VAL F 147 -10.90 -0.14 20.84
N ASP F 148 -9.78 0.45 21.24
CA ASP F 148 -8.53 -0.30 21.44
C ASP F 148 -8.83 -1.71 21.98
N GLU F 149 -8.29 -2.72 21.31
CA GLU F 149 -8.49 -4.12 21.68
C GLU F 149 -8.26 -4.46 23.17
N GLN F 150 -7.46 -3.66 23.87
CA GLN F 150 -7.17 -3.91 25.28
C GLN F 150 -8.26 -3.39 26.23
N LEU F 151 -9.08 -2.47 25.74
CA LEU F 151 -10.11 -1.90 26.59
C LEU F 151 -11.43 -2.65 26.48
N GLY F 152 -12.16 -2.70 27.58
CA GLY F 152 -13.45 -3.36 27.60
C GLY F 152 -14.41 -2.42 26.88
N SER F 153 -15.39 -2.97 26.17
CA SER F 153 -16.34 -2.14 25.43
C SER F 153 -17.80 -2.34 25.84
N HIS F 154 -18.22 -3.59 26.01
CA HIS F 154 -19.60 -3.83 26.41
C HIS F 154 -19.72 -4.48 27.80
N THR F 155 -20.71 -4.04 28.56
CA THR F 155 -20.94 -4.52 29.91
C THR F 155 -21.68 -5.86 29.94
N ILE F 156 -21.22 -6.79 30.78
CA ILE F 156 -21.86 -8.09 30.87
C ILE F 156 -22.49 -8.35 32.23
N ASP F 157 -23.61 -9.07 32.22
CA ASP F 157 -24.31 -9.44 33.44
C ASP F 157 -23.79 -10.85 33.75
N ILE F 158 -23.41 -11.06 35.00
CA ILE F 158 -22.86 -12.34 35.40
C ILE F 158 -23.73 -13.07 36.42
N GLU F 159 -23.82 -14.39 36.27
CA GLU F 159 -24.61 -15.20 37.18
C GLU F 159 -23.80 -15.34 38.47
N PRO F 160 -24.34 -14.81 39.58
CA PRO F 160 -23.71 -14.82 40.90
C PRO F 160 -23.14 -16.16 41.38
N THR F 161 -23.80 -17.26 41.02
CA THR F 161 -23.38 -18.59 41.45
C THR F 161 -22.35 -19.31 40.57
N SER F 162 -21.83 -18.62 39.55
CA SER F 162 -20.88 -19.24 38.62
C SER F 162 -19.39 -19.11 38.94
N GLU F 163 -18.58 -19.82 38.16
CA GLU F 163 -17.12 -19.78 38.30
C GLU F 163 -16.65 -18.37 37.97
N LEU F 164 -17.30 -17.77 36.97
CA LEU F 164 -16.93 -16.44 36.54
C LEU F 164 -17.07 -15.40 37.64
N ALA F 165 -18.15 -15.53 38.41
CA ALA F 165 -18.42 -14.60 39.50
C ALA F 165 -17.31 -14.56 40.54
N LYS F 166 -16.54 -15.64 40.64
CA LYS F 166 -15.44 -15.69 41.60
C LYS F 166 -14.29 -14.77 41.23
N HIS F 167 -14.20 -14.40 39.94
CA HIS F 167 -13.12 -13.54 39.49
C HIS F 167 -13.61 -12.25 38.87
N HIS F 168 -14.85 -12.26 38.39
CA HIS F 168 -15.42 -11.07 37.77
C HIS F 168 -16.68 -10.59 38.45
N PRO F 169 -16.76 -9.29 38.75
CA PRO F 169 -17.92 -8.68 39.40
C PRO F 169 -19.03 -8.43 38.36
N ASN F 170 -20.28 -8.44 38.81
CA ASN F 170 -21.39 -8.22 37.90
C ASN F 170 -21.27 -6.84 37.26
N LYS F 171 -21.71 -6.73 36.01
CA LYS F 171 -21.67 -5.49 35.24
C LYS F 171 -20.24 -5.12 34.83
N LYS F 172 -19.39 -6.12 34.67
CA LYS F 172 -18.01 -5.89 34.28
C LYS F 172 -17.88 -5.50 32.80
N LEU F 173 -16.96 -4.60 32.51
CA LEU F 173 -16.69 -4.17 31.15
C LEU F 173 -15.73 -5.18 30.54
N VAL F 174 -16.14 -5.74 29.41
CA VAL F 174 -15.36 -6.74 28.71
C VAL F 174 -15.14 -6.30 27.25
N ASN F 175 -14.10 -6.81 26.60
CA ASN F 175 -13.85 -6.44 25.21
C ASN F 175 -14.61 -7.36 24.26
N SER F 176 -14.60 -7.06 22.97
CA SER F 176 -15.33 -7.88 22.01
C SER F 176 -14.73 -7.79 20.61
N LEU F 177 -14.43 -8.96 20.04
CA LEU F 177 -13.86 -9.05 18.70
C LEU F 177 -14.44 -10.27 17.98
N HIS F 178 -15.74 -10.28 17.76
CA HIS F 178 -16.37 -11.41 17.07
C HIS F 178 -17.60 -10.96 16.29
N HIS F 179 -18.05 -11.81 15.39
CA HIS F 179 -19.24 -11.48 14.60
C HIS F 179 -20.20 -12.67 14.55
N GLN F 180 -19.84 -13.76 15.22
CA GLN F 180 -20.69 -14.94 15.32
C GLN F 180 -21.02 -15.16 16.80
N PHE F 181 -22.13 -15.82 17.09
CA PHE F 181 -22.51 -16.08 18.48
C PHE F 181 -23.06 -17.48 18.67
N ILE F 182 -23.12 -17.91 19.92
CA ILE F 182 -23.69 -19.21 20.22
C ILE F 182 -25.19 -19.11 19.99
N LYS F 183 -25.74 -20.05 19.23
CA LYS F 183 -27.17 -20.08 18.94
C LYS F 183 -27.80 -21.00 20.00
N LYS F 184 -27.90 -22.29 19.69
CA LYS F 184 -28.46 -23.25 20.62
C LYS F 184 -27.33 -23.84 21.47
N LEU F 185 -27.46 -23.73 22.79
CA LEU F 185 -26.46 -24.25 23.72
C LEU F 185 -26.43 -25.77 23.74
N ALA F 186 -25.23 -26.32 23.80
CA ALA F 186 -25.06 -27.77 23.82
C ALA F 186 -25.46 -28.30 25.20
N PRO F 187 -25.79 -29.60 25.28
CA PRO F 187 -26.18 -30.24 26.53
C PRO F 187 -25.00 -30.35 27.47
N SER F 188 -25.27 -30.24 28.78
CA SER F 188 -24.25 -30.30 29.83
C SER F 188 -23.57 -28.96 30.03
N PHE F 189 -24.15 -27.90 29.47
CA PHE F 189 -23.57 -26.57 29.61
C PHE F 189 -24.62 -25.57 30.11
N LYS F 190 -24.14 -24.49 30.71
CA LYS F 190 -25.01 -23.45 31.25
C LYS F 190 -24.40 -22.10 30.87
N VAL F 191 -25.24 -21.14 30.52
CA VAL F 191 -24.74 -19.82 30.16
C VAL F 191 -24.49 -19.04 31.45
N THR F 192 -23.29 -18.52 31.57
CA THR F 192 -22.86 -17.79 32.75
C THR F 192 -22.81 -16.27 32.62
N ALA F 193 -22.80 -15.78 31.38
CA ALA F 193 -22.76 -14.34 31.16
C ALA F 193 -23.43 -13.95 29.84
N ARG F 194 -24.01 -12.74 29.83
CA ARG F 194 -24.68 -12.20 28.65
C ARG F 194 -24.47 -10.68 28.63
N THR F 195 -24.54 -10.10 27.42
CA THR F 195 -24.40 -8.66 27.27
C THR F 195 -25.84 -8.15 27.29
N ALA F 196 -26.02 -6.83 27.42
CA ALA F 196 -27.35 -6.25 27.49
C ALA F 196 -28.29 -6.71 26.37
N ASP F 197 -27.74 -7.12 25.23
CA ASP F 197 -28.58 -7.57 24.13
C ASP F 197 -29.01 -9.04 24.26
N GLY F 198 -28.58 -9.71 25.32
CA GLY F 198 -28.98 -11.09 25.51
C GLY F 198 -28.03 -12.11 24.89
N MSE F 199 -26.99 -11.62 24.22
CA MSE F 199 -26.01 -12.50 23.60
C MSE F 199 -25.10 -13.18 24.62
O MSE F 199 -24.67 -12.57 25.61
CB MSE F 199 -25.16 -11.73 22.58
CG MSE F 199 -25.93 -11.27 21.35
SE MSE F 199 -26.77 -12.74 20.32
CE MSE F 199 -26.03 -14.30 21.25
N ILE F 200 -24.82 -14.46 24.37
CA ILE F 200 -23.98 -15.26 25.26
C ILE F 200 -22.52 -14.86 25.24
N GLU F 201 -22.01 -14.50 26.40
CA GLU F 201 -20.62 -14.10 26.52
C GLU F 201 -19.78 -15.09 27.32
N ALA F 202 -20.41 -15.92 28.14
CA ALA F 202 -19.68 -16.90 28.93
C ALA F 202 -20.47 -18.18 29.14
N VAL F 203 -19.80 -19.30 28.94
CA VAL F 203 -20.42 -20.61 29.12
C VAL F 203 -19.63 -21.47 30.10
N GLU F 204 -20.33 -22.11 31.02
CA GLU F 204 -19.67 -22.96 32.01
C GLU F 204 -20.22 -24.37 31.95
N GLY F 205 -19.48 -25.31 32.52
CA GLY F 205 -19.90 -26.69 32.50
C GLY F 205 -20.91 -27.03 33.58
N ASP F 206 -21.54 -28.18 33.41
CA ASP F 206 -22.52 -28.68 34.35
C ASP F 206 -22.54 -30.19 34.22
N ASN F 207 -21.98 -30.87 35.21
CA ASN F 207 -21.91 -32.31 35.21
C ASN F 207 -21.03 -32.86 34.08
N LEU F 208 -19.83 -32.29 33.95
CA LEU F 208 -18.87 -32.76 32.94
C LEU F 208 -17.55 -33.07 33.66
N PRO F 209 -16.81 -34.07 33.14
CA PRO F 209 -15.53 -34.50 33.72
C PRO F 209 -14.42 -33.47 33.85
N SER F 210 -14.60 -32.30 33.24
CA SER F 210 -13.56 -31.29 33.33
C SER F 210 -14.02 -29.93 33.82
N TRP F 211 -13.07 -29.17 34.37
CA TRP F 211 -13.33 -27.82 34.83
C TRP F 211 -13.41 -27.02 33.52
N TYR F 212 -14.54 -26.39 33.25
CA TYR F 212 -14.68 -25.65 32.00
C TYR F 212 -15.18 -24.22 32.09
N LEU F 213 -14.42 -23.31 31.50
CA LEU F 213 -14.82 -21.92 31.42
C LEU F 213 -14.62 -21.43 29.99
N GLY F 214 -15.70 -20.97 29.38
CA GLY F 214 -15.62 -20.46 28.03
C GLY F 214 -16.07 -19.01 28.00
N VAL F 215 -15.17 -18.09 27.65
CA VAL F 215 -15.54 -16.68 27.59
C VAL F 215 -15.53 -16.21 26.14
N GLN F 216 -16.52 -15.41 25.76
CA GLN F 216 -16.66 -14.91 24.41
C GLN F 216 -15.73 -13.74 24.07
N TRP F 217 -15.14 -13.11 25.10
CA TRP F 217 -14.25 -11.97 24.85
C TRP F 217 -12.77 -12.39 24.79
N HIS F 218 -11.86 -11.42 24.76
CA HIS F 218 -10.43 -11.72 24.70
C HIS F 218 -9.67 -11.24 25.94
N PRO F 219 -9.62 -12.06 27.00
CA PRO F 219 -8.93 -11.71 28.24
C PRO F 219 -7.42 -11.57 28.07
N GLU F 220 -6.85 -12.33 27.15
CA GLU F 220 -5.41 -12.27 26.89
C GLU F 220 -4.95 -10.88 26.48
N LEU F 221 -5.87 -10.05 26.00
CA LEU F 221 -5.56 -8.70 25.56
C LEU F 221 -5.78 -7.68 26.67
N MSE F 222 -6.46 -8.10 27.73
CA MSE F 222 -6.77 -7.22 28.85
C MSE F 222 -5.93 -7.50 30.12
O MSE F 222 -5.68 -6.58 30.89
CB MSE F 222 -8.24 -7.35 29.23
CG MSE F 222 -9.24 -6.99 28.15
SE MSE F 222 -11.01 -7.60 28.70
CE MSE F 222 -11.41 -6.12 29.89
N PHE F 223 -5.50 -8.74 30.30
CA PHE F 223 -4.76 -9.13 31.51
C PHE F 223 -3.56 -8.28 31.91
N GLN F 224 -2.78 -7.82 30.95
CA GLN F 224 -1.61 -7.00 31.26
C GLN F 224 -2.02 -5.67 31.88
N THR F 225 -3.32 -5.46 32.04
CA THR F 225 -3.80 -4.20 32.59
C THR F 225 -5.15 -4.31 33.32
N ASP F 226 -5.61 -5.54 33.47
CA ASP F 226 -6.88 -5.83 34.14
C ASP F 226 -6.65 -7.09 34.97
N PRO F 227 -6.16 -6.93 36.21
CA PRO F 227 -5.87 -8.03 37.13
C PRO F 227 -6.96 -9.09 37.20
N GLU F 228 -8.20 -8.66 37.02
CA GLU F 228 -9.31 -9.59 37.07
C GLU F 228 -9.19 -10.60 35.91
N SER F 229 -8.86 -10.09 34.72
CA SER F 229 -8.69 -10.95 33.55
C SER F 229 -7.57 -11.95 33.77
N GLU F 230 -6.49 -11.49 34.38
CA GLU F 230 -5.35 -12.36 34.65
C GLU F 230 -5.77 -13.57 35.50
N GLN F 231 -6.71 -13.37 36.41
CA GLN F 231 -7.18 -14.43 37.28
C GLN F 231 -7.86 -15.59 36.52
N LEU F 232 -8.35 -15.32 35.31
CA LEU F 232 -8.99 -16.38 34.54
C LEU F 232 -7.92 -17.39 34.10
N PHE F 233 -6.72 -16.89 33.83
CA PHE F 233 -5.64 -17.77 33.42
C PHE F 233 -5.05 -18.45 34.64
N GLN F 234 -5.00 -17.70 35.74
CA GLN F 234 -4.50 -18.22 37.01
C GLN F 234 -5.37 -19.41 37.36
N ALA F 235 -6.67 -19.25 37.12
CA ALA F 235 -7.62 -20.32 37.40
C ALA F 235 -7.25 -21.57 36.61
N LEU F 236 -7.05 -21.41 35.31
CA LEU F 236 -6.68 -22.53 34.44
C LEU F 236 -5.42 -23.23 34.91
N VAL F 237 -4.41 -22.45 35.29
CA VAL F 237 -3.16 -23.05 35.76
C VAL F 237 -3.39 -23.78 37.09
N ASP F 238 -4.05 -23.14 38.05
CA ASP F 238 -4.32 -23.77 39.35
C ASP F 238 -5.09 -25.05 39.15
N GLU F 239 -6.17 -24.95 38.38
CA GLU F 239 -6.99 -26.10 38.10
C GLU F 239 -6.14 -27.17 37.43
N SER F 240 -5.19 -26.75 36.61
CA SER F 240 -4.30 -27.72 35.95
C SER F 240 -3.35 -28.25 37.00
N LYS F 241 -2.97 -27.36 37.92
CA LYS F 241 -2.04 -27.69 39.00
C LYS F 241 -2.43 -29.00 39.66
N LYS F 242 -3.70 -29.39 39.52
CA LYS F 242 -4.14 -30.66 40.08
C LYS F 242 -3.38 -31.73 39.28
N THR F 243 -2.06 -31.50 39.16
CA THR F 243 -1.07 -32.33 38.44
C THR F 243 -0.12 -31.44 37.62
N LEU G 3 2.17 21.23 44.37
CA LEU G 3 1.48 20.22 43.51
C LEU G 3 2.52 19.29 42.87
N LYS G 4 2.26 18.85 41.64
CA LYS G 4 3.22 17.99 40.96
C LYS G 4 4.05 18.91 40.07
N PRO G 5 5.34 18.58 39.86
CA PRO G 5 6.20 19.43 39.02
C PRO G 5 5.72 19.48 37.56
N VAL G 6 5.61 20.68 37.01
CA VAL G 6 5.18 20.83 35.63
C VAL G 6 6.37 20.65 34.71
N ILE G 7 6.38 19.55 33.96
CA ILE G 7 7.45 19.27 33.03
C ILE G 7 7.01 19.64 31.61
N GLY G 8 7.77 20.52 30.97
CA GLY G 8 7.46 20.92 29.61
C GLY G 8 8.08 19.94 28.64
N ILE G 9 7.26 19.38 27.75
CA ILE G 9 7.73 18.42 26.75
C ILE G 9 7.65 19.06 25.37
N THR G 10 8.79 19.16 24.70
CA THR G 10 8.84 19.78 23.39
C THR G 10 8.29 18.84 22.31
N GLY G 11 7.57 19.41 21.34
CA GLY G 11 6.95 18.59 20.30
C GLY G 11 7.48 18.72 18.87
N ASN G 12 6.81 18.00 17.97
CA ASN G 12 7.16 17.97 16.55
C ASN G 12 6.84 19.28 15.85
N GLN G 31 4.47 10.63 23.07
CA GLN G 31 3.52 10.04 24.02
C GLN G 31 4.22 9.17 25.08
N ARG G 32 5.30 8.50 24.69
CA ARG G 32 6.03 7.68 25.65
C ARG G 32 6.72 8.61 26.63
N TYR G 33 7.05 9.82 26.19
CA TYR G 33 7.69 10.79 27.05
C TYR G 33 6.66 11.19 28.12
N VAL G 34 5.41 11.33 27.69
CA VAL G 34 4.33 11.68 28.61
C VAL G 34 4.22 10.56 29.65
N ASP G 35 4.16 9.32 29.18
CA ASP G 35 4.06 8.17 30.07
C ASP G 35 5.15 8.20 31.14
N ALA G 36 6.38 8.47 30.71
CA ALA G 36 7.52 8.53 31.61
C ALA G 36 7.32 9.56 32.72
N ILE G 37 6.97 10.78 32.32
CA ILE G 37 6.77 11.86 33.28
C ILE G 37 5.66 11.51 34.28
N GLN G 38 4.47 11.19 33.78
CA GLN G 38 3.34 10.87 34.63
C GLN G 38 3.63 9.76 35.66
N LYS G 39 4.29 8.69 35.24
CA LYS G 39 4.60 7.59 36.15
C LYS G 39 5.59 8.00 37.23
N VAL G 40 6.46 8.96 36.90
CA VAL G 40 7.47 9.43 37.83
C VAL G 40 6.98 10.57 38.74
N GLY G 41 5.73 10.97 38.58
CA GLY G 41 5.21 12.01 39.45
C GLY G 41 5.07 13.41 38.90
N GLY G 42 5.60 13.65 37.71
CA GLY G 42 5.48 14.99 37.15
C GLY G 42 4.17 15.14 36.41
N PHE G 43 3.82 16.39 36.10
CA PHE G 43 2.63 16.68 35.33
C PHE G 43 3.17 17.21 34.02
N PRO G 44 3.08 16.41 32.94
CA PRO G 44 3.57 16.82 31.63
C PRO G 44 2.67 17.82 30.93
N ILE G 45 3.31 18.67 30.13
CA ILE G 45 2.64 19.71 29.36
C ILE G 45 3.34 19.67 28.00
N ALA G 46 2.57 19.68 26.92
CA ALA G 46 3.17 19.65 25.58
C ALA G 46 3.34 21.08 25.09
N LEU G 47 4.57 21.43 24.72
CA LEU G 47 4.86 22.76 24.23
C LEU G 47 4.95 22.75 22.71
N PRO G 48 3.89 23.21 22.03
CA PRO G 48 3.93 23.21 20.57
C PRO G 48 5.01 24.16 20.07
N ILE G 49 5.37 24.03 18.80
CA ILE G 49 6.37 24.90 18.22
C ILE G 49 5.75 26.29 18.15
N ASP G 50 6.52 27.29 18.57
CA ASP G 50 6.06 28.69 18.57
C ASP G 50 7.23 29.60 18.21
N ASP G 51 7.01 30.90 18.23
CA ASP G 51 8.08 31.83 17.92
C ASP G 51 9.11 31.86 19.06
N PRO G 52 10.40 32.03 18.73
CA PRO G 52 11.44 32.07 19.76
C PRO G 52 11.14 33.07 20.88
N SER G 53 10.49 34.17 20.54
CA SER G 53 10.15 35.20 21.53
C SER G 53 9.22 34.70 22.63
N THR G 54 8.54 33.59 22.39
CA THR G 54 7.60 33.07 23.39
C THR G 54 8.21 32.03 24.32
N ALA G 55 9.48 31.72 24.13
CA ALA G 55 10.15 30.72 24.96
C ALA G 55 10.19 31.16 26.42
N VAL G 56 10.36 32.47 26.65
CA VAL G 56 10.39 32.99 28.01
C VAL G 56 9.08 32.70 28.72
N GLN G 57 7.97 32.92 28.03
CA GLN G 57 6.66 32.67 28.62
C GLN G 57 6.42 31.17 28.77
N ALA G 58 6.95 30.39 27.84
CA ALA G 58 6.79 28.95 27.87
C ALA G 58 7.50 28.35 29.09
N ILE G 59 8.76 28.71 29.28
CA ILE G 59 9.53 28.19 30.41
C ILE G 59 8.95 28.64 31.74
N SER G 60 8.44 29.86 31.79
CA SER G 60 7.87 30.40 33.01
C SER G 60 6.66 29.59 33.48
N LEU G 61 6.17 28.72 32.60
CA LEU G 61 5.01 27.91 32.94
C LEU G 61 5.40 26.54 33.47
N VAL G 62 6.70 26.23 33.41
CA VAL G 62 7.17 24.93 33.87
C VAL G 62 8.26 24.94 34.93
N ASP G 63 8.48 23.78 35.56
CA ASP G 63 9.48 23.62 36.58
C ASP G 63 10.65 22.78 36.03
N GLY G 64 10.37 22.09 34.92
CA GLY G 64 11.38 21.26 34.27
C GLY G 64 11.17 21.21 32.77
N LEU G 65 12.25 21.01 32.00
CA LEU G 65 12.15 20.97 30.53
C LEU G 65 12.66 19.65 29.96
N LEU G 66 11.81 18.99 29.18
CA LEU G 66 12.19 17.72 28.55
C LEU G 66 12.28 17.89 27.02
N LEU G 67 13.48 17.74 26.48
CA LEU G 67 13.72 17.84 25.04
C LEU G 67 13.63 16.43 24.47
N THR G 68 12.76 16.26 23.49
CA THR G 68 12.50 14.97 22.86
C THR G 68 13.20 14.74 21.54
N GLY G 69 13.16 13.50 21.08
CA GLY G 69 13.76 13.16 19.81
C GLY G 69 12.98 13.74 18.64
N GLY G 70 13.49 13.51 17.44
CA GLY G 70 12.82 14.02 16.27
C GLY G 70 13.75 14.10 15.09
N GLN G 71 13.54 15.11 14.26
CA GLN G 71 14.33 15.32 13.05
C GLN G 71 15.71 15.89 13.29
N ASP G 72 16.58 15.70 12.31
CA ASP G 72 17.94 16.23 12.37
C ASP G 72 17.80 17.74 12.53
N ILE G 73 18.80 18.37 13.14
CA ILE G 73 18.80 19.80 13.35
C ILE G 73 19.22 20.50 12.06
N THR G 74 18.59 21.62 11.72
CA THR G 74 18.99 22.29 10.48
C THR G 74 20.47 22.66 10.57
N PRO G 75 21.26 22.20 9.58
CA PRO G 75 22.72 22.43 9.51
C PRO G 75 23.23 23.85 9.69
N GLN G 76 22.53 24.83 9.12
CA GLN G 76 22.98 26.22 9.23
C GLN G 76 23.14 26.69 10.67
N LEU G 77 22.32 26.16 11.57
CA LEU G 77 22.40 26.55 12.97
C LEU G 77 23.78 26.29 13.57
N TYR G 78 24.53 25.34 13.01
CA TYR G 78 25.89 25.14 13.49
C TYR G 78 26.86 25.47 12.37
N LEU G 79 26.44 26.46 11.58
CA LEU G 79 27.24 26.99 10.48
C LEU G 79 27.62 26.09 9.32
N GLU G 80 26.77 25.12 9.00
CA GLU G 80 27.02 24.20 7.90
C GLU G 80 25.87 24.16 6.89
N GLU G 81 26.20 23.86 5.63
CA GLU G 81 25.18 23.73 4.60
C GLU G 81 24.79 22.26 4.58
N PRO G 82 23.58 21.93 4.11
CA PRO G 82 23.13 20.53 4.07
C PRO G 82 23.93 19.60 3.15
N SER G 83 24.41 18.50 3.70
CA SER G 83 25.16 17.53 2.90
C SER G 83 24.12 16.56 2.36
N GLN G 84 24.48 15.83 1.31
CA GLN G 84 23.56 14.88 0.68
C GLN G 84 23.02 13.77 1.60
N GLU G 85 23.73 13.43 2.68
CA GLU G 85 23.23 12.37 3.56
C GLU G 85 22.40 12.85 4.76
N ILE G 86 22.12 14.16 4.81
CA ILE G 86 21.33 14.71 5.90
C ILE G 86 19.86 14.39 5.65
N GLY G 87 19.11 14.19 6.72
CA GLY G 87 17.70 13.89 6.57
C GLY G 87 16.88 15.15 6.54
N ALA G 88 15.62 15.04 6.93
CA ALA G 88 14.74 16.19 6.95
C ALA G 88 14.97 16.99 8.22
N TYR G 89 14.67 18.27 8.15
CA TYR G 89 14.79 19.16 9.30
C TYR G 89 13.74 20.25 9.14
N PHE G 90 13.37 20.87 10.25
CA PHE G 90 12.36 21.92 10.25
C PHE G 90 12.87 23.09 11.11
N PRO G 91 13.47 24.11 10.47
CA PRO G 91 14.01 25.27 11.17
C PRO G 91 13.18 25.85 12.32
N PRO G 92 11.85 25.95 12.16
CA PRO G 92 11.10 26.51 13.29
C PRO G 92 11.23 25.72 14.59
N ARG G 93 11.21 24.40 14.51
CA ARG G 93 11.35 23.59 15.71
C ARG G 93 12.65 23.95 16.39
N ASP G 94 13.74 23.89 15.63
CA ASP G 94 15.08 24.19 16.14
C ASP G 94 15.21 25.57 16.80
N SER G 95 14.85 26.63 16.08
CA SER G 95 14.94 27.97 16.61
C SER G 95 14.19 28.10 17.93
N TYR G 96 12.97 27.59 17.98
CA TYR G 96 12.17 27.66 19.18
C TYR G 96 12.79 26.86 20.34
N GLU G 97 13.31 25.67 20.07
CA GLU G 97 13.91 24.89 21.13
C GLU G 97 15.23 25.48 21.65
N ILE G 98 15.88 26.27 20.81
CA ILE G 98 17.13 26.92 21.23
C ILE G 98 16.78 28.03 22.22
N ALA G 99 15.71 28.75 21.92
CA ALA G 99 15.24 29.81 22.80
C ALA G 99 14.77 29.14 24.09
N LEU G 100 14.16 27.97 23.94
CA LEU G 100 13.66 27.21 25.07
C LEU G 100 14.79 26.82 26.03
N VAL G 101 15.91 26.36 25.50
CA VAL G 101 17.03 25.97 26.35
C VAL G 101 17.66 27.20 27.02
N ARG G 102 17.72 28.32 26.30
CA ARG G 102 18.30 29.52 26.87
C ARG G 102 17.47 30.05 28.03
N ALA G 103 16.16 30.09 27.86
CA ALA G 103 15.27 30.57 28.92
C ALA G 103 15.34 29.65 30.11
N ALA G 104 15.58 28.36 29.86
CA ALA G 104 15.67 27.38 30.93
C ALA G 104 16.92 27.61 31.78
N LEU G 105 18.05 27.81 31.11
CA LEU G 105 19.31 28.05 31.80
C LEU G 105 19.19 29.33 32.62
N ASP G 106 18.54 30.34 32.05
CA ASP G 106 18.33 31.63 32.73
C ASP G 106 17.62 31.42 34.05
N ALA G 107 16.48 30.73 33.98
CA ALA G 107 15.67 30.45 35.16
C ALA G 107 16.24 29.30 35.99
N GLY G 108 17.43 28.85 35.63
CA GLY G 108 18.06 27.74 36.35
C GLY G 108 17.28 26.43 36.35
N LYS G 109 16.15 26.41 35.65
CA LYS G 109 15.31 25.20 35.58
C LYS G 109 16.09 24.02 35.02
N PRO G 110 15.81 22.81 35.50
CA PRO G 110 16.48 21.58 35.05
C PRO G 110 16.18 21.21 33.60
N ILE G 111 17.12 20.53 32.96
CA ILE G 111 16.97 20.11 31.57
C ILE G 111 17.39 18.65 31.37
N PHE G 112 16.53 17.89 30.71
CA PHE G 112 16.81 16.49 30.40
C PHE G 112 16.56 16.33 28.91
N ALA G 113 17.63 16.09 28.15
CA ALA G 113 17.53 15.94 26.71
C ALA G 113 17.69 14.48 26.26
N ILE G 114 16.99 14.14 25.18
CA ILE G 114 17.01 12.78 24.63
C ILE G 114 17.23 12.81 23.12
N CYS G 115 18.10 11.92 22.62
CA CYS G 115 18.41 11.81 21.18
C CYS G 115 18.65 13.17 20.55
N ARG G 116 17.72 13.58 19.70
CA ARG G 116 17.78 14.86 19.03
C ARG G 116 18.04 15.95 20.07
N GLY G 117 17.37 15.86 21.20
CA GLY G 117 17.50 16.83 22.26
C GLY G 117 18.94 17.13 22.68
N MSE G 118 19.67 16.08 22.99
CA MSE G 118 21.06 16.23 23.38
C MSE G 118 21.82 16.94 22.29
O MSE G 118 22.77 17.68 22.55
CB MSE G 118 21.67 14.86 23.66
CG MSE G 118 23.12 14.92 24.12
SE MSE G 118 23.92 13.17 24.16
CE MSE G 118 24.52 13.13 22.31
N GLN G 119 21.40 16.72 21.04
CA GLN G 119 22.07 17.35 19.91
C GLN G 119 21.71 18.81 19.77
N LEU G 120 20.46 19.14 20.06
CA LEU G 120 20.02 20.52 19.98
C LEU G 120 20.79 21.36 21.01
N VAL G 121 20.79 20.89 22.25
CA VAL G 121 21.49 21.59 23.32
C VAL G 121 22.92 21.89 22.91
N ASN G 122 23.60 20.91 22.32
CA ASN G 122 24.99 21.09 21.88
C ASN G 122 25.12 22.10 20.76
N VAL G 123 24.11 22.21 19.92
CA VAL G 123 24.16 23.16 18.81
C VAL G 123 23.86 24.57 19.32
N ALA G 124 22.87 24.65 20.22
CA ALA G 124 22.45 25.93 20.77
C ALA G 124 23.57 26.68 21.49
N LEU G 125 24.57 25.94 21.96
CA LEU G 125 25.68 26.56 22.68
C LEU G 125 27.04 26.53 21.98
N GLY G 126 27.03 26.49 20.64
CA GLY G 126 28.27 26.51 19.89
C GLY G 126 28.87 25.23 19.36
N GLY G 127 28.29 24.08 19.71
CA GLY G 127 28.83 22.82 19.22
C GLY G 127 28.45 22.50 17.78
N THR G 128 28.96 21.38 17.27
CA THR G 128 28.67 20.95 15.92
C THR G 128 28.28 19.47 15.90
N LEU G 129 27.78 18.99 14.77
CA LEU G 129 27.37 17.60 14.66
C LEU G 129 27.85 16.96 13.38
N TYR G 130 27.78 15.63 13.35
CA TYR G 130 28.12 14.88 12.15
C TYR G 130 26.77 14.76 11.45
N GLN G 131 26.69 15.23 10.21
CA GLN G 131 25.44 15.17 9.48
C GLN G 131 24.96 13.75 9.19
N ASP G 132 25.87 12.78 9.25
CA ASP G 132 25.50 11.38 9.01
C ASP G 132 26.60 10.42 9.48
N ILE G 133 26.19 9.19 9.77
CA ILE G 133 27.12 8.16 10.23
C ILE G 133 28.20 7.84 9.20
N SER G 134 27.93 8.12 7.93
CA SER G 134 28.91 7.83 6.90
C SER G 134 30.04 8.85 6.90
N GLN G 135 29.82 10.00 7.52
CA GLN G 135 30.83 11.06 7.54
C GLN G 135 31.85 10.97 8.68
N VAL G 136 31.75 9.92 9.49
CA VAL G 136 32.69 9.74 10.59
C VAL G 136 33.93 9.04 10.05
N GLU G 137 35.12 9.52 10.44
CA GLU G 137 36.39 8.96 9.96
C GLU G 137 36.62 7.52 10.38
N THR G 138 36.16 7.16 11.56
CA THR G 138 36.29 5.80 12.05
C THR G 138 34.95 5.12 11.78
N LYS G 139 34.98 3.95 11.16
CA LYS G 139 33.75 3.22 10.86
C LYS G 139 33.01 2.98 12.17
N ALA G 140 31.91 3.71 12.37
CA ALA G 140 31.11 3.59 13.60
C ALA G 140 30.26 2.32 13.62
N LEU G 141 29.75 1.98 14.80
CA LEU G 141 28.90 0.80 14.94
C LEU G 141 27.50 1.17 14.46
N GLN G 142 26.52 0.31 14.69
CA GLN G 142 25.15 0.60 14.26
C GLN G 142 24.46 1.46 15.32
N HIS G 143 23.93 2.61 14.88
CA HIS G 143 23.24 3.52 15.79
C HIS G 143 21.78 3.76 15.44
N LEU G 144 21.31 2.96 14.49
CA LEU G 144 19.92 3.00 14.08
C LEU G 144 19.55 1.52 14.07
N GLN G 145 19.34 0.99 15.27
CA GLN G 145 19.02 -0.42 15.48
C GLN G 145 17.77 -0.92 14.78
N ARG G 146 17.81 -2.18 14.39
CA ARG G 146 16.67 -2.83 13.75
C ARG G 146 15.93 -3.60 14.85
N VAL G 147 16.60 -3.77 15.99
CA VAL G 147 16.03 -4.47 17.14
C VAL G 147 14.84 -3.74 17.73
N ASP G 148 14.02 -4.46 18.49
CA ASP G 148 12.86 -3.91 19.16
C ASP G 148 13.30 -2.62 19.86
N GLU G 149 12.80 -1.48 19.39
CA GLU G 149 13.17 -0.18 19.95
C GLU G 149 13.15 -0.12 21.50
N GLN G 150 12.40 -1.00 22.13
CA GLN G 150 12.29 -1.03 23.59
C GLN G 150 13.50 -1.69 24.27
N LEU G 151 14.36 -2.33 23.48
CA LEU G 151 15.55 -3.00 24.00
C LEU G 151 16.85 -2.27 23.66
N GLY G 152 17.88 -2.50 24.47
CA GLY G 152 19.16 -1.87 24.24
C GLY G 152 19.95 -2.69 23.22
N SER G 153 20.73 -2.01 22.39
CA SER G 153 21.51 -2.69 21.36
C SER G 153 23.03 -2.56 21.54
N HIS G 154 23.51 -1.36 21.83
CA HIS G 154 24.95 -1.18 22.01
C HIS G 154 25.35 -0.79 23.44
N THR G 155 26.45 -1.37 23.93
CA THR G 155 26.93 -1.11 25.27
C THR G 155 27.69 0.21 25.37
N ILE G 156 27.40 0.98 26.41
CA ILE G 156 28.06 2.27 26.62
C ILE G 156 28.99 2.23 27.83
N ASP G 157 30.05 3.03 27.76
CA ASP G 157 31.02 3.17 28.85
C ASP G 157 30.59 4.45 29.55
N ILE G 158 30.36 4.35 30.85
CA ILE G 158 29.94 5.51 31.64
C ILE G 158 31.04 6.02 32.55
N GLU G 159 31.13 7.34 32.65
CA GLU G 159 32.11 8.00 33.51
C GLU G 159 31.68 7.79 34.97
N PRO G 160 32.56 7.19 35.79
CA PRO G 160 32.32 6.90 37.22
C PRO G 160 31.79 8.03 38.08
N THR G 161 32.24 9.26 37.83
CA THR G 161 31.79 10.40 38.63
C THR G 161 30.67 11.16 37.93
N SER G 162 29.91 10.44 37.11
CA SER G 162 28.81 11.02 36.34
C SER G 162 27.48 11.09 37.04
N GLU G 163 26.68 12.08 36.68
CA GLU G 163 25.34 12.21 37.24
C GLU G 163 24.65 10.96 36.70
N LEU G 164 25.10 10.53 35.52
CA LEU G 164 24.55 9.36 34.86
C LEU G 164 24.93 8.08 35.59
N ALA G 165 26.20 8.02 36.02
CA ALA G 165 26.71 6.85 36.74
C ALA G 165 25.94 6.59 38.03
N LYS G 166 25.17 7.59 38.45
CA LYS G 166 24.37 7.47 39.66
C LYS G 166 23.05 6.75 39.38
N HIS G 167 22.76 6.53 38.10
CA HIS G 167 21.53 5.85 37.73
C HIS G 167 21.73 4.64 36.82
N HIS G 168 22.87 4.58 36.13
CA HIS G 168 23.14 3.43 35.26
C HIS G 168 24.51 2.83 35.56
N PRO G 169 24.57 1.49 35.58
CA PRO G 169 25.83 0.79 35.83
C PRO G 169 26.67 0.87 34.56
N ASN G 170 27.98 0.73 34.68
CA ASN G 170 28.86 0.80 33.51
C ASN G 170 28.65 -0.44 32.64
N LYS G 171 28.87 -0.27 31.33
CA LYS G 171 28.72 -1.34 30.34
C LYS G 171 27.25 -1.71 30.13
N LYS G 172 26.35 -0.79 30.44
CA LYS G 172 24.94 -1.05 30.26
C LYS G 172 24.57 -1.08 28.79
N LEU G 173 23.55 -1.88 28.47
CA LEU G 173 23.05 -1.98 27.11
C LEU G 173 21.98 -0.91 26.96
N VAL G 174 22.11 -0.08 25.94
CA VAL G 174 21.15 0.98 25.71
C VAL G 174 20.72 0.99 24.24
N ASN G 175 19.56 1.58 23.94
CA ASN G 175 19.08 1.60 22.56
C ASN G 175 19.55 2.81 21.78
N SER G 176 19.23 2.86 20.50
CA SER G 176 19.69 4.00 19.65
C SER G 176 18.61 4.44 18.64
N LEU G 177 18.50 5.68 18.20
CA LEU G 177 17.69 5.70 17.10
C LEU G 177 18.10 6.87 16.35
N HIS G 178 19.36 6.90 15.89
CA HIS G 178 19.87 8.11 15.20
C HIS G 178 20.92 7.84 14.17
N HIS G 179 21.16 8.82 13.31
CA HIS G 179 22.17 8.66 12.27
C HIS G 179 23.09 9.89 12.29
N GLN G 180 22.89 10.74 13.28
CA GLN G 180 23.70 11.95 13.46
C GLN G 180 24.33 11.88 14.84
N PHE G 181 25.48 12.52 14.99
CA PHE G 181 26.18 12.52 16.26
C PHE G 181 26.78 13.88 16.56
N ILE G 182 27.15 14.07 17.82
CA ILE G 182 27.80 15.31 18.22
C ILE G 182 29.23 15.18 17.72
N LYS G 183 29.72 16.22 17.03
CA LYS G 183 31.07 16.23 16.52
C LYS G 183 31.94 16.98 17.56
N LYS G 184 31.86 18.31 17.56
CA LYS G 184 32.61 19.12 18.54
C LYS G 184 31.72 19.45 19.74
N LEU G 185 32.15 19.06 20.93
CA LEU G 185 31.39 19.33 22.13
C LEU G 185 31.39 20.83 22.37
N ALA G 186 30.32 21.34 22.97
CA ALA G 186 30.21 22.77 23.24
C ALA G 186 30.79 23.14 24.61
N PRO G 187 31.20 24.41 24.77
CA PRO G 187 31.77 24.92 26.02
C PRO G 187 30.85 24.68 27.22
N SER G 188 31.43 24.41 28.38
CA SER G 188 30.68 24.17 29.61
C SER G 188 30.05 22.77 29.64
N PHE G 189 30.62 21.82 28.91
CA PHE G 189 30.07 20.47 28.90
C PHE G 189 31.14 19.38 28.89
N LYS G 190 30.78 18.24 29.46
CA LYS G 190 31.69 17.11 29.50
C LYS G 190 30.99 15.86 28.98
N VAL G 191 31.69 15.12 28.13
CA VAL G 191 31.13 13.89 27.58
C VAL G 191 31.05 12.89 28.74
N THR G 192 29.86 12.37 28.98
CA THR G 192 29.58 11.45 30.08
C THR G 192 29.57 9.97 29.71
N ALA G 193 29.20 9.68 28.47
CA ALA G 193 29.15 8.30 28.01
C ALA G 193 29.54 8.19 26.55
N ARG G 194 30.02 7.00 26.18
CA ARG G 194 30.44 6.71 24.82
C ARG G 194 30.28 5.22 24.50
N THR G 195 29.98 4.91 23.24
CA THR G 195 29.85 3.52 22.82
C THR G 195 31.26 3.14 22.39
N ALA G 196 31.54 1.85 22.25
CA ALA G 196 32.88 1.41 21.84
C ALA G 196 33.28 2.14 20.57
N ASP G 197 32.30 2.85 20.01
CA ASP G 197 32.44 3.65 18.80
C ASP G 197 33.34 4.83 19.02
N GLY G 198 33.20 5.41 20.21
CA GLY G 198 33.92 6.63 20.54
C GLY G 198 32.83 7.68 20.48
N MSE G 199 31.77 7.37 19.74
CA MSE G 199 30.63 8.28 19.58
C MSE G 199 30.08 8.59 20.97
O MSE G 199 30.01 7.72 21.84
CB MSE G 199 29.53 7.65 18.71
CG MSE G 199 29.95 7.36 17.27
SE MSE G 199 30.91 8.84 16.48
CE MSE G 199 29.84 9.23 14.94
N ILE G 200 29.67 9.85 21.17
CA ILE G 200 29.14 10.24 22.48
C ILE G 200 27.67 9.90 22.64
N GLU G 201 27.36 9.26 23.76
CA GLU G 201 26.00 8.84 24.07
C GLU G 201 25.36 9.63 25.21
N ALA G 202 26.16 10.40 25.92
CA ALA G 202 25.64 11.21 27.02
C ALA G 202 26.52 12.41 27.33
N VAL G 203 25.88 13.53 27.62
CA VAL G 203 26.57 14.76 27.94
C VAL G 203 25.96 15.37 29.20
N GLU G 204 26.80 15.91 30.07
CA GLU G 204 26.32 16.53 31.29
C GLU G 204 26.81 17.96 31.40
N GLY G 205 26.11 18.75 32.20
CA GLY G 205 26.49 20.14 32.36
C GLY G 205 27.75 20.26 33.17
N ASP G 206 28.54 21.29 32.89
CA ASP G 206 29.77 21.55 33.61
C ASP G 206 29.80 23.04 33.94
N ASN G 207 29.56 23.36 35.20
CA ASN G 207 29.53 24.75 35.65
C ASN G 207 28.33 25.46 35.02
N LEU G 208 27.28 24.70 34.72
CA LEU G 208 26.07 25.26 34.11
C LEU G 208 25.06 25.78 35.13
N PRO G 209 24.31 26.82 34.75
CA PRO G 209 23.30 27.41 35.64
C PRO G 209 22.13 26.48 35.98
N SER G 210 22.17 25.23 35.52
CA SER G 210 21.11 24.28 35.80
C SER G 210 21.52 22.83 35.61
N TRP G 211 20.83 21.92 36.29
CA TRP G 211 21.11 20.49 36.19
C TRP G 211 20.90 20.05 34.76
N TYR G 212 21.83 19.28 34.21
CA TYR G 212 21.67 18.82 32.84
C TYR G 212 22.20 17.44 32.49
N LEU G 213 21.31 16.62 31.93
CA LEU G 213 21.66 15.28 31.48
C LEU G 213 21.13 15.11 30.06
N GLY G 214 22.03 14.72 29.16
CA GLY G 214 21.66 14.51 27.76
C GLY G 214 22.08 13.13 27.32
N VAL G 215 21.11 12.33 26.89
CA VAL G 215 21.41 10.97 26.45
C VAL G 215 21.06 10.80 24.97
N GLN G 216 21.98 10.20 24.22
CA GLN G 216 21.79 9.99 22.78
C GLN G 216 20.69 8.96 22.46
N TRP G 217 20.44 8.05 23.40
CA TRP G 217 19.44 7.01 23.24
C TRP G 217 18.01 7.43 23.54
N HIS G 218 17.10 6.45 23.65
CA HIS G 218 15.68 6.72 23.93
C HIS G 218 15.20 5.96 25.17
N PRO G 219 15.52 6.47 26.39
CA PRO G 219 15.11 5.80 27.64
C PRO G 219 13.60 5.76 27.81
N GLU G 220 12.91 6.66 27.12
CA GLU G 220 11.46 6.74 27.19
C GLU G 220 10.79 5.51 26.57
N LEU G 221 11.56 4.72 25.81
CA LEU G 221 11.01 3.51 25.19
C LEU G 221 11.45 2.27 25.97
N MSE G 222 12.34 2.47 26.94
CA MSE G 222 12.85 1.38 27.76
C MSE G 222 12.30 1.40 29.18
O MSE G 222 12.09 0.34 29.78
CB MSE G 222 14.37 1.44 27.86
CG MSE G 222 15.12 1.52 26.54
SE MSE G 222 17.05 1.73 26.86
CE MSE G 222 17.44 -0.10 27.35
N PHE G 223 12.06 2.59 29.72
CA PHE G 223 11.60 2.76 31.09
C PHE G 223 10.46 1.86 31.56
N GLN G 224 9.59 1.44 30.65
CA GLN G 224 8.48 0.58 31.02
C GLN G 224 8.98 -0.84 31.26
N THR G 225 10.22 -1.10 30.83
CA THR G 225 10.81 -2.43 30.98
C THR G 225 12.19 -2.40 31.63
N ASP G 226 12.75 -1.21 31.82
CA ASP G 226 14.07 -1.08 32.43
C ASP G 226 14.02 -0.07 33.58
N PRO G 227 13.83 -0.56 34.82
CA PRO G 227 13.76 0.34 35.97
C PRO G 227 14.82 1.43 36.02
N GLU G 228 16.04 1.11 35.59
CA GLU G 228 17.12 2.09 35.61
C GLU G 228 16.83 3.25 34.66
N SER G 229 16.14 2.97 33.55
CA SER G 229 15.81 4.02 32.60
C SER G 229 14.74 4.91 33.21
N GLU G 230 13.92 4.34 34.08
CA GLU G 230 12.88 5.12 34.73
C GLU G 230 13.52 6.17 35.64
N GLN G 231 14.64 5.79 36.26
CA GLN G 231 15.38 6.68 37.16
C GLN G 231 15.74 8.00 36.52
N LEU G 232 16.15 7.96 35.25
CA LEU G 232 16.55 9.17 34.55
C LEU G 232 15.42 10.19 34.54
N PHE G 233 14.19 9.73 34.36
CA PHE G 233 13.06 10.65 34.36
C PHE G 233 12.73 11.05 35.79
N GLN G 234 13.02 10.16 36.73
CA GLN G 234 12.76 10.44 38.14
C GLN G 234 13.70 11.58 38.54
N ALA G 235 14.95 11.49 38.10
CA ALA G 235 15.94 12.52 38.38
C ALA G 235 15.43 13.88 37.90
N LEU G 236 14.98 13.95 36.66
CA LEU G 236 14.48 15.22 36.13
C LEU G 236 13.35 15.78 36.99
N VAL G 237 12.45 14.90 37.42
CA VAL G 237 11.30 15.32 38.23
C VAL G 237 11.74 15.83 39.60
N ASP G 238 12.56 15.04 40.29
CA ASP G 238 13.04 15.44 41.61
C ASP G 238 13.79 16.76 41.53
N GLU G 239 14.78 16.79 40.65
CA GLU G 239 15.61 17.97 40.45
C GLU G 239 14.74 19.17 40.07
N SER G 240 13.58 18.88 39.49
CA SER G 240 12.67 19.92 39.07
C SER G 240 11.86 20.54 40.20
N LYS G 241 11.40 19.71 41.14
CA LYS G 241 10.62 20.25 42.25
C LYS G 241 11.48 21.10 43.16
N LYS G 242 12.78 20.81 43.19
CA LYS G 242 13.72 21.56 44.01
C LYS G 242 13.98 22.94 43.41
N LEU H 3 2.89 39.27 27.65
CA LEU H 3 2.69 37.86 28.13
C LEU H 3 1.28 37.37 27.76
N LYS H 4 1.05 37.11 26.47
CA LYS H 4 -0.24 36.65 25.94
C LYS H 4 -1.03 35.57 26.69
N PRO H 5 -2.34 35.44 26.38
CA PRO H 5 -3.26 34.47 26.96
C PRO H 5 -2.84 33.01 26.73
N VAL H 6 -2.77 32.23 27.81
CA VAL H 6 -2.40 30.83 27.69
C VAL H 6 -3.63 29.98 27.39
N ILE H 7 -3.68 29.40 26.19
CA ILE H 7 -4.80 28.56 25.81
C ILE H 7 -4.45 27.08 25.85
N GLY H 8 -5.13 26.33 26.71
CA GLY H 8 -4.88 24.90 26.80
C GLY H 8 -5.65 24.19 25.72
N ILE H 9 -4.95 23.41 24.90
CA ILE H 9 -5.58 22.67 23.80
C ILE H 9 -5.58 21.18 24.10
N THR H 10 -6.77 20.62 24.16
CA THR H 10 -6.96 19.21 24.47
C THR H 10 -6.59 18.30 23.29
N GLY H 11 -6.32 17.02 23.56
CA GLY H 11 -5.95 16.13 22.49
C GLY H 11 -5.79 14.67 22.88
N GLN H 30 -3.79 18.08 15.65
CA GLN H 30 -4.12 19.28 16.42
C GLN H 30 -3.28 20.49 16.03
N GLN H 31 -2.44 20.35 15.00
CA GLN H 31 -1.59 21.45 14.57
C GLN H 31 -2.34 22.67 14.06
N ARG H 32 -3.46 22.45 13.36
CA ARG H 32 -4.23 23.58 12.85
C ARG H 32 -4.85 24.36 14.00
N TYR H 33 -5.10 23.68 15.12
CA TYR H 33 -5.66 24.32 16.29
C TYR H 33 -4.61 25.25 16.87
N VAL H 34 -3.38 24.78 16.96
CA VAL H 34 -2.32 25.62 17.51
C VAL H 34 -2.09 26.82 16.56
N ASP H 35 -2.22 26.59 15.27
CA ASP H 35 -2.04 27.67 14.31
C ASP H 35 -3.13 28.72 14.50
N ALA H 36 -4.36 28.27 14.72
CA ALA H 36 -5.48 29.20 14.90
C ALA H 36 -5.25 30.09 16.11
N ILE H 37 -4.87 29.48 17.23
CA ILE H 37 -4.63 30.22 18.45
C ILE H 37 -3.42 31.14 18.35
N GLN H 38 -2.36 30.69 17.70
CA GLN H 38 -1.17 31.52 17.56
C GLN H 38 -1.43 32.76 16.70
N LYS H 39 -2.23 32.62 15.65
CA LYS H 39 -2.50 33.76 14.78
C LYS H 39 -3.40 34.79 15.49
N VAL H 40 -4.13 34.32 16.49
CA VAL H 40 -5.06 35.15 17.26
C VAL H 40 -4.39 35.85 18.45
N GLY H 41 -3.12 35.56 18.69
CA GLY H 41 -2.41 36.20 19.78
C GLY H 41 -2.29 35.44 21.07
N GLY H 42 -2.74 34.19 21.10
CA GLY H 42 -2.63 33.43 22.33
C GLY H 42 -1.41 32.52 22.33
N PHE H 43 -1.03 32.05 23.51
CA PHE H 43 0.09 31.14 23.63
C PHE H 43 -0.50 29.77 23.90
N PRO H 44 -0.51 28.89 22.89
CA PRO H 44 -1.07 27.56 23.07
C PRO H 44 -0.19 26.55 23.80
N ILE H 45 -0.87 25.64 24.46
CA ILE H 45 -0.23 24.57 25.20
C ILE H 45 -1.07 23.34 24.89
N ALA H 46 -0.44 22.18 24.82
CA ALA H 46 -1.18 20.96 24.54
C ALA H 46 -1.22 20.12 25.83
N LEU H 47 -2.42 19.84 26.30
CA LEU H 47 -2.59 19.05 27.51
C LEU H 47 -2.76 17.57 27.20
N PRO H 48 -1.75 16.76 27.53
CA PRO H 48 -1.80 15.32 27.27
C PRO H 48 -2.93 14.67 28.08
N ILE H 49 -3.23 13.41 27.79
CA ILE H 49 -4.27 12.70 28.53
C ILE H 49 -3.67 12.39 29.89
N ASP H 50 -4.37 12.78 30.96
CA ASP H 50 -3.87 12.51 32.31
C ASP H 50 -5.03 12.02 33.17
N ASP H 51 -4.76 11.71 34.43
CA ASP H 51 -5.81 11.26 35.34
C ASP H 51 -6.75 12.43 35.60
N PRO H 52 -8.07 12.20 35.62
CA PRO H 52 -9.04 13.26 35.87
C PRO H 52 -8.69 14.09 37.10
N SER H 53 -8.04 13.47 38.07
CA SER H 53 -7.67 14.20 39.27
C SER H 53 -6.77 15.40 38.97
N THR H 54 -5.81 15.23 38.04
CA THR H 54 -4.88 16.30 37.69
C THR H 54 -5.55 17.45 36.93
N ALA H 55 -6.81 17.28 36.57
CA ALA H 55 -7.51 18.30 35.82
C ALA H 55 -7.39 19.71 36.40
N VAL H 56 -7.60 19.86 37.71
CA VAL H 56 -7.52 21.19 38.31
C VAL H 56 -6.13 21.81 38.16
N GLN H 57 -5.09 20.99 38.35
CA GLN H 57 -3.73 21.49 38.21
C GLN H 57 -3.51 21.95 36.77
N ALA H 58 -4.11 21.20 35.85
CA ALA H 58 -4.01 21.50 34.43
C ALA H 58 -4.62 22.84 34.10
N ILE H 59 -5.90 23.00 34.41
CA ILE H 59 -6.61 24.25 34.14
C ILE H 59 -6.00 25.46 34.84
N SER H 60 -5.26 25.23 35.92
CA SER H 60 -4.62 26.33 36.64
C SER H 60 -3.51 26.91 35.80
N LEU H 61 -2.95 26.10 34.90
CA LEU H 61 -1.86 26.55 34.04
C LEU H 61 -2.37 27.43 32.91
N VAL H 62 -3.68 27.46 32.70
CA VAL H 62 -4.22 28.23 31.57
C VAL H 62 -5.31 29.25 31.86
N ASP H 63 -5.52 30.13 30.89
CA ASP H 63 -6.53 31.16 30.98
C ASP H 63 -7.73 30.81 30.11
N GLY H 64 -7.53 29.86 29.20
CA GLY H 64 -8.60 29.43 28.31
C GLY H 64 -8.49 27.97 27.93
N LEU H 65 -9.61 27.34 27.61
CA LEU H 65 -9.61 25.93 27.26
C LEU H 65 -10.22 25.72 25.87
N LEU H 66 -9.56 24.88 25.07
CA LEU H 66 -10.02 24.58 23.72
C LEU H 66 -10.17 23.07 23.52
N LEU H 67 -11.41 22.61 23.47
CA LEU H 67 -11.69 21.20 23.25
C LEU H 67 -11.67 20.99 21.72
N THR H 68 -10.92 19.96 21.30
CA THR H 68 -10.77 19.65 19.88
C THR H 68 -11.52 18.40 19.44
N GLY H 69 -11.50 18.15 18.14
CA GLY H 69 -12.17 16.99 17.59
C GLY H 69 -11.40 15.72 17.94
N GLY H 70 -12.01 14.58 17.62
CA GLY H 70 -11.40 13.30 17.91
C GLY H 70 -12.42 12.19 17.73
N GLN H 71 -12.24 11.11 18.47
CA GLN H 71 -13.14 9.98 18.39
C GLN H 71 -14.52 10.26 19.00
N ASP H 72 -15.44 9.31 18.85
CA ASP H 72 -16.78 9.47 19.40
C ASP H 72 -16.68 9.36 20.93
N ILE H 73 -17.69 9.84 21.63
CA ILE H 73 -17.66 9.77 23.09
C ILE H 73 -18.12 8.41 23.58
N THR H 74 -17.41 7.87 24.56
CA THR H 74 -17.76 6.57 25.15
C THR H 74 -19.26 6.62 25.45
N PRO H 75 -20.01 5.65 24.92
CA PRO H 75 -21.46 5.53 25.09
C PRO H 75 -21.99 5.36 26.52
N GLN H 76 -21.22 4.71 27.38
CA GLN H 76 -21.67 4.53 28.75
C GLN H 76 -21.69 5.87 29.50
N LEU H 77 -20.87 6.82 29.07
CA LEU H 77 -20.83 8.12 29.73
C LEU H 77 -22.21 8.77 29.69
N TYR H 78 -23.02 8.42 28.70
CA TYR H 78 -24.37 8.94 28.65
C TYR H 78 -25.38 7.80 28.73
N LEU H 79 -25.02 6.79 29.53
CA LEU H 79 -25.84 5.62 29.79
C LEU H 79 -26.36 4.84 28.58
N GLU H 80 -25.44 4.36 27.75
CA GLU H 80 -25.81 3.59 26.57
C GLU H 80 -24.73 2.56 26.23
N GLU H 81 -25.14 1.33 25.92
CA GLU H 81 -24.17 0.32 25.52
C GLU H 81 -23.78 0.68 24.09
N PRO H 82 -22.63 0.16 23.61
CA PRO H 82 -22.20 0.49 22.25
C PRO H 82 -23.04 -0.09 21.12
N SER H 83 -23.51 0.81 20.27
CA SER H 83 -24.33 0.50 19.10
C SER H 83 -23.45 -0.07 17.99
N GLN H 84 -24.02 -0.93 17.15
CA GLN H 84 -23.27 -1.53 16.05
C GLN H 84 -22.61 -0.53 15.12
N GLU H 85 -23.19 0.66 14.97
CA GLU H 85 -22.57 1.65 14.09
C GLU H 85 -21.80 2.75 14.81
N ILE H 86 -21.43 2.49 16.06
CA ILE H 86 -20.64 3.47 16.80
C ILE H 86 -19.20 3.30 16.37
N GLY H 87 -18.45 4.38 16.29
CA GLY H 87 -17.06 4.28 15.88
C GLY H 87 -16.14 3.92 17.04
N ALA H 88 -14.89 4.37 16.96
CA ALA H 88 -13.94 4.09 18.02
C ALA H 88 -14.07 5.17 19.08
N TYR H 89 -13.65 4.85 20.31
CA TYR H 89 -13.68 5.81 21.40
C TYR H 89 -12.57 5.46 22.40
N PHE H 90 -12.16 6.45 23.20
CA PHE H 90 -11.09 6.24 24.17
C PHE H 90 -11.48 6.76 25.54
N PRO H 91 -11.97 5.88 26.41
CA PRO H 91 -12.39 6.25 27.77
C PRO H 91 -11.46 7.25 28.46
N PRO H 92 -10.18 6.91 28.62
CA PRO H 92 -9.23 7.81 29.28
C PRO H 92 -9.35 9.25 28.77
N ARG H 93 -9.43 9.39 27.45
CA ARG H 93 -9.56 10.70 26.82
C ARG H 93 -10.84 11.41 27.29
N ASP H 94 -11.98 10.71 27.28
CA ASP H 94 -13.24 11.31 27.70
C ASP H 94 -13.23 11.68 29.19
N SER H 95 -12.78 10.75 30.01
CA SER H 95 -12.70 10.93 31.45
C SER H 95 -11.95 12.22 31.80
N TYR H 96 -10.76 12.37 31.23
CA TYR H 96 -9.95 13.54 31.49
C TYR H 96 -10.54 14.83 30.95
N GLU H 97 -11.15 14.79 29.77
CA GLU H 97 -11.73 15.99 29.19
C GLU H 97 -12.94 16.48 29.97
N ILE H 98 -13.70 15.55 30.55
CA ILE H 98 -14.86 15.94 31.32
C ILE H 98 -14.38 16.68 32.58
N ALA H 99 -13.44 16.08 33.31
CA ALA H 99 -12.88 16.70 34.52
C ALA H 99 -12.23 18.03 34.16
N LEU H 100 -11.90 18.19 32.89
CA LEU H 100 -11.25 19.40 32.40
C LEU H 100 -12.22 20.54 32.21
N VAL H 101 -13.44 20.22 31.77
CA VAL H 101 -14.43 21.26 31.57
C VAL H 101 -14.99 21.69 32.92
N ARG H 102 -15.16 20.73 33.83
CA ARG H 102 -15.68 21.05 35.16
C ARG H 102 -14.73 21.98 35.88
N ALA H 103 -13.43 21.69 35.82
CA ALA H 103 -12.42 22.51 36.45
C ALA H 103 -12.37 23.89 35.78
N ALA H 104 -12.55 23.91 34.46
CA ALA H 104 -12.55 25.17 33.71
C ALA H 104 -13.75 26.01 34.13
N LEU H 105 -14.86 25.33 34.37
CA LEU H 105 -16.10 25.98 34.79
C LEU H 105 -15.96 26.56 36.20
N ASP H 106 -15.45 25.76 37.12
CA ASP H 106 -15.27 26.21 38.49
C ASP H 106 -14.47 27.51 38.48
N ALA H 107 -13.40 27.55 37.68
CA ALA H 107 -12.54 28.72 37.58
C ALA H 107 -13.14 29.81 36.69
N GLY H 108 -14.33 29.56 36.15
CA GLY H 108 -14.97 30.54 35.29
C GLY H 108 -14.18 30.91 34.05
N LYS H 109 -13.30 30.02 33.61
CA LYS H 109 -12.50 30.30 32.42
C LYS H 109 -13.28 29.95 31.15
N PRO H 110 -13.06 30.73 30.07
CA PRO H 110 -13.74 30.54 28.78
C PRO H 110 -13.44 29.20 28.12
N ILE H 111 -14.45 28.64 27.48
CA ILE H 111 -14.31 27.35 26.81
C ILE H 111 -14.84 27.39 25.37
N PHE H 112 -14.03 26.91 24.43
CA PHE H 112 -14.42 26.85 23.01
C PHE H 112 -14.35 25.37 22.61
N ALA H 113 -15.50 24.80 22.26
CA ALA H 113 -15.59 23.39 21.90
C ALA H 113 -15.82 23.15 20.42
N ILE H 114 -15.02 22.26 19.84
CA ILE H 114 -15.09 21.95 18.42
C ILE H 114 -15.46 20.49 18.13
N CYS H 115 -16.44 20.31 17.23
CA CYS H 115 -16.90 19.00 16.82
C CYS H 115 -17.08 18.10 18.04
N ARG H 116 -16.21 17.12 18.18
CA ARG H 116 -16.25 16.18 19.29
C ARG H 116 -16.33 16.95 20.61
N GLY H 117 -15.67 18.09 20.65
CA GLY H 117 -15.66 18.92 21.85
C GLY H 117 -17.02 19.42 22.27
N MSE H 118 -17.80 19.93 21.32
CA MSE H 118 -19.11 20.41 21.65
C MSE H 118 -19.96 19.26 22.18
O MSE H 118 -20.81 19.44 23.05
CB MSE H 118 -19.78 20.99 20.41
CG MSE H 118 -21.23 21.37 20.64
SE MSE H 118 -22.10 21.84 19.00
CE MSE H 118 -22.76 20.08 18.53
N GLN H 119 -19.70 18.06 21.66
CA GLN H 119 -20.43 16.90 22.07
C GLN H 119 -20.01 16.42 23.46
N LEU H 120 -18.72 16.51 23.76
CA LEU H 120 -18.23 16.10 25.08
C LEU H 120 -18.83 17.00 26.15
N VAL H 121 -18.76 18.30 25.95
CA VAL H 121 -19.33 19.23 26.90
C VAL H 121 -20.76 18.78 27.22
N ASN H 122 -21.55 18.57 26.17
CA ASN H 122 -22.93 18.13 26.34
C ASN H 122 -23.04 16.88 27.23
N VAL H 123 -22.26 15.86 26.90
CA VAL H 123 -22.28 14.62 27.66
C VAL H 123 -21.78 14.86 29.08
N ALA H 124 -20.91 15.85 29.23
CA ALA H 124 -20.35 16.19 30.55
C ALA H 124 -21.42 16.73 31.50
N LEU H 125 -22.35 17.52 30.98
CA LEU H 125 -23.42 18.08 31.80
C LEU H 125 -24.75 17.33 31.71
N GLY H 126 -24.69 16.03 31.43
CA GLY H 126 -25.90 15.21 31.36
C GLY H 126 -26.74 15.10 30.09
N GLY H 127 -26.16 15.41 28.93
CA GLY H 127 -26.92 15.33 27.69
C GLY H 127 -26.59 14.03 26.96
N THR H 128 -27.29 13.73 25.87
CA THR H 128 -27.02 12.52 25.11
C THR H 128 -26.66 12.80 23.65
N LEU H 129 -26.32 11.74 22.91
CA LEU H 129 -25.94 11.88 21.51
C LEU H 129 -26.54 10.76 20.64
N TYR H 130 -26.59 11.01 19.34
CA TYR H 130 -27.05 10.00 18.43
C TYR H 130 -25.75 9.25 18.16
N GLN H 131 -25.74 7.92 18.24
CA GLN H 131 -24.49 7.19 18.03
C GLN H 131 -24.03 7.13 16.57
N ASP H 132 -24.94 7.44 15.66
CA ASP H 132 -24.62 7.44 14.25
C ASP H 132 -25.73 8.08 13.44
N ILE H 133 -25.34 8.75 12.35
CA ILE H 133 -26.29 9.43 11.48
C ILE H 133 -27.44 8.54 11.02
N SER H 134 -27.20 7.23 10.90
CA SER H 134 -28.26 6.32 10.45
C SER H 134 -29.35 6.14 11.50
N GLN H 135 -29.05 6.53 12.74
CA GLN H 135 -30.00 6.39 13.83
C GLN H 135 -30.99 7.54 13.96
N VAL H 136 -30.77 8.63 13.24
CA VAL H 136 -31.68 9.78 13.29
C VAL H 136 -33.00 9.41 12.62
N GLU H 137 -34.12 9.68 13.31
CA GLU H 137 -35.45 9.32 12.79
C GLU H 137 -35.80 9.93 11.44
N THR H 138 -35.24 11.09 11.13
CA THR H 138 -35.48 11.73 9.83
C THR H 138 -34.17 11.72 9.07
N LYS H 139 -34.23 11.53 7.75
CA LYS H 139 -33.02 11.48 6.94
C LYS H 139 -32.20 12.76 7.02
N ALA H 140 -31.00 12.63 7.56
CA ALA H 140 -30.10 13.77 7.73
C ALA H 140 -29.36 14.11 6.44
N LEU H 141 -28.80 15.31 6.41
CA LEU H 141 -28.02 15.76 5.26
C LEU H 141 -26.66 15.14 5.45
N GLN H 142 -25.79 15.30 4.47
CA GLN H 142 -24.45 14.76 4.61
C GLN H 142 -23.69 15.60 5.63
N HIS H 143 -23.13 14.95 6.64
CA HIS H 143 -22.37 15.63 7.68
C HIS H 143 -20.94 15.15 7.72
N LEU H 144 -20.62 14.20 6.84
CA LEU H 144 -19.27 13.66 6.71
C LEU H 144 -18.88 14.02 5.28
N GLN H 145 -18.60 15.31 5.07
CA GLN H 145 -18.28 15.82 3.74
C GLN H 145 -17.08 15.22 3.03
N ARG H 146 -17.23 15.06 1.72
CA ARG H 146 -16.17 14.54 0.87
C ARG H 146 -15.57 15.73 0.14
N VAL H 147 -16.08 16.92 0.49
CA VAL H 147 -15.61 18.17 -0.09
C VAL H 147 -14.30 18.50 0.61
N ASP H 148 -13.48 19.34 -0.02
CA ASP H 148 -12.23 19.76 0.58
C ASP H 148 -12.53 20.18 2.02
N GLU H 149 -11.88 19.55 2.99
CA GLU H 149 -12.10 19.84 4.40
C GLU H 149 -12.04 21.32 4.81
N GLN H 150 -11.36 22.13 4.00
CA GLN H 150 -11.23 23.55 4.31
C GLN H 150 -12.46 24.38 3.92
N LEU H 151 -13.24 23.88 2.96
CA LEU H 151 -14.44 24.59 2.51
C LEU H 151 -15.69 24.15 3.25
N GLY H 152 -16.71 25.00 3.23
CA GLY H 152 -17.98 24.70 3.88
C GLY H 152 -18.81 23.82 2.97
N SER H 153 -19.61 22.93 3.56
CA SER H 153 -20.44 22.00 2.80
C SER H 153 -21.94 22.16 3.02
N HIS H 154 -22.35 22.43 4.25
CA HIS H 154 -23.77 22.63 4.52
C HIS H 154 -24.04 24.01 5.12
N THR H 155 -25.21 24.56 4.83
CA THR H 155 -25.58 25.89 5.32
C THR H 155 -26.25 25.80 6.69
N ILE H 156 -25.96 26.76 7.56
CA ILE H 156 -26.52 26.78 8.90
C ILE H 156 -27.37 28.02 9.19
N ASP H 157 -28.45 27.80 9.94
CA ASP H 157 -29.34 28.88 10.34
C ASP H 157 -28.84 29.24 11.73
N ILE H 158 -28.60 30.53 11.96
CA ILE H 158 -28.08 30.96 13.25
C ILE H 158 -29.05 31.81 14.07
N GLU H 159 -29.05 31.61 15.39
CA GLU H 159 -29.92 32.38 16.28
C GLU H 159 -29.37 33.80 16.24
N PRO H 160 -30.11 34.72 15.62
CA PRO H 160 -29.70 36.12 15.50
C PRO H 160 -29.34 36.84 16.79
N THR H 161 -29.70 36.25 17.93
CA THR H 161 -29.42 36.87 19.22
C THR H 161 -28.31 36.15 19.97
N SER H 162 -27.63 35.23 19.29
CA SER H 162 -26.57 34.44 19.91
C SER H 162 -25.17 35.01 19.72
N GLU H 163 -24.24 34.47 20.50
CA GLU H 163 -22.84 34.88 20.42
C GLU H 163 -22.39 34.62 18.99
N LEU H 164 -22.73 33.45 18.46
CA LEU H 164 -22.36 33.09 17.11
C LEU H 164 -22.80 34.14 16.09
N ALA H 165 -23.99 34.70 16.30
CA ALA H 165 -24.51 35.72 15.39
C ALA H 165 -23.61 36.95 15.31
N LYS H 166 -22.86 37.21 16.38
CA LYS H 166 -21.96 38.36 16.40
C LYS H 166 -20.73 38.13 15.52
N HIS H 167 -20.46 36.86 15.20
CA HIS H 167 -19.30 36.52 14.38
C HIS H 167 -19.62 35.86 13.03
N HIS H 168 -20.80 35.25 12.92
CA HIS H 168 -21.18 34.62 11.65
C HIS H 168 -22.56 35.05 11.20
N PRO H 169 -22.68 35.45 9.92
CA PRO H 169 -24.00 35.87 9.46
C PRO H 169 -24.87 34.62 9.32
N ASN H 170 -26.16 34.83 9.08
CA ASN H 170 -27.09 33.71 8.92
C ASN H 170 -26.93 33.08 7.54
N LYS H 171 -27.17 31.77 7.47
CA LYS H 171 -27.07 31.02 6.22
C LYS H 171 -25.65 30.85 5.68
N LYS H 172 -24.64 30.93 6.56
CA LYS H 172 -23.28 30.77 6.08
C LYS H 172 -22.93 29.29 5.89
N LEU H 173 -22.07 29.01 4.91
CA LEU H 173 -21.65 27.64 4.63
C LEU H 173 -20.53 27.25 5.58
N VAL H 174 -20.71 26.12 6.25
CA VAL H 174 -19.73 25.66 7.22
C VAL H 174 -19.33 24.20 6.90
N ASN H 175 -18.14 23.77 7.32
CA ASN H 175 -17.76 22.39 7.00
C ASN H 175 -18.42 21.36 7.90
N SER H 176 -18.10 20.09 7.67
CA SER H 176 -18.71 19.03 8.47
C SER H 176 -17.91 17.75 8.32
N LEU H 177 -17.49 17.20 9.44
CA LEU H 177 -16.71 15.98 9.44
C LEU H 177 -17.06 15.15 10.67
N HIS H 178 -18.34 14.83 10.82
CA HIS H 178 -18.77 14.05 11.97
C HIS H 178 -19.84 13.06 11.56
N HIS H 179 -20.05 12.03 12.38
CA HIS H 179 -21.07 11.04 12.07
C HIS H 179 -22.02 10.88 13.25
N GLN H 180 -21.72 11.57 14.34
CA GLN H 180 -22.57 11.52 15.53
C GLN H 180 -23.17 12.90 15.73
N PHE H 181 -24.20 12.98 16.56
CA PHE H 181 -24.83 14.27 16.80
C PHE H 181 -25.39 14.39 18.21
N ILE H 182 -25.65 15.63 18.61
CA ILE H 182 -26.23 15.86 19.92
C ILE H 182 -27.68 15.40 19.80
N LYS H 183 -28.10 14.52 20.71
CA LYS H 183 -29.47 14.06 20.71
C LYS H 183 -30.20 15.01 21.64
N LYS H 184 -30.18 14.69 22.93
CA LYS H 184 -30.83 15.53 23.92
C LYS H 184 -29.82 16.50 24.53
N LEU H 185 -30.10 17.78 24.36
CA LEU H 185 -29.24 18.85 24.86
C LEU H 185 -29.31 18.94 26.38
N ALA H 186 -28.15 18.94 27.02
CA ALA H 186 -28.08 19.05 28.47
C ALA H 186 -28.63 20.39 28.93
N PRO H 187 -29.17 20.46 30.16
CA PRO H 187 -29.71 21.72 30.67
C PRO H 187 -28.61 22.76 30.87
N SER H 188 -28.99 24.03 30.83
CA SER H 188 -28.07 25.16 30.97
C SER H 188 -27.42 25.49 29.63
N PHE H 189 -27.97 24.92 28.57
CA PHE H 189 -27.45 25.18 27.24
C PHE H 189 -28.59 25.47 26.28
N LYS H 190 -28.25 26.11 25.17
CA LYS H 190 -29.23 26.46 24.17
C LYS H 190 -28.65 26.20 22.78
N VAL H 191 -29.51 25.90 21.82
CA VAL H 191 -29.06 25.64 20.46
C VAL H 191 -28.92 26.98 19.75
N THR H 192 -27.77 27.19 19.12
CA THR H 192 -27.48 28.44 18.43
C THR H 192 -27.44 28.32 16.91
N ALA H 193 -27.33 27.10 16.40
CA ALA H 193 -27.29 26.88 14.96
C ALA H 193 -27.65 25.46 14.57
N ARG H 194 -28.33 25.31 13.44
CA ARG H 194 -28.74 24.01 12.94
C ARG H 194 -28.64 24.00 11.42
N THR H 195 -28.53 22.82 10.85
CA THR H 195 -28.49 22.70 9.41
C THR H 195 -29.95 22.49 9.04
N ALA H 196 -30.25 22.54 7.75
CA ALA H 196 -31.62 22.39 7.27
C ALA H 196 -32.32 21.09 7.68
N ASP H 197 -31.57 20.10 8.14
CA ASP H 197 -32.16 18.83 8.56
C ASP H 197 -32.52 18.85 10.04
N GLY H 198 -32.26 19.97 10.70
CA GLY H 198 -32.56 20.07 12.11
C GLY H 198 -31.43 19.65 13.03
N MSE H 199 -30.34 19.10 12.47
CA MSE H 199 -29.24 18.69 13.33
C MSE H 199 -28.61 19.93 14.00
O MSE H 199 -28.54 21.01 13.41
CB MSE H 199 -28.16 17.92 12.56
CG MSE H 199 -28.54 16.50 12.13
SE MSE H 199 -29.69 15.51 13.36
CE MSE H 199 -28.59 14.30 14.23
N ILE H 200 -28.17 19.75 15.25
CA ILE H 200 -27.57 20.80 16.05
C ILE H 200 -26.13 21.10 15.64
N GLU H 201 -25.86 22.34 15.25
CA GLU H 201 -24.52 22.72 14.83
C GLU H 201 -23.83 23.69 15.78
N ALA H 202 -24.55 24.21 16.75
CA ALA H 202 -23.96 25.14 17.70
C ALA H 202 -24.70 25.21 19.04
N VAL H 203 -23.93 25.19 20.12
CA VAL H 203 -24.48 25.26 21.46
C VAL H 203 -23.90 26.42 22.25
N GLU H 204 -24.79 27.21 22.88
CA GLU H 204 -24.41 28.35 23.70
C GLU H 204 -24.75 28.00 25.14
N GLY H 205 -24.34 28.84 26.08
CA GLY H 205 -24.62 28.53 27.47
C GLY H 205 -25.59 29.47 28.16
N ASP H 206 -26.28 28.94 29.17
CA ASP H 206 -27.24 29.70 29.97
C ASP H 206 -26.73 29.71 31.41
N ASN H 207 -26.56 30.90 31.96
CA ASN H 207 -26.10 31.03 33.33
C ASN H 207 -24.91 30.14 33.67
N LEU H 208 -24.01 29.92 32.70
CA LEU H 208 -22.83 29.11 32.97
C LEU H 208 -21.79 30.01 33.62
N PRO H 209 -20.98 29.46 34.55
CA PRO H 209 -19.97 30.30 35.19
C PRO H 209 -18.94 30.89 34.23
N SER H 210 -19.00 30.49 32.96
CA SER H 210 -18.05 31.02 31.98
C SER H 210 -18.58 31.10 30.56
N TRP H 211 -17.91 31.94 29.77
CA TRP H 211 -18.24 32.12 28.35
C TRP H 211 -18.14 30.75 27.69
N TYR H 212 -19.06 30.43 26.78
CA TYR H 212 -19.00 29.14 26.12
C TYR H 212 -19.54 29.12 24.69
N LEU H 213 -18.83 28.40 23.84
CA LEU H 213 -19.21 28.26 22.44
C LEU H 213 -18.77 26.89 21.96
N GLY H 214 -19.72 26.14 21.41
CA GLY H 214 -19.42 24.83 20.90
C GLY H 214 -20.00 24.70 19.50
N VAL H 215 -19.14 24.52 18.50
CA VAL H 215 -19.62 24.37 17.15
C VAL H 215 -19.37 22.93 16.73
N GLN H 216 -20.24 22.40 15.88
CA GLN H 216 -20.13 21.02 15.42
C GLN H 216 -19.11 20.88 14.28
N TRP H 217 -18.77 22.00 13.63
CA TRP H 217 -17.83 21.97 12.51
C TRP H 217 -16.36 22.20 12.92
N HIS H 218 -15.45 22.26 11.94
CA HIS H 218 -14.01 22.45 12.19
C HIS H 218 -13.49 23.77 11.71
N PRO H 219 -13.70 24.85 12.48
CA PRO H 219 -13.22 26.18 12.08
C PRO H 219 -11.69 26.28 12.01
N GLU H 220 -10.98 25.42 12.73
CA GLU H 220 -9.53 25.51 12.70
C GLU H 220 -9.04 25.14 11.29
N LEU H 221 -9.90 24.50 10.51
CA LEU H 221 -9.53 24.12 9.15
C LEU H 221 -9.96 25.20 8.14
N MSE H 222 -10.76 26.15 8.60
CA MSE H 222 -11.27 27.22 7.72
C MSE H 222 -10.67 28.61 7.93
O MSE H 222 -10.63 29.42 7.00
CB MSE H 222 -12.79 27.35 7.86
CG MSE H 222 -13.62 26.12 7.51
SE MSE H 222 -15.51 26.45 7.96
CE MSE H 222 -15.90 27.73 6.56
N PHE H 223 -10.22 28.90 9.15
CA PHE H 223 -9.70 30.24 9.47
C PHE H 223 -8.59 30.77 8.56
N GLN H 224 -7.82 29.88 7.96
CA GLN H 224 -6.72 30.30 7.09
C GLN H 224 -7.25 31.04 5.86
N THR H 225 -8.46 30.72 5.44
CA THR H 225 -9.07 31.36 4.27
C THR H 225 -10.48 31.87 4.55
N ASP H 226 -10.84 31.94 5.82
CA ASP H 226 -12.17 32.40 6.17
C ASP H 226 -12.09 33.30 7.41
N PRO H 227 -11.97 34.62 7.20
CA PRO H 227 -11.89 35.63 8.26
C PRO H 227 -12.90 35.41 9.39
N GLU H 228 -14.13 35.14 9.00
CA GLU H 228 -15.20 34.89 9.97
C GLU H 228 -14.82 33.80 10.96
N SER H 229 -14.18 32.73 10.47
CA SER H 229 -13.77 31.63 11.33
C SER H 229 -12.64 32.02 12.27
N GLU H 230 -11.78 32.93 11.84
CA GLU H 230 -10.69 33.38 12.68
C GLU H 230 -11.27 34.17 13.83
N GLN H 231 -12.42 34.80 13.60
CA GLN H 231 -13.06 35.59 14.64
C GLN H 231 -13.42 34.76 15.86
N LEU H 232 -13.90 33.53 15.65
CA LEU H 232 -14.28 32.68 16.77
C LEU H 232 -13.08 32.42 17.70
N PHE H 233 -11.90 32.15 17.13
CA PHE H 233 -10.72 31.92 17.96
C PHE H 233 -10.30 33.21 18.62
N GLN H 234 -10.55 34.32 17.95
CA GLN H 234 -10.21 35.63 18.50
C GLN H 234 -11.05 35.86 19.75
N ALA H 235 -12.29 35.38 19.70
CA ALA H 235 -13.22 35.51 20.82
C ALA H 235 -12.72 34.74 22.03
N LEU H 236 -12.21 33.54 21.82
CA LEU H 236 -11.70 32.73 22.92
C LEU H 236 -10.50 33.39 23.62
N VAL H 237 -9.64 34.02 22.81
CA VAL H 237 -8.46 34.69 23.36
C VAL H 237 -8.87 35.98 24.06
N ASP H 238 -9.73 36.77 23.41
CA ASP H 238 -10.20 38.02 24.00
C ASP H 238 -10.86 37.71 25.34
N GLU H 239 -11.61 36.61 25.38
CA GLU H 239 -12.29 36.16 26.59
C GLU H 239 -11.31 35.63 27.63
N SER H 240 -10.16 35.14 27.17
CA SER H 240 -9.17 34.61 28.09
C SER H 240 -8.37 35.72 28.76
N LYS H 241 -7.98 36.75 28.00
CA LYS H 241 -7.25 37.85 28.62
C LYS H 241 -8.26 38.84 29.17
N LYS H 242 -9.44 38.31 29.45
CA LYS H 242 -10.55 39.07 29.98
C LYS H 242 -10.89 38.38 31.30
N THR H 243 -10.02 37.46 31.70
CA THR H 243 -10.14 36.72 32.95
C THR H 243 -8.76 36.69 33.58
N MSE H 244 -7.88 37.54 33.05
CA MSE H 244 -6.51 37.68 33.52
C MSE H 244 -6.18 39.17 33.48
O MSE H 244 -7.12 39.98 33.31
CB MSE H 244 -5.52 36.90 32.65
CG MSE H 244 -5.57 37.20 31.16
SE MSE H 244 -3.85 37.34 30.23
CE MSE H 244 -2.90 35.87 31.06
MN MN I . -24.35 6.37 -18.23
MN MN J . 19.82 -1.82 -23.91
MN MN K . 19.56 23.41 -5.59
MN MN L . -20.82 -22.02 -6.00
MN MN M . 23.50 -20.02 1.25
MN MN N . -19.24 -9.56 22.63
MN MN O . 23.63 5.23 19.61
MN MN P . -22.43 18.94 10.21
#